data_8OPQ
#
_entry.id   8OPQ
#
_cell.length_a   1.00
_cell.length_b   1.00
_cell.length_c   1.00
_cell.angle_alpha   90.00
_cell.angle_beta   90.00
_cell.angle_gamma   90.00
#
_symmetry.space_group_name_H-M   'P 1'
#
loop_
_entity.id
_entity.type
_entity.pdbx_description
1 polymer 'Solute carrier family 26 member 6'
2 non-polymer 'CHLORIDE ION'
#
_entity_poly.entity_id   1
_entity_poly.type   'polypeptide(L)'
_entity_poly.pdbx_seq_one_letter_code
;MSGLADASGPRDTQALLSATQAMDLRRRDYHMERPLLNQEHLEELGRWGSAPRTHQWRTWLQCSRARAYALLLQHLPVLV
WLPRYPVRDWLLGDLLSGLSVAIMQLPQGLAYALLAGLPPVFGLYSSFYPVFIYFLFGTSRHISVGTFAVMSVMVGSVTE
SLAPQALNDSMINETARDAARVQVASTLSVLVGLFQVGLGLIHFGFVVTYLSEPLVRGYTTAAAVQVFVSQLKYVFGLHL
SSHSGPLSLIYTVLEVCWKLPQSKVGTVVTAAVAGVVLVVVKLLNDKLQQQLPMPIPGELLTLIGATGISYGMGLKHRFE
VDVVGNIPAGLVPPVAPNTQLFSKLVGSAFTIAVVGFAIAISLGKIFALRHGYRVDSNQELVALGLSNLIGGIFQCFPVS
CSMSRSLVQESTGGNSQVAGAISSLFILLIIVKLGELFHDLPKAVLAAIIIVNLKGMLRQLSDMRSLWKANRADLLIWLV
TFTATILLNLDLGLVVAVIFSLLLVVVRTQMPHYSVLGQVPDTDIYRDVAEYSEAKEVRGVKVFRSSATVYFANAEFYSD
ALKQRCGVDVDFLISQKKKLLKKQEQLKLKQLQKEEKLRKQAASPKGASVSINVNTSLEDMRSNNVEDCKMMVSSGDKME
DATANGQEDSKAPDGSTLKALGLPQPDFHSLILDLGALSFVDTVCLKSLKNIFHDFREIEVEVYMAACHSPVVSQLEAGH
FFDASITKKHLFASVHDAVTFALQHPRPVPDSPVSVTRLALEVLFQ
;
_entity_poly.pdbx_strand_id   A,B
#
loop_
_chem_comp.id
_chem_comp.type
_chem_comp.name
_chem_comp.formula
CL non-polymer 'CHLORIDE ION' 'Cl -1'
#
# COMPACT_ATOMS: atom_id res chain seq x y z
N ASP A 29 15.32 -43.00 3.68
CA ASP A 29 14.93 -43.60 2.40
C ASP A 29 13.50 -43.27 2.06
N TYR A 30 12.99 -43.88 0.98
CA TYR A 30 11.62 -43.66 0.54
C TYR A 30 11.03 -44.99 0.10
N HIS A 31 9.80 -45.27 0.54
CA HIS A 31 9.10 -46.48 0.14
C HIS A 31 7.63 -46.19 -0.13
N MET A 32 7.31 -44.96 -0.52
CA MET A 32 5.93 -44.53 -0.70
C MET A 32 5.39 -45.10 -2.01
N GLU A 33 4.59 -46.16 -1.90
CA GLU A 33 3.91 -46.75 -3.04
C GLU A 33 2.41 -46.62 -2.82
N ARG A 34 1.72 -45.98 -3.76
CA ARG A 34 0.30 -45.70 -3.63
C ARG A 34 -0.28 -45.47 -5.01
N PRO A 35 -1.59 -45.67 -5.18
CA PRO A 35 -2.23 -45.30 -6.44
C PRO A 35 -2.22 -43.79 -6.63
N LEU A 36 -2.35 -43.39 -7.90
CA LEU A 36 -2.35 -41.97 -8.24
C LEU A 36 -3.47 -41.25 -7.52
N LEU A 37 -3.14 -40.13 -6.88
CA LEU A 37 -4.07 -39.37 -6.06
C LEU A 37 -4.32 -38.00 -6.68
N ASN A 38 -5.58 -37.72 -7.00
CA ASN A 38 -6.01 -36.40 -7.42
C ASN A 38 -6.74 -35.72 -6.27
N GLN A 39 -7.34 -34.57 -6.53
CA GLN A 39 -8.08 -33.87 -5.48
C GLN A 39 -9.28 -34.68 -5.02
N GLU A 40 -10.01 -35.30 -5.95
CA GLU A 40 -11.18 -36.09 -5.58
C GLU A 40 -10.77 -37.30 -4.75
N HIS A 41 -9.72 -38.00 -5.20
CA HIS A 41 -9.18 -39.14 -4.41
C HIS A 41 -8.78 -38.64 -3.03
N LEU A 42 -8.03 -37.53 -2.98
CA LEU A 42 -7.55 -37.02 -1.70
C LEU A 42 -8.69 -36.72 -0.76
N GLU A 43 -9.78 -36.14 -1.29
CA GLU A 43 -10.97 -35.91 -0.46
C GLU A 43 -11.59 -37.22 0.00
N GLU A 44 -11.63 -38.22 -0.89
CA GLU A 44 -12.18 -39.51 -0.53
C GLU A 44 -11.39 -40.17 0.59
N LEU A 45 -10.06 -40.08 0.51
CA LEU A 45 -9.18 -40.72 1.48
C LEU A 45 -8.92 -39.86 2.71
N GLY A 46 -9.37 -38.60 2.72
CA GLY A 46 -9.13 -37.72 3.83
C GLY A 46 -10.39 -37.26 4.54
N ARG A 47 -11.55 -37.51 3.92
CA ARG A 47 -12.86 -37.16 4.48
C ARG A 47 -12.94 -35.65 4.75
N TRP A 48 -12.88 -34.90 3.66
CA TRP A 48 -12.95 -33.45 3.74
C TRP A 48 -14.22 -32.99 4.45
N GLY A 49 -14.06 -32.09 5.42
CA GLY A 49 -15.18 -31.57 6.17
C GLY A 49 -14.90 -30.16 6.64
N SER A 50 -15.99 -29.43 6.91
CA SER A 50 -15.87 -28.05 7.36
C SER A 50 -15.38 -27.98 8.81
N CYS A 63 -20.86 -14.44 30.59
CA CYS A 63 -20.22 -13.11 30.82
C CYS A 63 -20.50 -12.63 32.24
N SER A 64 -20.89 -11.37 32.38
CA SER A 64 -21.32 -10.86 33.70
C SER A 64 -20.15 -10.71 34.67
N ARG A 65 -20.23 -11.34 35.84
CA ARG A 65 -19.22 -11.12 36.91
C ARG A 65 -17.82 -11.45 36.37
N ALA A 66 -17.57 -12.74 36.10
CA ALA A 66 -16.22 -13.21 35.67
C ALA A 66 -15.68 -12.28 34.58
N ARG A 67 -16.32 -12.25 33.42
CA ARG A 67 -15.80 -11.35 32.35
C ARG A 67 -15.47 -10.00 32.97
N ALA A 68 -16.48 -9.31 33.48
CA ALA A 68 -16.24 -7.94 33.93
C ALA A 68 -14.97 -7.85 34.78
N TYR A 69 -14.80 -8.80 35.71
CA TYR A 69 -13.60 -8.78 36.54
C TYR A 69 -12.34 -9.04 35.73
N ALA A 70 -12.44 -9.96 34.75
CA ALA A 70 -11.28 -10.21 33.88
C ALA A 70 -10.90 -8.97 33.09
N LEU A 71 -11.89 -8.26 32.54
CA LEU A 71 -11.61 -7.04 31.79
C LEU A 71 -11.02 -5.97 32.69
N LEU A 72 -11.57 -5.82 33.89
CA LEU A 72 -11.04 -4.81 34.85
C LEU A 72 -9.59 -5.16 35.18
N LEU A 73 -9.30 -6.45 35.43
CA LEU A 73 -7.93 -6.88 35.82
C LEU A 73 -6.97 -6.62 34.66
N GLN A 74 -7.36 -6.99 33.43
CA GLN A 74 -6.44 -6.83 32.31
C GLN A 74 -6.25 -5.37 31.94
N HIS A 75 -7.24 -4.51 32.22
CA HIS A 75 -7.07 -3.09 32.01
C HIS A 75 -6.19 -2.46 33.08
N LEU A 76 -6.18 -3.03 34.29
CA LEU A 76 -5.42 -2.50 35.42
C LEU A 76 -4.51 -3.60 35.94
N PRO A 77 -3.30 -3.75 35.38
CA PRO A 77 -2.36 -4.75 35.90
C PRO A 77 -1.92 -4.48 37.32
N VAL A 78 -2.05 -3.24 37.80
CA VAL A 78 -1.56 -2.88 39.13
C VAL A 78 -2.22 -3.75 40.19
N LEU A 79 -3.53 -3.98 40.07
CA LEU A 79 -4.23 -4.77 41.06
C LEU A 79 -3.72 -6.20 41.14
N VAL A 80 -2.95 -6.62 40.14
CA VAL A 80 -2.46 -8.02 40.08
C VAL A 80 -0.97 -8.07 40.44
N TRP A 81 -0.20 -7.02 40.13
CA TRP A 81 1.24 -7.10 40.37
C TRP A 81 1.71 -6.31 41.57
N LEU A 82 0.90 -5.40 42.11
CA LEU A 82 1.29 -4.65 43.31
C LEU A 82 1.06 -5.46 44.58
N PRO A 83 -0.10 -6.11 44.78
CA PRO A 83 -0.28 -6.90 46.01
C PRO A 83 0.72 -8.02 46.18
N ARG A 84 1.20 -8.63 45.09
CA ARG A 84 2.19 -9.69 45.15
C ARG A 84 3.61 -9.17 44.94
N TYR A 85 3.88 -7.94 45.31
CA TYR A 85 5.20 -7.36 45.14
C TYR A 85 6.13 -7.83 46.25
N PRO A 86 7.24 -8.50 45.93
CA PRO A 86 8.19 -8.89 46.97
C PRO A 86 8.99 -7.70 47.49
N VAL A 87 8.70 -7.28 48.72
CA VAL A 87 9.35 -6.08 49.26
C VAL A 87 10.84 -6.32 49.44
N ARG A 88 11.21 -7.42 50.08
CA ARG A 88 12.61 -7.66 50.42
C ARG A 88 13.47 -7.83 49.18
N ASP A 89 12.94 -8.51 48.16
CA ASP A 89 13.73 -8.86 47.00
C ASP A 89 13.94 -7.66 46.07
N TRP A 90 12.95 -6.77 45.96
CA TRP A 90 12.94 -5.77 44.91
C TRP A 90 12.87 -4.32 45.38
N LEU A 91 12.56 -4.08 46.65
CA LEU A 91 12.33 -2.69 47.11
C LEU A 91 13.60 -1.87 46.84
N LEU A 92 14.72 -2.28 47.45
CA LEU A 92 15.95 -1.49 47.37
C LEU A 92 16.37 -1.27 45.92
N GLY A 93 16.28 -2.32 45.10
CA GLY A 93 16.63 -2.18 43.70
C GLY A 93 15.74 -1.19 42.98
N ASP A 94 14.43 -1.25 43.25
CA ASP A 94 13.51 -0.31 42.63
C ASP A 94 13.77 1.11 43.11
N LEU A 95 14.09 1.28 44.39
CA LEU A 95 14.38 2.62 44.90
C LEU A 95 15.60 3.21 44.21
N LEU A 96 16.68 2.43 44.11
CA LEU A 96 17.88 2.91 43.45
C LEU A 96 17.63 3.19 41.97
N SER A 97 16.88 2.31 41.30
CA SER A 97 16.59 2.50 39.89
C SER A 97 15.75 3.75 39.67
N GLY A 98 14.75 3.98 40.52
CA GLY A 98 13.95 5.17 40.40
C GLY A 98 14.74 6.44 40.68
N LEU A 99 15.66 6.37 41.64
CA LEU A 99 16.54 7.51 41.89
C LEU A 99 17.36 7.85 40.65
N SER A 100 17.96 6.82 40.03
CA SER A 100 18.76 7.06 38.84
C SER A 100 17.91 7.57 37.69
N VAL A 101 16.70 7.02 37.52
CA VAL A 101 15.82 7.45 36.43
C VAL A 101 15.40 8.89 36.63
N ALA A 102 15.08 9.28 37.86
CA ALA A 102 14.74 10.68 38.12
C ALA A 102 15.93 11.60 37.89
N ILE A 103 17.11 11.13 38.31
CA ILE A 103 18.36 11.92 38.11
C ILE A 103 18.52 12.19 36.61
N MET A 104 18.31 11.17 35.78
CA MET A 104 18.49 11.34 34.34
C MET A 104 17.35 12.13 33.71
N GLN A 105 16.14 12.01 34.26
CA GLN A 105 14.98 12.69 33.69
C GLN A 105 14.96 14.18 33.99
N LEU A 106 15.57 14.61 35.11
CA LEU A 106 15.56 16.03 35.44
C LEU A 106 16.17 16.90 34.35
N PRO A 107 17.36 16.60 33.79
CA PRO A 107 17.86 17.44 32.68
C PRO A 107 17.26 17.10 31.34
N GLN A 108 16.93 15.82 31.13
CA GLN A 108 16.35 15.40 29.86
C GLN A 108 14.98 16.03 29.65
N GLY A 109 14.17 16.11 30.71
CA GLY A 109 12.87 16.74 30.58
C GLY A 109 12.98 18.19 30.18
N LEU A 110 13.89 18.93 30.83
CA LEU A 110 14.08 20.34 30.49
C LEU A 110 14.60 20.49 29.06
N ALA A 111 15.56 19.66 28.66
CA ALA A 111 16.12 19.76 27.32
C ALA A 111 15.06 19.48 26.26
N TYR A 112 14.24 18.46 26.48
CA TYR A 112 13.22 18.12 25.47
C TYR A 112 12.08 19.12 25.49
N ALA A 113 11.78 19.73 26.64
CA ALA A 113 10.82 20.83 26.66
C ALA A 113 11.34 22.02 25.88
N LEU A 114 12.63 22.33 26.01
CA LEU A 114 13.23 23.38 25.20
C LEU A 114 13.18 23.04 23.73
N LEU A 115 13.43 21.77 23.39
CA LEU A 115 13.33 21.34 21.99
C LEU A 115 11.91 21.53 21.46
N ALA A 116 10.90 21.18 22.26
CA ALA A 116 9.51 21.32 21.85
C ALA A 116 9.07 22.77 21.74
N GLY A 117 9.88 23.73 22.23
CA GLY A 117 9.53 25.12 22.20
C GLY A 117 8.83 25.63 23.44
N LEU A 118 8.31 24.71 24.27
CA LEU A 118 7.65 25.10 25.50
C LEU A 118 8.68 25.57 26.52
N PRO A 119 8.26 26.34 27.53
CA PRO A 119 9.17 26.65 28.62
C PRO A 119 9.60 25.38 29.33
N PRO A 120 10.81 25.35 29.88
CA PRO A 120 11.35 24.09 30.41
C PRO A 120 10.51 23.46 31.51
N VAL A 121 9.83 24.27 32.33
CA VAL A 121 9.15 23.75 33.51
C VAL A 121 8.14 22.68 33.13
N PHE A 122 7.39 22.90 32.04
CA PHE A 122 6.37 21.94 31.63
C PHE A 122 6.97 20.57 31.37
N GLY A 123 8.22 20.52 30.91
CA GLY A 123 8.87 19.22 30.72
C GLY A 123 8.89 18.41 31.99
N LEU A 124 9.24 19.05 33.12
CA LEU A 124 9.21 18.35 34.41
C LEU A 124 7.83 17.78 34.67
N TYR A 125 6.78 18.52 34.32
CA TYR A 125 5.42 18.01 34.51
C TYR A 125 5.24 16.66 33.84
N SER A 126 5.78 16.51 32.62
CA SER A 126 5.74 15.20 31.98
C SER A 126 6.37 14.15 32.87
N SER A 127 7.60 14.39 33.31
CA SER A 127 8.31 13.44 34.16
C SER A 127 7.55 13.09 35.42
N PHE A 128 6.37 13.71 35.59
CA PHE A 128 5.57 13.47 36.81
C PHE A 128 4.14 13.04 36.50
N TYR A 129 3.59 13.38 35.34
CA TYR A 129 2.17 13.04 35.19
C TYR A 129 1.94 11.73 34.44
N PRO A 130 2.43 11.56 33.20
CA PRO A 130 2.26 10.25 32.56
C PRO A 130 2.89 9.10 33.33
N VAL A 131 4.07 9.32 33.92
CA VAL A 131 4.84 8.22 34.51
C VAL A 131 4.02 7.53 35.60
N PHE A 132 3.48 8.32 36.53
CA PHE A 132 2.66 7.74 37.59
C PHE A 132 1.45 7.02 37.00
N ILE A 133 0.85 7.60 35.96
CA ILE A 133 -0.28 6.94 35.30
C ILE A 133 0.17 5.61 34.70
N TYR A 134 1.37 5.58 34.12
CA TYR A 134 1.90 4.33 33.60
C TYR A 134 2.16 3.32 34.72
N PHE A 135 2.32 3.80 35.95
CA PHE A 135 2.44 2.90 37.09
C PHE A 135 1.15 2.12 37.35
N LEU A 136 0.01 2.63 36.87
CA LEU A 136 -1.28 2.00 37.11
C LEU A 136 -1.73 1.10 35.96
N PHE A 137 -1.49 1.49 34.71
CA PHE A 137 -1.96 0.74 33.56
C PHE A 137 -0.83 0.06 32.78
N GLY A 138 0.39 0.09 33.30
CA GLY A 138 1.53 -0.41 32.55
C GLY A 138 1.70 -1.92 32.69
N THR A 139 2.17 -2.55 31.62
CA THR A 139 2.48 -3.97 31.61
C THR A 139 3.97 -4.27 31.52
N SER A 140 4.75 -3.32 31.01
CA SER A 140 6.23 -3.51 30.97
C SER A 140 6.82 -2.96 32.27
N ARG A 141 7.69 -3.73 32.93
CA ARG A 141 8.27 -3.30 34.22
C ARG A 141 9.58 -2.53 33.98
N HIS A 142 10.21 -2.74 32.82
CA HIS A 142 11.59 -2.35 32.61
C HIS A 142 11.74 -1.22 31.58
N ILE A 143 10.70 -0.42 31.37
CA ILE A 143 10.78 0.75 30.51
C ILE A 143 10.30 1.97 31.29
N SER A 144 10.94 3.10 31.06
CA SER A 144 10.59 4.36 31.74
C SER A 144 9.90 5.27 30.74
N VAL A 145 8.68 5.67 31.06
CA VAL A 145 7.90 6.54 30.18
C VAL A 145 8.26 7.99 30.48
N GLY A 146 8.53 8.76 29.43
CA GLY A 146 8.89 10.15 29.60
C GLY A 146 9.11 10.89 28.30
N THR A 147 9.97 11.89 28.31
CA THR A 147 10.21 12.73 27.14
C THR A 147 11.19 12.04 26.20
N PHE A 148 10.81 11.95 24.93
CA PHE A 148 11.63 11.33 23.90
C PHE A 148 11.97 12.38 22.84
N ALA A 149 13.15 12.23 22.23
CA ALA A 149 13.64 13.22 21.28
C ALA A 149 12.73 13.33 20.05
N VAL A 150 12.27 12.20 19.52
CA VAL A 150 11.45 12.22 18.32
C VAL A 150 10.09 12.86 18.62
N MET A 151 9.46 12.44 19.71
CA MET A 151 8.18 13.05 20.10
C MET A 151 8.35 14.53 20.38
N SER A 152 9.45 14.90 21.05
CA SER A 152 9.68 16.31 21.36
C SER A 152 9.86 17.13 20.09
N VAL A 153 10.60 16.60 19.11
CA VAL A 153 10.82 17.36 17.88
C VAL A 153 9.52 17.46 17.08
N MET A 154 8.67 16.44 17.17
CA MET A 154 7.37 16.46 16.45
C MET A 154 6.45 17.48 17.11
N VAL A 155 6.48 17.60 18.45
CA VAL A 155 5.70 18.61 19.16
C VAL A 155 6.25 20.00 18.88
N GLY A 156 7.58 20.12 18.78
CA GLY A 156 8.17 21.41 18.45
C GLY A 156 7.79 21.89 17.07
N SER A 157 7.78 20.98 16.09
CA SER A 157 7.34 21.35 14.75
C SER A 157 5.88 21.79 14.75
N VAL A 158 5.04 21.09 15.51
CA VAL A 158 3.62 21.46 15.60
C VAL A 158 3.48 22.85 16.21
N THR A 159 4.20 23.10 17.30
CA THR A 159 4.10 24.40 17.98
C THR A 159 4.61 25.53 17.09
N GLU A 160 5.70 25.29 16.36
CA GLU A 160 6.20 26.32 15.44
C GLU A 160 5.19 26.57 14.32
N SER A 161 4.54 25.50 13.84
CA SER A 161 3.53 25.67 12.80
C SER A 161 2.34 26.50 13.30
N LEU A 162 1.87 26.23 14.51
CA LEU A 162 0.71 26.91 15.06
C LEU A 162 1.06 28.11 15.93
N ALA A 163 2.35 28.43 16.07
CA ALA A 163 2.77 29.61 16.82
C ALA A 163 4.16 30.02 16.39
N PRO A 164 4.31 30.64 15.21
CA PRO A 164 5.64 30.99 14.73
C PRO A 164 6.32 32.03 15.61
N GLN A 165 7.65 31.95 15.69
CA GLN A 165 8.43 32.92 16.43
C GLN A 165 8.53 34.20 15.61
N ALA A 166 8.22 35.33 16.25
CA ALA A 166 8.22 36.64 15.59
C ALA A 166 9.22 37.54 16.29
N LEU A 167 10.13 38.12 15.51
CA LEU A 167 11.14 39.01 16.06
C LEU A 167 10.65 40.45 16.20
N ASN A 168 9.52 40.79 15.56
CA ASN A 168 9.04 42.17 15.59
C ASN A 168 8.63 42.58 17.01
N ASP A 169 7.84 41.76 17.67
CA ASP A 169 7.39 42.01 19.03
C ASP A 169 8.13 41.06 19.98
N SER A 170 8.65 41.59 21.07
CA SER A 170 9.64 40.89 21.88
C SER A 170 9.05 40.23 23.12
N MET A 171 8.53 41.01 24.08
CA MET A 171 8.25 40.47 25.42
C MET A 171 6.83 39.96 25.57
N ILE A 172 5.84 40.85 25.38
CA ILE A 172 4.45 40.43 25.55
C ILE A 172 4.07 39.39 24.50
N ASN A 173 4.58 39.55 23.27
CA ASN A 173 4.36 38.54 22.26
C ASN A 173 5.01 37.22 22.65
N GLU A 174 6.17 37.28 23.31
CA GLU A 174 6.81 36.06 23.79
C GLU A 174 5.94 35.34 24.82
N THR A 175 5.38 36.09 25.76
CA THR A 175 4.52 35.47 26.77
C THR A 175 3.26 34.88 26.13
N ALA A 176 2.63 35.62 25.22
CA ALA A 176 1.44 35.11 24.55
C ALA A 176 1.77 33.88 23.71
N ARG A 177 2.93 33.89 23.04
CA ARG A 177 3.35 32.76 22.24
C ARG A 177 3.64 31.54 23.11
N ASP A 178 4.24 31.74 24.28
CA ASP A 178 4.46 30.63 25.20
C ASP A 178 3.14 30.04 25.65
N ALA A 179 2.17 30.89 26.00
CA ALA A 179 0.86 30.39 26.40
C ALA A 179 0.19 29.63 25.27
N ALA A 180 0.27 30.15 24.04
CA ALA A 180 -0.33 29.48 22.90
C ALA A 180 0.34 28.14 22.62
N ARG A 181 1.66 28.09 22.72
CA ARG A 181 2.38 26.83 22.52
C ARG A 181 2.01 25.81 23.60
N VAL A 182 1.85 26.26 24.84
CA VAL A 182 1.43 25.36 25.91
C VAL A 182 0.05 24.80 25.62
N GLN A 183 -0.87 25.66 25.19
CA GLN A 183 -2.21 25.18 24.86
C GLN A 183 -2.18 24.19 23.69
N VAL A 184 -1.38 24.49 22.67
CA VAL A 184 -1.28 23.60 21.52
C VAL A 184 -0.71 22.25 21.93
N ALA A 185 0.33 22.25 22.77
CA ALA A 185 0.92 21.00 23.24
C ALA A 185 -0.06 20.21 24.08
N SER A 186 -0.83 20.88 24.94
CA SER A 186 -1.81 20.19 25.76
C SER A 186 -2.91 19.57 24.89
N THR A 187 -3.41 20.31 23.90
CA THR A 187 -4.43 19.78 23.01
C THR A 187 -3.89 18.61 22.19
N LEU A 188 -2.64 18.72 21.73
CA LEU A 188 -2.03 17.64 20.97
C LEU A 188 -1.88 16.39 21.83
N SER A 189 -1.47 16.57 23.09
CA SER A 189 -1.37 15.43 24.01
C SER A 189 -2.72 14.79 24.24
N VAL A 190 -3.76 15.59 24.42
CA VAL A 190 -5.10 15.04 24.63
C VAL A 190 -5.56 14.26 23.42
N LEU A 191 -5.35 14.81 22.22
CA LEU A 191 -5.78 14.13 21.01
C LEU A 191 -5.00 12.85 20.78
N VAL A 192 -3.69 12.87 21.03
CA VAL A 192 -2.86 11.68 20.88
C VAL A 192 -3.30 10.61 21.87
N GLY A 193 -3.59 11.00 23.11
CA GLY A 193 -4.06 10.04 24.08
C GLY A 193 -5.40 9.43 23.71
N LEU A 194 -6.31 10.25 23.20
CA LEU A 194 -7.60 9.72 22.75
C LEU A 194 -7.42 8.75 21.59
N PHE A 195 -6.56 9.10 20.63
CA PHE A 195 -6.30 8.20 19.50
C PHE A 195 -5.73 6.87 19.98
N GLN A 196 -4.76 6.93 20.90
CA GLN A 196 -4.13 5.69 21.37
C GLN A 196 -5.09 4.84 22.18
N VAL A 197 -5.91 5.48 23.03
CA VAL A 197 -6.91 4.72 23.78
C VAL A 197 -7.91 4.07 22.85
N GLY A 198 -8.38 4.81 21.83
CA GLY A 198 -9.31 4.24 20.88
C GLY A 198 -8.72 3.07 20.12
N LEU A 199 -7.46 3.20 19.68
CA LEU A 199 -6.81 2.10 18.98
C LEU A 199 -6.63 0.89 19.89
N GLY A 200 -6.27 1.13 21.15
CA GLY A 200 -6.09 0.02 22.08
C GLY A 200 -7.38 -0.71 22.39
N LEU A 201 -8.48 0.03 22.51
CA LEU A 201 -9.75 -0.61 22.83
C LEU A 201 -10.24 -1.51 21.70
N ILE A 202 -9.97 -1.12 20.45
CA ILE A 202 -10.35 -1.93 19.29
C ILE A 202 -9.25 -2.95 19.04
N HIS A 203 -8.29 -3.03 19.96
CA HIS A 203 -7.18 -3.99 19.89
C HIS A 203 -6.38 -3.83 18.59
N PHE A 204 -6.18 -2.58 18.18
CA PHE A 204 -5.35 -2.29 17.01
C PHE A 204 -3.89 -2.05 17.43
N GLY A 205 -3.37 -3.01 18.19
CA GLY A 205 -1.98 -3.00 18.58
C GLY A 205 -1.03 -3.56 17.55
N PHE A 206 -1.56 -4.05 16.44
CA PHE A 206 -0.75 -4.58 15.35
C PHE A 206 -0.46 -3.53 14.28
N VAL A 207 -0.88 -2.29 14.49
CA VAL A 207 -0.59 -1.22 13.53
C VAL A 207 0.91 -0.95 13.45
N VAL A 208 1.67 -1.35 14.48
CA VAL A 208 3.12 -1.18 14.46
C VAL A 208 3.78 -2.07 13.43
N THR A 209 3.21 -3.23 13.11
CA THR A 209 3.85 -4.17 12.21
C THR A 209 3.95 -3.63 10.79
N TYR A 210 3.16 -2.60 10.44
CA TYR A 210 3.33 -1.95 9.16
C TYR A 210 4.65 -1.18 9.09
N LEU A 211 5.12 -0.67 10.22
CA LEU A 211 6.38 0.06 10.30
C LEU A 211 7.51 -0.94 10.42
N SER A 212 8.16 -1.25 9.29
CA SER A 212 9.27 -2.18 9.30
C SER A 212 10.49 -1.55 9.95
N GLU A 213 11.45 -2.40 10.33
CA GLU A 213 12.65 -1.92 11.00
C GLU A 213 13.44 -0.92 10.17
N PRO A 214 13.70 -1.12 8.87
CA PRO A 214 14.39 -0.07 8.11
C PRO A 214 13.66 1.25 8.11
N LEU A 215 12.32 1.23 8.02
CA LEU A 215 11.56 2.46 8.02
C LEU A 215 11.70 3.20 9.34
N VAL A 216 11.59 2.47 10.45
CA VAL A 216 11.72 3.09 11.77
C VAL A 216 13.13 3.63 11.97
N ARG A 217 14.14 2.88 11.54
CA ARG A 217 15.52 3.33 11.69
C ARG A 217 15.77 4.60 10.88
N GLY A 218 15.30 4.65 9.63
CA GLY A 218 15.45 5.85 8.84
C GLY A 218 14.72 7.03 9.43
N TYR A 219 13.51 6.80 9.94
CA TYR A 219 12.74 7.87 10.57
C TYR A 219 13.46 8.41 11.80
N THR A 220 14.02 7.52 12.62
CA THR A 220 14.73 7.96 13.82
C THR A 220 16.01 8.71 13.46
N THR A 221 16.73 8.26 12.43
CA THR A 221 17.94 8.96 12.02
C THR A 221 17.61 10.36 11.50
N ALA A 222 16.55 10.47 10.69
CA ALA A 222 16.14 11.79 10.20
C ALA A 222 15.64 12.67 11.34
N ALA A 223 14.98 12.08 12.34
CA ALA A 223 14.57 12.86 13.51
C ALA A 223 15.79 13.37 14.27
N ALA A 224 16.83 12.55 14.38
CA ALA A 224 18.06 13.02 15.02
C ALA A 224 18.70 14.15 14.24
N VAL A 225 18.70 14.06 12.90
CA VAL A 225 19.22 15.14 12.08
C VAL A 225 18.41 16.42 12.30
N GLN A 226 17.09 16.26 12.32
CA GLN A 226 16.19 17.42 12.59
C GLN A 226 16.57 18.05 13.93
N VAL A 227 16.71 17.22 14.97
CA VAL A 227 17.00 17.70 16.32
C VAL A 227 18.33 18.45 16.33
N PHE A 228 19.35 17.90 15.66
CA PHE A 228 20.64 18.57 15.60
C PHE A 228 20.53 19.93 14.92
N VAL A 229 19.79 19.99 13.81
CA VAL A 229 19.63 21.26 13.10
C VAL A 229 18.88 22.27 13.97
N SER A 230 17.83 21.82 14.66
CA SER A 230 17.08 22.73 15.53
C SER A 230 17.94 23.25 16.68
N GLN A 231 18.76 22.37 17.28
CA GLN A 231 19.59 22.76 18.40
C GLN A 231 20.83 23.55 17.98
N LEU A 232 21.16 23.56 16.69
CA LEU A 232 22.23 24.45 16.22
C LEU A 232 21.93 25.90 16.57
N LYS A 233 20.65 26.28 16.51
CA LYS A 233 20.28 27.66 16.83
C LYS A 233 20.62 28.01 18.27
N TYR A 234 20.33 27.10 19.21
CA TYR A 234 20.64 27.36 20.61
C TYR A 234 22.13 27.22 20.90
N VAL A 235 22.83 26.35 20.18
CA VAL A 235 24.26 26.19 20.39
C VAL A 235 25.01 27.45 19.94
N PHE A 236 24.70 27.95 18.74
CA PHE A 236 25.38 29.14 18.24
C PHE A 236 24.85 30.41 18.89
N GLY A 237 23.55 30.47 19.17
CA GLY A 237 22.93 31.65 19.72
C GLY A 237 22.23 32.53 18.71
N LEU A 238 22.11 32.07 17.46
CA LEU A 238 21.50 32.87 16.41
C LEU A 238 20.00 33.04 16.64
N HIS A 239 19.47 34.14 16.12
CA HIS A 239 18.03 34.37 16.10
C HIS A 239 17.53 34.07 14.69
N LEU A 240 16.59 33.13 14.59
CA LEU A 240 16.14 32.62 13.30
C LEU A 240 14.62 32.65 13.22
N SER A 241 14.11 32.79 12.00
CA SER A 241 12.68 32.72 11.78
C SER A 241 12.19 31.28 11.88
N SER A 242 10.91 31.13 12.19
CA SER A 242 10.30 29.81 12.35
C SER A 242 9.90 29.27 10.99
N HIS A 243 10.70 28.34 10.46
CA HIS A 243 10.38 27.70 9.20
C HIS A 243 9.37 26.58 9.42
N SER A 244 8.52 26.35 8.41
CA SER A 244 7.49 25.33 8.49
C SER A 244 7.20 24.82 7.09
N GLY A 245 6.59 23.64 7.04
CA GLY A 245 6.25 23.01 5.79
C GLY A 245 7.42 22.26 5.18
N PRO A 246 7.28 21.88 3.91
CA PRO A 246 8.34 21.13 3.24
C PRO A 246 9.62 21.95 3.10
N LEU A 247 10.75 21.24 3.07
CA LEU A 247 12.07 21.85 2.90
C LEU A 247 12.39 22.84 4.02
N SER A 248 11.85 22.61 5.20
CA SER A 248 12.16 23.47 6.34
C SER A 248 13.60 23.27 6.81
N LEU A 249 14.08 22.02 6.78
CA LEU A 249 15.42 21.73 7.26
C LEU A 249 16.48 22.44 6.42
N ILE A 250 16.33 22.41 5.10
CA ILE A 250 17.30 23.05 4.22
C ILE A 250 17.32 24.55 4.46
N TYR A 251 16.15 25.17 4.58
CA TYR A 251 16.09 26.60 4.83
C TYR A 251 16.71 26.95 6.17
N THR A 252 16.46 26.14 7.20
CA THR A 252 17.04 26.40 8.51
C THR A 252 18.57 26.29 8.46
N VAL A 253 19.09 25.27 7.79
CA VAL A 253 20.54 25.11 7.69
C VAL A 253 21.15 26.28 6.92
N LEU A 254 20.50 26.69 5.83
CA LEU A 254 21.01 27.83 5.05
C LEU A 254 21.02 29.11 5.87
N GLU A 255 19.95 29.34 6.65
CA GLU A 255 19.91 30.54 7.48
C GLU A 255 20.97 30.50 8.57
N VAL A 256 21.21 29.31 9.16
CA VAL A 256 22.25 29.19 10.17
C VAL A 256 23.62 29.51 9.56
N CYS A 257 23.88 28.98 8.36
CA CYS A 257 25.15 29.27 7.70
C CYS A 257 25.26 30.74 7.36
N TRP A 258 24.16 31.37 6.93
CA TRP A 258 24.18 32.78 6.57
C TRP A 258 24.47 33.66 7.78
N LYS A 259 23.86 33.34 8.93
CA LYS A 259 24.01 34.14 10.14
C LYS A 259 25.11 33.64 11.07
N LEU A 260 25.91 32.68 10.61
CA LEU A 260 26.99 32.13 11.45
C LEU A 260 27.94 33.17 12.01
N PRO A 261 28.39 34.19 11.27
CA PRO A 261 29.32 35.16 11.87
C PRO A 261 28.77 35.91 13.07
N GLN A 262 27.44 35.95 13.24
CA GLN A 262 26.83 36.64 14.37
C GLN A 262 26.75 35.78 15.62
N SER A 263 27.27 34.55 15.59
CA SER A 263 27.19 33.66 16.74
C SER A 263 27.95 34.24 17.93
N LYS A 264 27.33 34.19 19.10
CA LYS A 264 27.98 34.68 20.31
C LYS A 264 29.10 33.74 20.74
N VAL A 265 30.24 34.31 21.12
CA VAL A 265 31.39 33.49 21.49
C VAL A 265 31.13 32.77 22.80
N GLY A 266 30.51 33.46 23.78
CA GLY A 266 30.29 32.84 25.08
C GLY A 266 29.35 31.64 25.00
N THR A 267 28.28 31.77 24.22
CA THR A 267 27.34 30.66 24.07
C THR A 267 28.00 29.44 23.44
N VAL A 268 28.81 29.67 22.41
CA VAL A 268 29.50 28.56 21.75
C VAL A 268 30.50 27.91 22.71
N VAL A 269 31.23 28.73 23.48
CA VAL A 269 32.18 28.18 24.43
C VAL A 269 31.48 27.34 25.48
N THR A 270 30.36 27.85 26.01
CA THR A 270 29.61 27.10 27.03
C THR A 270 29.07 25.79 26.47
N ALA A 271 28.51 25.83 25.26
CA ALA A 271 28.00 24.61 24.64
C ALA A 271 29.11 23.60 24.40
N ALA A 272 30.27 24.06 23.94
CA ALA A 272 31.39 23.15 23.71
C ALA A 272 31.87 22.53 25.01
N VAL A 273 31.97 23.32 26.07
CA VAL A 273 32.41 22.80 27.36
C VAL A 273 31.41 21.76 27.88
N ALA A 274 30.11 22.06 27.78
CA ALA A 274 29.10 21.12 28.24
C ALA A 274 29.16 19.82 27.44
N GLY A 275 29.31 19.93 26.12
CA GLY A 275 29.40 18.72 25.30
C GLY A 275 30.63 17.89 25.62
N VAL A 276 31.77 18.56 25.83
CA VAL A 276 32.99 17.84 26.18
C VAL A 276 32.82 17.12 27.51
N VAL A 277 32.26 17.81 28.50
CA VAL A 277 32.06 17.19 29.81
C VAL A 277 31.13 15.99 29.70
N LEU A 278 30.03 16.14 28.96
CA LEU A 278 29.08 15.03 28.82
C LEU A 278 29.73 13.84 28.12
N VAL A 279 30.49 14.09 27.04
CA VAL A 279 31.14 13.01 26.32
C VAL A 279 32.16 12.31 27.21
N VAL A 280 32.95 13.08 27.95
CA VAL A 280 33.97 12.47 28.82
C VAL A 280 33.30 11.61 29.89
N VAL A 281 32.25 12.13 30.52
CA VAL A 281 31.58 11.37 31.58
C VAL A 281 30.95 10.12 31.02
N LYS A 282 30.29 10.22 29.85
CA LYS A 282 29.65 9.04 29.28
C LYS A 282 30.67 7.98 28.88
N LEU A 283 31.79 8.40 28.29
CA LEU A 283 32.83 7.43 27.92
C LEU A 283 33.43 6.78 29.16
N LEU A 284 33.68 7.57 30.21
CA LEU A 284 34.21 7.01 31.44
C LEU A 284 33.26 6.00 32.04
N ASN A 285 31.96 6.34 32.10
CA ASN A 285 30.98 5.42 32.65
C ASN A 285 30.88 4.14 31.82
N ASP A 286 30.92 4.26 30.50
CA ASP A 286 30.86 3.08 29.65
C ASP A 286 32.08 2.19 29.84
N LYS A 287 33.25 2.79 30.03
CA LYS A 287 34.49 2.02 30.12
C LYS A 287 34.77 1.45 31.50
N LEU A 288 33.97 1.81 32.51
CA LEU A 288 34.15 1.14 33.84
C LEU A 288 32.76 0.88 34.44
N GLN A 289 31.81 0.47 33.59
CA GLN A 289 30.45 0.22 34.05
C GLN A 289 30.38 -0.88 35.10
N GLN A 290 31.27 -1.88 34.99
CA GLN A 290 31.22 -3.00 35.92
C GLN A 290 31.57 -2.57 37.34
N GLN A 291 32.46 -1.58 37.50
CA GLN A 291 32.90 -1.19 38.82
C GLN A 291 31.80 -0.47 39.60
N LEU A 292 31.13 0.49 38.97
CA LEU A 292 30.10 1.28 39.64
C LEU A 292 28.74 0.64 39.45
N PRO A 293 28.00 0.36 40.52
CA PRO A 293 26.67 -0.25 40.36
C PRO A 293 25.70 0.62 39.57
N MET A 294 25.81 1.95 39.68
CA MET A 294 24.92 2.85 38.98
C MET A 294 25.71 3.83 38.12
N PRO A 295 25.16 4.25 36.99
CA PRO A 295 25.89 5.20 36.12
C PRO A 295 26.11 6.53 36.80
N ILE A 296 27.21 7.18 36.44
CA ILE A 296 27.52 8.50 36.98
C ILE A 296 26.49 9.50 36.48
N PRO A 297 25.89 10.31 37.36
CA PRO A 297 24.89 11.30 36.90
C PRO A 297 25.54 12.41 36.11
N GLY A 298 26.01 12.10 34.90
CA GLY A 298 26.75 13.09 34.12
C GLY A 298 25.90 14.28 33.72
N GLU A 299 24.68 14.03 33.25
CA GLU A 299 23.82 15.13 32.82
C GLU A 299 23.43 16.02 33.99
N LEU A 300 23.08 15.42 35.13
CA LEU A 300 22.73 16.22 36.31
C LEU A 300 23.92 17.03 36.79
N LEU A 301 25.10 16.42 36.84
CA LEU A 301 26.30 17.14 37.26
C LEU A 301 26.60 18.29 36.30
N THR A 302 26.46 18.05 35.00
CA THR A 302 26.67 19.12 34.02
C THR A 302 25.69 20.26 34.23
N LEU A 303 24.42 19.92 34.46
CA LEU A 303 23.40 20.96 34.67
C LEU A 303 23.71 21.78 35.91
N ILE A 304 24.07 21.11 37.01
CA ILE A 304 24.37 21.81 38.26
C ILE A 304 25.60 22.69 38.09
N GLY A 305 26.65 22.17 37.46
CA GLY A 305 27.85 22.95 37.24
C GLY A 305 27.60 24.16 36.35
N ALA A 306 26.82 23.97 35.29
CA ALA A 306 26.49 25.09 34.41
C ALA A 306 25.71 26.16 35.15
N THR A 307 24.72 25.75 35.97
CA THR A 307 23.96 26.72 36.74
C THR A 307 24.85 27.48 37.71
N GLY A 308 25.73 26.76 38.42
CA GLY A 308 26.62 27.41 39.36
C GLY A 308 27.58 28.38 38.69
N ILE A 309 28.15 27.97 37.56
CA ILE A 309 29.07 28.84 36.84
C ILE A 309 28.37 30.07 36.31
N SER A 310 27.15 29.90 35.78
CA SER A 310 26.40 31.04 35.27
C SER A 310 26.04 32.00 36.39
N TYR A 311 25.67 31.47 37.56
CA TYR A 311 25.39 32.33 38.70
C TYR A 311 26.64 33.08 39.15
N GLY A 312 27.77 32.38 39.21
CA GLY A 312 29.01 32.99 39.69
C GLY A 312 29.74 33.85 38.69
N MET A 313 29.31 33.86 37.42
CA MET A 313 29.95 34.67 36.40
C MET A 313 29.03 35.68 35.74
N GLY A 314 27.72 35.61 35.98
CA GLY A 314 26.80 36.54 35.36
C GLY A 314 26.78 36.44 33.85
N LEU A 315 26.67 35.21 33.34
CA LEU A 315 26.74 35.01 31.89
C LEU A 315 25.62 35.75 31.16
N LYS A 316 24.41 35.72 31.72
CA LYS A 316 23.30 36.41 31.07
C LYS A 316 23.52 37.91 31.02
N HIS A 317 23.98 38.50 32.12
CA HIS A 317 24.15 39.95 32.17
C HIS A 317 25.38 40.41 31.39
N ARG A 318 26.50 39.68 31.51
CA ARG A 318 27.76 40.13 30.91
C ARG A 318 27.94 39.62 29.49
N PHE A 319 27.94 38.31 29.31
CA PHE A 319 28.18 37.71 28.01
C PHE A 319 26.92 37.51 27.19
N GLU A 320 25.76 37.87 27.73
CA GLU A 320 24.48 37.78 27.02
C GLU A 320 24.20 36.34 26.57
N VAL A 321 24.48 35.38 27.44
CA VAL A 321 24.18 33.98 27.17
C VAL A 321 22.74 33.70 27.57
N ASP A 322 22.01 33.02 26.69
CA ASP A 322 20.60 32.74 26.93
C ASP A 322 20.42 31.82 28.14
N VAL A 323 19.38 32.07 28.91
CA VAL A 323 19.03 31.26 30.07
C VAL A 323 17.61 30.74 29.90
N VAL A 324 17.28 29.71 30.67
CA VAL A 324 15.97 29.09 30.57
C VAL A 324 14.87 30.06 30.99
N GLY A 325 15.09 30.80 32.08
CA GLY A 325 14.14 31.77 32.57
C GLY A 325 13.63 31.41 33.95
N ASN A 326 12.37 31.78 34.19
CA ASN A 326 11.73 31.56 35.48
C ASN A 326 10.91 30.27 35.43
N ILE A 327 11.12 29.41 36.43
CA ILE A 327 10.42 28.14 36.55
C ILE A 327 9.41 28.28 37.70
N PRO A 328 8.12 28.26 37.42
CA PRO A 328 7.13 28.34 38.52
C PRO A 328 7.18 27.11 39.40
N ALA A 329 6.83 27.31 40.67
CA ALA A 329 6.83 26.24 41.67
C ALA A 329 5.40 25.93 42.06
N GLY A 330 5.02 24.66 41.95
CA GLY A 330 3.70 24.19 42.29
C GLY A 330 3.12 23.36 41.17
N LEU A 331 1.84 23.01 41.31
CA LEU A 331 1.12 22.21 40.33
C LEU A 331 0.08 23.08 39.64
N VAL A 332 0.12 23.11 38.32
CA VAL A 332 -0.82 23.90 37.54
C VAL A 332 -2.18 23.22 37.57
N PRO A 333 -3.27 23.96 37.83
CA PRO A 333 -4.59 23.33 37.81
C PRO A 333 -4.92 22.82 36.42
N PRO A 334 -5.74 21.78 36.33
CA PRO A 334 -6.05 21.21 35.01
C PRO A 334 -6.70 22.22 34.08
N VAL A 335 -6.35 22.14 32.81
CA VAL A 335 -6.89 23.02 31.77
C VAL A 335 -7.52 22.16 30.70
N ALA A 336 -8.77 22.44 30.38
CA ALA A 336 -9.47 21.69 29.35
C ALA A 336 -8.84 21.98 27.98
N PRO A 337 -8.77 20.99 27.11
CA PRO A 337 -8.17 21.22 25.78
C PRO A 337 -9.01 22.19 24.95
N ASN A 338 -8.32 22.94 24.09
CA ASN A 338 -8.98 23.85 23.18
C ASN A 338 -9.39 23.09 21.93
N THR A 339 -10.69 22.82 21.80
CA THR A 339 -11.18 22.03 20.67
C THR A 339 -11.03 22.74 19.34
N GLN A 340 -10.80 24.04 19.36
CA GLN A 340 -10.77 24.80 18.07
C GLN A 340 -9.52 24.42 17.29
N LEU A 341 -8.53 23.85 17.97
CA LEU A 341 -7.30 23.41 17.31
C LEU A 341 -7.37 21.98 16.82
N PHE A 342 -8.46 21.26 17.09
CA PHE A 342 -8.55 19.85 16.70
C PHE A 342 -8.38 19.67 15.20
N SER A 343 -8.87 20.62 14.40
CA SER A 343 -8.68 20.52 12.96
C SER A 343 -7.22 20.62 12.57
N LYS A 344 -6.47 21.49 13.25
CA LYS A 344 -5.07 21.72 12.87
C LYS A 344 -4.17 20.57 13.31
N LEU A 345 -4.45 19.99 14.49
CA LEU A 345 -3.52 19.04 15.08
C LEU A 345 -3.75 17.61 14.62
N VAL A 346 -4.97 17.26 14.20
CA VAL A 346 -5.32 15.87 13.98
C VAL A 346 -4.39 15.22 12.96
N GLY A 347 -4.11 15.92 11.86
CA GLY A 347 -3.23 15.37 10.84
C GLY A 347 -1.86 15.03 11.39
N SER A 348 -1.35 15.85 12.31
CA SER A 348 -0.08 15.59 12.96
C SER A 348 -0.24 14.89 14.30
N ALA A 349 -1.47 14.60 14.74
CA ALA A 349 -1.66 13.96 16.03
C ALA A 349 -1.50 12.45 15.91
N PHE A 350 -2.36 11.81 15.11
CA PHE A 350 -2.36 10.35 14.98
C PHE A 350 -0.96 9.84 14.66
N THR A 351 -0.33 10.42 13.65
CA THR A 351 1.05 10.09 13.31
C THR A 351 1.92 9.99 14.55
N ILE A 352 1.97 11.09 15.32
CA ILE A 352 2.82 11.12 16.52
C ILE A 352 2.49 9.93 17.41
N ALA A 353 1.19 9.74 17.67
CA ALA A 353 0.76 8.63 18.49
C ALA A 353 1.40 7.33 18.03
N VAL A 354 1.19 7.01 16.74
CA VAL A 354 1.70 5.74 16.22
C VAL A 354 3.19 5.64 16.49
N VAL A 355 3.93 6.70 16.16
CA VAL A 355 5.37 6.66 16.32
C VAL A 355 5.73 6.30 17.75
N GLY A 356 5.13 7.02 18.71
CA GLY A 356 5.42 6.72 20.10
C GLY A 356 5.14 5.27 20.42
N PHE A 357 3.91 4.85 20.11
CA PHE A 357 3.51 3.44 20.32
C PHE A 357 4.60 2.52 19.78
N ALA A 358 5.01 2.71 18.51
CA ALA A 358 6.03 1.87 17.91
C ALA A 358 7.22 1.72 18.82
N ILE A 359 7.84 2.86 19.18
CA ILE A 359 9.05 2.82 19.99
C ILE A 359 8.76 2.05 21.28
N ALA A 360 7.65 2.40 21.94
CA ALA A 360 7.32 1.77 23.21
C ALA A 360 7.32 0.26 23.04
N ILE A 361 6.57 -0.23 22.05
CA ILE A 361 6.43 -1.67 21.89
C ILE A 361 7.81 -2.29 21.75
N SER A 362 8.65 -1.71 20.90
CA SER A 362 9.97 -2.29 20.66
C SER A 362 10.69 -2.50 21.99
N LEU A 363 10.79 -1.43 22.78
CA LEU A 363 11.53 -1.53 24.03
C LEU A 363 10.95 -2.64 24.88
N GLY A 364 9.62 -2.63 25.06
CA GLY A 364 9.02 -3.64 25.91
C GLY A 364 9.36 -5.04 25.43
N LYS A 365 9.21 -5.26 24.12
CA LYS A 365 9.45 -6.60 23.59
C LYS A 365 10.90 -7.00 23.84
N ILE A 366 11.84 -6.07 23.64
CA ILE A 366 13.23 -6.39 23.91
C ILE A 366 13.39 -6.83 25.35
N PHE A 367 12.88 -6.04 26.28
CA PHE A 367 13.04 -6.39 27.68
C PHE A 367 12.24 -7.64 28.01
N ALA A 368 11.15 -7.90 27.27
CA ALA A 368 10.46 -9.17 27.41
C ALA A 368 11.42 -10.33 27.19
N LEU A 369 12.16 -10.28 26.06
CA LEU A 369 13.10 -11.34 25.75
C LEU A 369 14.24 -11.40 26.76
N ARG A 370 14.40 -10.36 27.59
CA ARG A 370 15.45 -10.38 28.59
C ARG A 370 14.94 -10.80 29.97
N HIS A 371 13.62 -10.92 30.16
CA HIS A 371 13.12 -11.29 31.47
C HIS A 371 11.96 -12.28 31.45
N GLY A 372 11.63 -12.85 30.29
CA GLY A 372 10.67 -13.93 30.21
C GLY A 372 9.26 -13.61 30.66
N TYR A 373 8.71 -12.47 30.22
CA TYR A 373 7.32 -12.13 30.45
C TYR A 373 6.75 -11.54 29.18
N ARG A 374 5.42 -11.56 29.07
CA ARG A 374 4.72 -11.10 27.89
C ARG A 374 4.17 -9.69 28.12
N VAL A 375 4.41 -8.81 27.15
CA VAL A 375 3.94 -7.43 27.21
C VAL A 375 2.80 -7.30 26.20
N ASP A 376 1.60 -7.00 26.69
CA ASP A 376 0.43 -6.90 25.82
C ASP A 376 0.48 -5.59 25.05
N SER A 377 0.43 -5.69 23.72
CA SER A 377 0.50 -4.49 22.88
C SER A 377 -0.71 -3.60 23.08
N ASN A 378 -1.91 -4.18 23.15
CA ASN A 378 -3.11 -3.38 23.31
C ASN A 378 -3.13 -2.67 24.67
N GLN A 379 -2.74 -3.37 25.72
CA GLN A 379 -2.71 -2.74 27.04
C GLN A 379 -1.63 -1.66 27.11
N GLU A 380 -0.49 -1.88 26.45
CA GLU A 380 0.53 -0.84 26.38
C GLU A 380 0.00 0.40 25.66
N LEU A 381 -0.72 0.20 24.55
CA LEU A 381 -1.30 1.33 23.83
C LEU A 381 -2.30 2.07 24.69
N VAL A 382 -3.14 1.33 25.42
CA VAL A 382 -4.13 1.97 26.30
C VAL A 382 -3.43 2.76 27.40
N ALA A 383 -2.38 2.18 27.99
CA ALA A 383 -1.65 2.85 29.06
C ALA A 383 -1.01 4.13 28.56
N LEU A 384 -0.35 4.07 27.41
CA LEU A 384 0.28 5.26 26.85
C LEU A 384 -0.77 6.32 26.50
N GLY A 385 -1.90 5.90 25.95
CA GLY A 385 -2.96 6.86 25.65
C GLY A 385 -3.51 7.53 26.88
N LEU A 386 -3.75 6.75 27.94
CA LEU A 386 -4.25 7.34 29.19
C LEU A 386 -3.22 8.29 29.79
N SER A 387 -1.94 7.92 29.73
CA SER A 387 -0.89 8.80 30.24
C SER A 387 -0.86 10.11 29.47
N ASN A 388 -0.92 10.03 28.15
CA ASN A 388 -0.91 11.25 27.33
C ASN A 388 -2.14 12.10 27.59
N LEU A 389 -3.30 11.47 27.73
CA LEU A 389 -4.54 12.21 27.98
C LEU A 389 -4.49 12.94 29.33
N ILE A 390 -4.05 12.24 30.37
CA ILE A 390 -3.99 12.85 31.69
C ILE A 390 -2.93 13.94 31.72
N GLY A 391 -1.82 13.75 30.99
CA GLY A 391 -0.85 14.81 30.88
C GLY A 391 -1.39 16.04 30.17
N GLY A 392 -2.10 15.83 29.07
CA GLY A 392 -2.70 16.95 28.36
C GLY A 392 -3.73 17.69 29.19
N ILE A 393 -4.47 16.97 30.03
CA ILE A 393 -5.36 17.63 30.97
C ILE A 393 -4.57 18.45 31.98
N PHE A 394 -3.41 17.96 32.37
CA PHE A 394 -2.58 18.60 33.40
C PHE A 394 -1.38 19.32 32.82
N GLN A 395 -1.53 19.97 31.66
CA GLN A 395 -0.51 20.84 31.08
C GLN A 395 0.79 20.09 30.78
N CYS A 396 0.72 19.12 29.87
CA CYS A 396 1.87 18.34 29.46
C CYS A 396 1.83 18.13 27.94
N PHE A 397 2.85 17.48 27.42
CA PHE A 397 3.02 17.22 26.00
C PHE A 397 3.32 15.75 25.78
N PRO A 398 3.08 15.23 24.58
CA PRO A 398 3.15 13.78 24.37
C PRO A 398 4.48 13.18 24.79
N VAL A 399 4.41 11.97 25.36
CA VAL A 399 5.55 11.30 25.95
C VAL A 399 5.68 9.90 25.35
N SER A 400 6.86 9.32 25.54
CA SER A 400 7.16 7.97 25.08
C SER A 400 8.17 7.36 26.03
N CYS A 401 8.85 6.29 25.61
CA CYS A 401 9.89 5.67 26.41
C CYS A 401 11.25 5.91 25.77
N SER A 402 12.27 6.05 26.61
CA SER A 402 13.63 6.34 26.16
C SER A 402 14.49 5.09 26.30
N MET A 403 15.30 4.82 25.28
CA MET A 403 16.12 3.61 25.29
C MET A 403 17.22 3.68 26.34
N SER A 404 17.97 4.79 26.37
CA SER A 404 19.06 4.93 27.32
C SER A 404 18.55 4.93 28.76
N ARG A 405 17.45 5.63 29.00
CA ARG A 405 16.85 5.68 30.34
C ARG A 405 16.39 4.29 30.77
N SER A 406 15.77 3.54 29.86
CA SER A 406 15.33 2.19 30.20
C SER A 406 16.51 1.27 30.48
N LEU A 407 17.59 1.42 29.69
CA LEU A 407 18.79 0.62 29.95
C LEU A 407 19.39 0.93 31.31
N VAL A 408 19.43 2.22 31.67
CA VAL A 408 19.94 2.60 32.99
C VAL A 408 19.05 2.05 34.09
N GLN A 409 17.73 2.11 33.89
CA GLN A 409 16.81 1.55 34.88
C GLN A 409 17.04 0.05 35.05
N GLU A 410 17.23 -0.67 33.95
CA GLU A 410 17.52 -2.10 34.03
C GLU A 410 18.84 -2.36 34.75
N SER A 411 19.88 -1.59 34.42
CA SER A 411 21.20 -1.85 34.97
C SER A 411 21.25 -1.54 36.46
N THR A 412 20.59 -0.47 36.90
CA THR A 412 20.62 -0.10 38.31
C THR A 412 19.97 -1.13 39.21
N GLY A 413 19.13 -2.00 38.67
CA GLY A 413 18.52 -3.05 39.46
C GLY A 413 17.01 -2.94 39.57
N GLY A 414 16.38 -2.34 38.57
CA GLY A 414 14.92 -2.23 38.57
C GLY A 414 14.27 -3.54 38.15
N ASN A 415 13.15 -3.84 38.80
CA ASN A 415 12.40 -5.06 38.51
C ASN A 415 10.90 -4.85 38.44
N SER A 416 10.42 -3.62 38.60
CA SER A 416 8.98 -3.34 38.54
C SER A 416 8.79 -1.87 38.17
N GLN A 417 7.55 -1.53 37.87
CA GLN A 417 7.21 -0.14 37.58
C GLN A 417 7.23 0.75 38.82
N VAL A 418 7.28 0.16 40.01
CA VAL A 418 7.36 0.95 41.24
C VAL A 418 8.54 1.90 41.18
N ALA A 419 9.68 1.41 40.68
CA ALA A 419 10.85 2.26 40.50
C ALA A 419 10.48 3.52 39.72
N GLY A 420 9.82 3.33 38.56
CA GLY A 420 9.38 4.48 37.79
C GLY A 420 8.49 5.40 38.60
N ALA A 421 7.56 4.84 39.35
CA ALA A 421 6.71 5.65 40.22
C ALA A 421 7.56 6.45 41.18
N ILE A 422 8.57 5.81 41.79
CA ILE A 422 9.46 6.52 42.69
C ILE A 422 10.09 7.70 41.97
N SER A 423 10.51 7.49 40.72
CA SER A 423 11.09 8.58 39.94
C SER A 423 10.13 9.76 39.90
N SER A 424 8.85 9.50 39.61
CA SER A 424 7.87 10.58 39.55
C SER A 424 7.86 11.36 40.85
N LEU A 425 7.87 10.64 41.98
CA LEU A 425 7.85 11.30 43.28
C LEU A 425 9.03 12.26 43.41
N PHE A 426 10.21 11.82 43.01
CA PHE A 426 11.37 12.70 43.08
C PHE A 426 11.17 13.93 42.20
N ILE A 427 10.64 13.73 40.99
CA ILE A 427 10.36 14.86 40.13
C ILE A 427 9.35 15.78 40.80
N LEU A 428 8.37 15.20 41.51
CA LEU A 428 7.42 16.00 42.25
C LEU A 428 8.14 16.95 43.20
N LEU A 429 9.16 16.44 43.91
CA LEU A 429 9.94 17.30 44.80
C LEU A 429 10.54 18.45 44.01
N ILE A 430 11.14 18.15 42.85
CA ILE A 430 11.72 19.19 42.01
C ILE A 430 10.64 20.17 41.58
N ILE A 431 9.43 19.67 41.32
CA ILE A 431 8.34 20.55 40.94
C ILE A 431 7.91 21.41 42.13
N VAL A 432 7.97 20.86 43.34
CA VAL A 432 7.42 21.56 44.51
C VAL A 432 8.28 22.76 44.87
N LYS A 433 9.55 22.52 45.20
CA LYS A 433 10.38 23.61 45.69
C LYS A 433 11.69 23.79 44.93
N LEU A 434 12.30 22.69 44.48
CA LEU A 434 13.59 22.79 43.79
C LEU A 434 13.38 23.08 42.31
N GLY A 435 12.64 24.13 41.98
CA GLY A 435 12.42 24.51 40.61
C GLY A 435 13.01 25.87 40.27
N GLU A 436 13.03 26.77 41.25
CA GLU A 436 13.61 28.09 41.05
C GLU A 436 15.13 28.11 41.18
N LEU A 437 15.73 26.99 41.58
CA LEU A 437 17.19 26.93 41.67
C LEU A 437 17.83 26.99 40.29
N PHE A 438 17.12 26.56 39.24
CA PHE A 438 17.63 26.53 37.89
C PHE A 438 17.26 27.79 37.11
N HIS A 439 17.14 28.93 37.79
CA HIS A 439 16.78 30.17 37.12
C HIS A 439 17.86 30.60 36.13
N ASP A 440 19.13 30.48 36.53
CA ASP A 440 20.25 30.98 35.74
C ASP A 440 20.92 29.88 34.91
N LEU A 441 20.24 28.78 34.67
CA LEU A 441 20.83 27.70 33.88
C LEU A 441 21.04 28.17 32.44
N PRO A 442 22.25 28.08 31.91
CA PRO A 442 22.46 28.42 30.49
C PRO A 442 21.62 27.54 29.59
N LYS A 443 21.02 28.15 28.57
CA LYS A 443 20.11 27.42 27.69
C LYS A 443 20.87 26.47 26.78
N ALA A 444 21.98 26.93 26.20
CA ALA A 444 22.72 26.12 25.24
C ALA A 444 23.14 24.79 25.82
N VAL A 445 23.45 24.75 27.12
CA VAL A 445 23.85 23.51 27.78
C VAL A 445 22.78 22.45 27.56
N LEU A 446 21.52 22.81 27.77
CA LEU A 446 20.42 21.88 27.51
C LEU A 446 20.50 21.35 26.09
N ALA A 447 20.67 22.25 25.11
CA ALA A 447 20.81 21.82 23.74
C ALA A 447 21.96 20.84 23.59
N ALA A 448 23.10 21.15 24.23
CA ALA A 448 24.24 20.25 24.16
C ALA A 448 23.86 18.85 24.61
N ILE A 449 23.06 18.76 25.68
CA ILE A 449 22.63 17.45 26.17
C ILE A 449 21.98 16.65 25.06
N ILE A 450 21.06 17.28 24.33
CA ILE A 450 20.36 16.57 23.26
C ILE A 450 21.34 16.10 22.20
N ILE A 451 22.37 16.92 21.93
CA ILE A 451 23.36 16.55 20.93
C ILE A 451 24.13 15.31 21.37
N VAL A 452 24.37 15.18 22.68
CA VAL A 452 25.11 14.03 23.18
C VAL A 452 24.14 12.88 23.42
N ASN A 453 22.84 13.14 23.21
CA ASN A 453 21.81 12.13 23.39
C ASN A 453 21.33 11.54 22.07
N LEU A 454 22.01 11.85 20.96
CA LEU A 454 21.65 11.33 19.65
C LEU A 454 22.68 10.33 19.13
N LYS A 455 23.41 9.66 20.04
CA LYS A 455 24.52 8.82 19.61
C LYS A 455 24.03 7.60 18.82
N GLY A 456 23.00 6.92 19.32
CA GLY A 456 22.52 5.72 18.64
C GLY A 456 21.87 6.01 17.31
N MET A 457 21.07 7.07 17.24
CA MET A 457 20.36 7.39 16.01
C MET A 457 21.34 7.74 14.89
N LEU A 458 22.39 8.49 15.21
CA LEU A 458 23.43 8.76 14.22
C LEU A 458 24.32 7.55 13.97
N ARG A 459 24.44 6.66 14.96
CA ARG A 459 25.15 5.41 14.76
C ARG A 459 24.45 4.52 13.76
N GLN A 460 23.13 4.63 13.66
CA GLN A 460 22.34 3.83 12.72
C GLN A 460 22.80 3.98 11.27
N LEU A 461 23.64 4.98 10.96
CA LEU A 461 24.23 5.03 9.62
C LEU A 461 25.10 3.80 9.36
N SER A 462 25.66 3.21 10.41
CA SER A 462 26.40 1.96 10.25
C SER A 462 25.48 0.85 9.75
N ASP A 463 24.29 0.76 10.35
CA ASP A 463 23.25 -0.18 9.86
C ASP A 463 22.92 0.15 8.40
N MET A 464 22.75 1.44 8.10
CA MET A 464 22.42 1.88 6.75
C MET A 464 23.44 1.35 5.75
N ARG A 465 24.73 1.50 6.06
CA ARG A 465 25.77 0.98 5.18
C ARG A 465 25.76 -0.55 5.14
N SER A 466 25.47 -1.19 6.29
CA SER A 466 25.43 -2.65 6.34
C SER A 466 24.28 -3.23 5.53
N LEU A 467 23.22 -2.46 5.29
CA LEU A 467 22.11 -2.94 4.46
C LEU A 467 22.49 -3.13 3.00
N TRP A 468 23.65 -2.62 2.57
CA TRP A 468 24.11 -2.78 1.20
C TRP A 468 24.57 -4.20 0.90
N LYS A 469 24.77 -5.03 1.94
CA LYS A 469 25.22 -6.40 1.75
C LYS A 469 24.15 -7.45 2.01
N ALA A 470 23.09 -7.12 2.76
CA ALA A 470 22.07 -8.09 3.11
C ALA A 470 20.84 -7.98 2.23
N ASN A 471 20.20 -6.81 2.21
CA ASN A 471 18.99 -6.60 1.41
C ASN A 471 18.97 -5.17 0.91
N ARG A 472 19.02 -4.99 -0.41
CA ARG A 472 19.00 -3.66 -0.99
C ARG A 472 17.61 -3.05 -1.00
N ALA A 473 16.55 -3.87 -0.92
CA ALA A 473 15.20 -3.31 -0.77
C ALA A 473 15.06 -2.60 0.57
N ASP A 474 15.61 -3.19 1.63
CA ASP A 474 15.60 -2.53 2.93
C ASP A 474 16.40 -1.23 2.89
N LEU A 475 17.53 -1.23 2.18
CA LEU A 475 18.30 0.00 2.03
C LEU A 475 17.51 1.06 1.27
N LEU A 476 16.78 0.64 0.23
CA LEU A 476 15.95 1.59 -0.51
C LEU A 476 14.87 2.18 0.37
N ILE A 477 14.21 1.35 1.17
CA ILE A 477 13.19 1.85 2.09
C ILE A 477 13.80 2.81 3.10
N TRP A 478 14.97 2.46 3.62
CA TRP A 478 15.67 3.31 4.59
C TRP A 478 15.98 4.68 3.98
N LEU A 479 16.55 4.69 2.78
CA LEU A 479 16.92 5.95 2.14
C LEU A 479 15.69 6.77 1.79
N VAL A 480 14.62 6.12 1.30
CA VAL A 480 13.40 6.85 0.97
C VAL A 480 12.80 7.49 2.22
N THR A 481 12.74 6.74 3.32
CA THR A 481 12.21 7.29 4.56
C THR A 481 13.08 8.44 5.06
N PHE A 482 14.41 8.28 5.01
CA PHE A 482 15.31 9.32 5.47
C PHE A 482 15.14 10.60 4.66
N THR A 483 15.13 10.48 3.32
CA THR A 483 14.99 11.66 2.47
C THR A 483 13.61 12.30 2.64
N ALA A 484 12.56 11.50 2.72
CA ALA A 484 11.22 12.05 2.87
C ALA A 484 11.07 12.79 4.19
N THR A 485 11.61 12.22 5.27
CA THR A 485 11.51 12.89 6.57
C THR A 485 12.38 14.14 6.62
N ILE A 486 13.53 14.14 5.93
CA ILE A 486 14.37 15.33 5.90
C ILE A 486 13.69 16.45 5.12
N LEU A 487 13.13 16.14 3.95
CA LEU A 487 12.59 17.17 3.06
C LEU A 487 11.16 17.56 3.43
N LEU A 488 10.24 16.60 3.36
CA LEU A 488 8.82 16.85 3.61
C LEU A 488 8.45 16.77 5.09
N ASN A 489 9.42 16.94 5.99
CA ASN A 489 9.20 16.92 7.44
C ASN A 489 8.73 15.55 7.92
N LEU A 490 8.57 15.41 9.23
CA LEU A 490 8.29 14.10 9.82
C LEU A 490 6.85 13.66 9.55
N ASP A 491 5.89 14.58 9.68
CA ASP A 491 4.49 14.20 9.59
C ASP A 491 4.14 13.62 8.22
N LEU A 492 4.51 14.35 7.15
CA LEU A 492 4.27 13.83 5.79
C LEU A 492 5.27 12.72 5.51
N GLY A 493 6.50 12.85 6.02
CA GLY A 493 7.52 11.87 5.70
C GLY A 493 7.14 10.46 6.12
N LEU A 494 6.53 10.31 7.29
CA LEU A 494 6.10 9.00 7.73
C LEU A 494 5.02 8.43 6.82
N VAL A 495 4.07 9.27 6.40
CA VAL A 495 3.01 8.82 5.51
C VAL A 495 3.60 8.37 4.18
N VAL A 496 4.53 9.16 3.63
CA VAL A 496 5.17 8.80 2.38
C VAL A 496 5.95 7.50 2.53
N ALA A 497 6.65 7.34 3.65
CA ALA A 497 7.43 6.12 3.88
C ALA A 497 6.52 4.89 3.97
N VAL A 498 5.39 5.01 4.67
CA VAL A 498 4.48 3.88 4.80
C VAL A 498 3.87 3.53 3.44
N ILE A 499 3.46 4.54 2.68
CA ILE A 499 2.88 4.28 1.37
C ILE A 499 3.91 3.62 0.45
N PHE A 500 5.15 4.11 0.48
CA PHE A 500 6.20 3.52 -0.34
C PHE A 500 6.51 2.10 0.10
N SER A 501 6.49 1.83 1.40
CA SER A 501 6.72 0.47 1.88
C SER A 501 5.64 -0.48 1.39
N LEU A 502 4.36 -0.06 1.48
CA LEU A 502 3.28 -0.91 0.98
C LEU A 502 3.41 -1.12 -0.53
N LEU A 503 3.75 -0.05 -1.26
CA LEU A 503 3.91 -0.16 -2.70
C LEU A 503 5.04 -1.11 -3.07
N LEU A 504 6.15 -1.06 -2.31
CA LEU A 504 7.26 -1.97 -2.59
C LEU A 504 6.92 -3.39 -2.20
N VAL A 505 6.09 -3.58 -1.17
CA VAL A 505 5.60 -4.93 -0.86
C VAL A 505 4.78 -5.47 -2.03
N VAL A 506 3.91 -4.64 -2.60
CA VAL A 506 3.11 -5.07 -3.75
C VAL A 506 4.02 -5.36 -4.94
N VAL A 507 5.02 -4.51 -5.16
CA VAL A 507 5.92 -4.69 -6.30
C VAL A 507 6.74 -5.96 -6.15
N ARG A 508 7.14 -6.29 -4.93
CA ARG A 508 7.96 -7.48 -4.70
C ARG A 508 7.23 -8.75 -5.15
N THR A 509 5.90 -8.77 -5.05
CA THR A 509 5.12 -9.88 -5.57
C THR A 509 4.94 -9.82 -7.08
N GLN A 510 5.23 -8.68 -7.70
CA GLN A 510 5.16 -8.55 -9.15
C GLN A 510 6.47 -8.91 -9.83
N MET A 511 7.50 -9.27 -9.06
CA MET A 511 8.79 -9.69 -9.62
C MET A 511 9.20 -11.02 -9.00
N PRO A 512 8.48 -12.09 -9.31
CA PRO A 512 8.83 -13.40 -8.76
C PRO A 512 9.80 -14.16 -9.65
N HIS A 513 10.41 -15.18 -9.07
CA HIS A 513 11.38 -16.01 -9.78
C HIS A 513 10.62 -17.13 -10.49
N TYR A 514 10.11 -16.82 -11.68
CA TYR A 514 9.45 -17.83 -12.50
C TYR A 514 10.46 -18.92 -12.86
N SER A 515 10.06 -20.18 -12.69
CA SER A 515 10.96 -21.29 -12.89
C SER A 515 10.31 -22.35 -13.76
N VAL A 516 11.02 -22.77 -14.80
CA VAL A 516 10.64 -23.94 -15.58
C VAL A 516 11.34 -25.14 -14.93
N LEU A 517 10.59 -25.86 -14.10
CA LEU A 517 11.17 -26.89 -13.26
C LEU A 517 11.52 -28.13 -14.08
N GLY A 518 12.46 -28.91 -13.53
CA GLY A 518 12.81 -30.19 -14.09
C GLY A 518 13.09 -31.16 -12.96
N GLN A 519 13.10 -32.45 -13.32
CA GLN A 519 13.21 -33.52 -12.35
C GLN A 519 14.66 -33.81 -12.02
N VAL A 520 15.00 -33.74 -10.74
CA VAL A 520 16.32 -34.21 -10.30
C VAL A 520 16.41 -35.71 -10.57
N PRO A 521 17.53 -36.22 -11.13
CA PRO A 521 17.55 -37.61 -11.61
C PRO A 521 17.13 -38.65 -10.59
N ASP A 522 16.21 -39.52 -11.01
CA ASP A 522 15.73 -40.65 -10.21
C ASP A 522 15.16 -40.19 -8.87
N THR A 523 14.45 -39.06 -8.87
CA THR A 523 13.81 -38.52 -7.68
C THR A 523 12.41 -38.05 -8.05
N ASP A 524 11.70 -37.53 -7.04
CA ASP A 524 10.42 -36.86 -7.25
C ASP A 524 10.52 -35.36 -7.04
N ILE A 525 11.71 -34.84 -6.78
CA ILE A 525 11.88 -33.42 -6.49
C ILE A 525 12.08 -32.67 -7.81
N TYR A 526 11.29 -31.63 -8.02
CA TYR A 526 11.37 -30.80 -9.22
C TYR A 526 11.91 -29.42 -8.83
N ARG A 527 13.00 -29.01 -9.47
CA ARG A 527 13.66 -27.76 -9.15
C ARG A 527 14.05 -27.05 -10.44
N ASP A 528 14.41 -25.77 -10.30
CA ASP A 528 14.66 -24.93 -11.47
C ASP A 528 15.78 -25.50 -12.33
N VAL A 529 15.54 -25.54 -13.64
CA VAL A 529 16.54 -26.05 -14.57
C VAL A 529 17.63 -25.02 -14.83
N ALA A 530 17.24 -23.75 -14.95
CA ALA A 530 18.22 -22.69 -15.22
C ALA A 530 19.19 -22.51 -14.06
N GLU A 531 18.83 -22.95 -12.86
CA GLU A 531 19.70 -22.85 -11.69
C GLU A 531 20.46 -24.14 -11.41
N TYR A 532 19.82 -25.28 -11.57
CA TYR A 532 20.45 -26.59 -11.36
C TYR A 532 20.69 -27.21 -12.74
N SER A 533 21.96 -27.28 -13.14
CA SER A 533 22.29 -27.78 -14.47
C SER A 533 21.95 -29.26 -14.61
N GLU A 534 22.19 -30.05 -13.57
CA GLU A 534 21.98 -31.49 -13.67
C GLU A 534 20.50 -31.84 -13.80
N ALA A 535 19.61 -30.98 -13.33
CA ALA A 535 18.18 -31.24 -13.45
C ALA A 535 17.77 -31.34 -14.91
N LYS A 536 17.02 -32.39 -15.24
CA LYS A 536 16.57 -32.63 -16.61
C LYS A 536 15.06 -32.56 -16.68
N GLU A 537 14.57 -31.85 -17.70
CA GLU A 537 13.13 -31.68 -17.88
C GLU A 537 12.51 -32.97 -18.41
N VAL A 538 11.29 -33.23 -17.96
CA VAL A 538 10.56 -34.44 -18.38
C VAL A 538 10.16 -34.28 -19.84
N ARG A 539 10.27 -35.35 -20.65
CA ARG A 539 9.98 -35.29 -22.10
C ARG A 539 8.49 -35.17 -22.38
N GLY A 540 8.04 -34.02 -22.88
CA GLY A 540 6.63 -33.85 -23.15
C GLY A 540 5.82 -33.24 -22.02
N VAL A 541 6.44 -32.97 -20.87
CA VAL A 541 5.76 -32.39 -19.73
C VAL A 541 6.55 -31.18 -19.25
N LYS A 542 5.85 -30.06 -19.05
CA LYS A 542 6.46 -28.84 -18.54
C LYS A 542 5.84 -28.50 -17.19
N VAL A 543 6.69 -28.11 -16.25
CA VAL A 543 6.27 -27.66 -14.93
C VAL A 543 6.70 -26.21 -14.77
N PHE A 544 5.75 -25.35 -14.39
CA PHE A 544 6.01 -23.92 -14.23
C PHE A 544 5.65 -23.52 -12.80
N ARG A 545 6.60 -22.91 -12.11
CA ARG A 545 6.39 -22.52 -10.71
C ARG A 545 6.69 -21.05 -10.54
N SER A 546 5.78 -20.32 -9.89
CA SER A 546 5.98 -18.93 -9.53
C SER A 546 6.24 -18.85 -8.04
N SER A 547 7.34 -18.18 -7.66
CA SER A 547 7.69 -18.08 -6.24
C SER A 547 6.69 -17.26 -5.44
N ALA A 548 5.93 -16.38 -6.09
CA ALA A 548 4.97 -15.53 -5.42
C ALA A 548 3.54 -15.91 -5.79
N THR A 549 2.60 -15.47 -4.97
CA THR A 549 1.20 -15.77 -5.21
C THR A 549 0.68 -15.06 -6.45
N VAL A 550 -0.33 -15.65 -7.07
CA VAL A 550 -0.93 -15.12 -8.29
C VAL A 550 -2.21 -14.40 -7.89
N TYR A 551 -2.14 -13.07 -7.80
CA TYR A 551 -3.33 -12.26 -7.55
C TYR A 551 -3.42 -11.15 -8.58
N PHE A 552 -4.31 -10.18 -8.37
CA PHE A 552 -4.64 -9.23 -9.43
C PHE A 552 -3.44 -8.42 -9.88
N ALA A 553 -2.46 -8.21 -9.00
CA ALA A 553 -1.30 -7.40 -9.38
C ALA A 553 -0.43 -8.12 -10.42
N ASN A 554 -0.23 -9.42 -10.26
CA ASN A 554 0.71 -10.16 -11.10
C ASN A 554 0.06 -11.32 -11.86
N ALA A 555 -1.27 -11.30 -12.00
CA ALA A 555 -1.93 -12.37 -12.76
C ALA A 555 -1.55 -12.30 -14.24
N GLU A 556 -1.64 -11.12 -14.84
CA GLU A 556 -1.24 -10.96 -16.22
C GLU A 556 0.27 -11.21 -16.39
N PHE A 557 1.07 -10.75 -15.43
CA PHE A 557 2.50 -11.04 -15.46
C PHE A 557 2.75 -12.53 -15.39
N TYR A 558 2.02 -13.25 -14.53
CA TYR A 558 2.19 -14.70 -14.44
C TYR A 558 1.84 -15.39 -15.74
N SER A 559 0.71 -15.00 -16.35
CA SER A 559 0.30 -15.62 -17.61
C SER A 559 1.30 -15.33 -18.72
N ASP A 560 1.77 -14.08 -18.82
CA ASP A 560 2.74 -13.73 -19.86
C ASP A 560 4.06 -14.45 -19.64
N ALA A 561 4.51 -14.56 -18.40
CA ALA A 561 5.75 -15.30 -18.12
C ALA A 561 5.59 -16.77 -18.47
N LEU A 562 4.44 -17.36 -18.15
CA LEU A 562 4.20 -18.75 -18.52
C LEU A 562 4.25 -18.94 -20.03
N LYS A 563 3.59 -18.06 -20.76
CA LYS A 563 3.57 -18.19 -22.22
C LYS A 563 4.94 -17.92 -22.84
N GLN A 564 5.73 -17.04 -22.22
CA GLN A 564 7.06 -16.75 -22.75
C GLN A 564 8.04 -17.89 -22.49
N ARG A 565 8.02 -18.44 -21.28
CA ARG A 565 8.98 -19.48 -20.90
C ARG A 565 8.47 -20.89 -21.17
N CYS A 566 7.27 -21.01 -21.77
CA CYS A 566 6.72 -22.35 -22.11
C CYS A 566 7.37 -22.89 -23.38
N GLY A 567 8.23 -22.09 -24.03
CA GLY A 567 8.93 -22.52 -25.22
C GLY A 567 8.15 -22.34 -26.51
N VAL A 568 6.87 -22.03 -26.44
CA VAL A 568 6.03 -21.82 -27.62
C VAL A 568 5.29 -20.50 -27.44
N ASP A 569 5.31 -19.66 -28.47
CA ASP A 569 4.55 -18.41 -28.45
C ASP A 569 3.08 -18.74 -28.56
N VAL A 570 2.41 -18.84 -27.41
CA VAL A 570 1.04 -19.34 -27.37
C VAL A 570 0.10 -18.38 -28.11
N ASP A 571 0.26 -17.07 -27.91
CA ASP A 571 -0.65 -16.11 -28.53
C ASP A 571 -0.56 -16.18 -30.05
N PHE A 572 0.65 -16.23 -30.60
CA PHE A 572 0.82 -16.27 -32.04
C PHE A 572 0.21 -17.55 -32.62
N LEU A 573 0.46 -18.69 -31.97
CA LEU A 573 -0.08 -19.95 -32.48
C LEU A 573 -1.59 -19.97 -32.41
N ILE A 574 -2.17 -19.44 -31.32
CA ILE A 574 -3.63 -19.39 -31.19
C ILE A 574 -4.23 -18.49 -32.26
N SER A 575 -3.60 -17.33 -32.50
CA SER A 575 -4.10 -16.43 -33.53
C SER A 575 -4.03 -17.07 -34.91
N GLN A 576 -2.92 -17.71 -35.20
CA GLN A 576 -2.84 -18.40 -36.51
C GLN A 576 -3.97 -19.42 -36.55
N LYS A 577 -4.07 -20.31 -35.57
CA LYS A 577 -5.09 -21.36 -35.62
C LYS A 577 -6.47 -20.76 -35.86
N LYS A 578 -6.79 -19.67 -35.18
CA LYS A 578 -8.09 -19.04 -35.36
C LYS A 578 -8.26 -18.52 -36.79
N LYS A 579 -7.22 -17.90 -37.33
CA LYS A 579 -7.29 -17.38 -38.70
C LYS A 579 -7.46 -18.51 -39.70
N LEU A 580 -6.69 -19.59 -39.54
CA LEU A 580 -6.82 -20.72 -40.47
C LEU A 580 -8.19 -21.37 -40.38
N LEU A 581 -8.71 -21.53 -39.15
CA LEU A 581 -10.04 -22.10 -38.99
C LEU A 581 -11.10 -21.21 -39.62
N LYS A 582 -10.97 -19.89 -39.46
CA LYS A 582 -11.94 -18.97 -40.06
C LYS A 582 -11.87 -19.03 -41.58
N LYS A 583 -10.65 -19.12 -42.14
CA LYS A 583 -10.52 -19.24 -43.59
C LYS A 583 -11.17 -20.54 -44.09
N GLN A 584 -10.94 -21.65 -43.37
CA GLN A 584 -11.55 -22.91 -43.78
C GLN A 584 -13.07 -22.85 -43.67
N GLU A 585 -13.58 -22.20 -42.63
CA GLU A 585 -15.03 -22.04 -42.49
C GLU A 585 -15.60 -21.20 -43.63
N GLN A 586 -14.91 -20.13 -44.01
CA GLN A 586 -15.35 -19.32 -45.14
C GLN A 586 -15.35 -20.13 -46.43
N LEU A 587 -14.31 -20.94 -46.64
CA LEU A 587 -14.27 -21.79 -47.83
C LEU A 587 -15.42 -22.79 -47.83
N LYS A 588 -15.72 -23.39 -46.68
CA LYS A 588 -16.83 -24.33 -46.58
C LYS A 588 -18.15 -23.64 -46.87
N LEU A 589 -18.34 -22.42 -46.35
CA LEU A 589 -19.56 -21.68 -46.61
C LEU A 589 -19.70 -21.35 -48.09
N LYS A 590 -18.60 -20.95 -48.73
CA LYS A 590 -18.63 -20.66 -50.16
C LYS A 590 -18.98 -21.91 -50.96
N GLN A 591 -18.40 -23.05 -50.59
CA GLN A 591 -18.71 -24.30 -51.28
C GLN A 591 -20.18 -24.69 -51.10
N LEU A 592 -20.71 -24.52 -49.88
CA LEU A 592 -22.11 -24.83 -49.64
C LEU A 592 -23.03 -23.91 -50.44
N GLN A 593 -22.70 -22.62 -50.51
CA GLN A 593 -23.50 -21.71 -51.33
C GLN A 593 -23.43 -22.08 -52.80
N LYS A 594 -22.25 -22.44 -53.29
CA LYS A 594 -22.11 -22.86 -54.68
C LYS A 594 -22.89 -24.15 -54.95
N GLU A 595 -22.83 -25.11 -54.02
CA GLU A 595 -23.53 -26.37 -54.18
C GLU A 595 -24.77 -26.44 -53.30
N SER A 656 -9.52 -29.39 -37.06
CA SER A 656 -9.35 -28.78 -35.74
C SER A 656 -7.97 -29.11 -35.18
N THR A 657 -7.40 -30.22 -35.63
CA THR A 657 -6.07 -30.63 -35.17
C THR A 657 -5.01 -29.67 -35.68
N LEU A 658 -3.99 -29.45 -34.84
CA LEU A 658 -2.89 -28.57 -35.24
C LEU A 658 -2.15 -29.11 -36.45
N LYS A 659 -1.92 -30.44 -36.49
CA LYS A 659 -1.26 -31.03 -37.64
C LYS A 659 -2.11 -30.91 -38.90
N ALA A 660 -3.43 -30.93 -38.76
CA ALA A 660 -4.30 -30.80 -39.93
C ALA A 660 -4.13 -29.43 -40.59
N LEU A 661 -4.00 -28.38 -39.79
CA LEU A 661 -3.84 -27.02 -40.31
C LEU A 661 -2.40 -26.67 -40.65
N GLY A 662 -1.46 -27.58 -40.41
CA GLY A 662 -0.06 -27.32 -40.70
C GLY A 662 0.69 -26.54 -39.65
N LEU A 663 0.03 -26.18 -38.54
CA LEU A 663 0.69 -25.43 -37.49
C LEU A 663 1.71 -26.30 -36.76
N PRO A 664 2.77 -25.71 -36.23
CA PRO A 664 3.76 -26.51 -35.49
C PRO A 664 3.21 -26.96 -34.14
N GLN A 665 3.28 -28.26 -33.89
CA GLN A 665 2.78 -28.82 -32.65
C GLN A 665 3.79 -28.58 -31.53
N PRO A 666 3.35 -28.13 -30.36
CA PRO A 666 4.29 -27.91 -29.25
C PRO A 666 4.94 -29.21 -28.82
N ASP A 667 6.19 -29.08 -28.35
CA ASP A 667 6.92 -30.27 -27.89
C ASP A 667 6.25 -30.91 -26.70
N PHE A 668 5.76 -30.10 -25.75
CA PHE A 668 5.11 -30.61 -24.56
C PHE A 668 3.63 -30.87 -24.85
N HIS A 669 3.15 -32.05 -24.44
CA HIS A 669 1.74 -32.36 -24.62
C HIS A 669 0.90 -31.92 -23.42
N SER A 670 1.53 -31.72 -22.27
CA SER A 670 0.83 -31.31 -21.06
C SER A 670 1.62 -30.24 -20.33
N LEU A 671 0.91 -29.40 -19.60
CA LEU A 671 1.50 -28.35 -18.78
C LEU A 671 1.04 -28.53 -17.34
N ILE A 672 1.96 -28.39 -16.40
CA ILE A 672 1.67 -28.59 -14.97
C ILE A 672 2.05 -27.33 -14.23
N LEU A 673 1.08 -26.72 -13.56
CA LEU A 673 1.32 -25.56 -12.73
C LEU A 673 1.57 -26.00 -11.29
N ASP A 674 2.58 -25.39 -10.67
CA ASP A 674 2.94 -25.66 -9.29
C ASP A 674 2.55 -24.44 -8.47
N LEU A 675 1.30 -24.39 -8.03
CA LEU A 675 0.78 -23.26 -7.27
C LEU A 675 0.94 -23.51 -5.78
N GLY A 676 2.16 -23.85 -5.38
CA GLY A 676 2.46 -24.04 -3.97
C GLY A 676 2.57 -22.74 -3.19
N ALA A 677 2.84 -21.63 -3.89
CA ALA A 677 2.91 -20.32 -3.26
C ALA A 677 1.59 -19.58 -3.31
N LEU A 678 0.55 -20.18 -3.87
CA LEU A 678 -0.75 -19.53 -3.95
C LEU A 678 -1.44 -19.56 -2.60
N SER A 679 -1.89 -18.40 -2.13
CA SER A 679 -2.53 -18.27 -0.82
C SER A 679 -4.04 -18.11 -0.93
N PHE A 680 -4.49 -17.12 -1.70
CA PHE A 680 -5.91 -16.85 -1.87
C PHE A 680 -6.21 -16.66 -3.35
N VAL A 681 -7.38 -17.14 -3.77
CA VAL A 681 -7.82 -17.02 -5.15
C VAL A 681 -8.97 -16.03 -5.19
N ASP A 682 -8.72 -14.86 -5.75
CA ASP A 682 -9.75 -13.85 -5.96
C ASP A 682 -10.30 -13.97 -7.38
N THR A 683 -11.14 -13.00 -7.76
CA THR A 683 -11.77 -13.07 -9.08
C THR A 683 -10.75 -12.99 -10.20
N VAL A 684 -9.75 -12.11 -10.06
CA VAL A 684 -8.76 -11.94 -11.12
C VAL A 684 -7.91 -13.21 -11.28
N CYS A 685 -7.53 -13.83 -10.15
CA CYS A 685 -6.77 -15.07 -10.24
C CYS A 685 -7.57 -16.18 -10.91
N LEU A 686 -8.86 -16.29 -10.57
CA LEU A 686 -9.70 -17.29 -11.20
C LEU A 686 -9.84 -17.03 -12.69
N LYS A 687 -10.02 -15.76 -13.08
CA LYS A 687 -10.09 -15.42 -14.49
C LYS A 687 -8.80 -15.77 -15.22
N SER A 688 -7.65 -15.49 -14.60
CA SER A 688 -6.37 -15.80 -15.22
C SER A 688 -6.19 -17.30 -15.38
N LEU A 689 -6.56 -18.08 -14.35
CA LEU A 689 -6.43 -19.53 -14.45
C LEU A 689 -7.35 -20.09 -15.53
N LYS A 690 -8.59 -19.60 -15.61
CA LYS A 690 -9.50 -20.06 -16.66
C LYS A 690 -8.97 -19.69 -18.05
N ASN A 691 -8.41 -18.49 -18.19
CA ASN A 691 -7.84 -18.08 -19.47
C ASN A 691 -6.67 -18.97 -19.85
N ILE A 692 -5.81 -19.30 -18.88
CA ILE A 692 -4.68 -20.19 -19.16
C ILE A 692 -5.17 -21.55 -19.62
N PHE A 693 -6.17 -22.09 -18.90
CA PHE A 693 -6.72 -23.38 -19.28
C PHE A 693 -7.30 -23.35 -20.69
N HIS A 694 -8.10 -22.33 -21.00
CA HIS A 694 -8.73 -22.26 -22.32
C HIS A 694 -7.69 -22.09 -23.42
N ASP A 695 -6.72 -21.20 -23.20
CA ASP A 695 -5.70 -20.95 -24.22
C ASP A 695 -4.87 -22.19 -24.49
N PHE A 696 -4.46 -22.91 -23.43
CA PHE A 696 -3.64 -24.09 -23.65
C PHE A 696 -4.46 -25.26 -24.17
N ARG A 697 -5.76 -25.30 -23.89
CA ARG A 697 -6.60 -26.33 -24.50
C ARG A 697 -6.85 -26.04 -25.98
N GLU A 698 -6.80 -24.77 -26.38
CA GLU A 698 -6.89 -24.45 -27.79
C GLU A 698 -5.63 -24.85 -28.54
N ILE A 699 -4.49 -24.87 -27.87
CA ILE A 699 -3.22 -25.23 -28.49
C ILE A 699 -2.98 -26.72 -28.27
N GLU A 700 -4.02 -27.43 -27.81
CA GLU A 700 -3.97 -28.87 -27.59
C GLU A 700 -2.93 -29.25 -26.54
N VAL A 701 -2.96 -28.54 -25.41
CA VAL A 701 -2.13 -28.85 -24.25
C VAL A 701 -3.02 -28.89 -23.03
N GLU A 702 -3.03 -30.02 -22.33
CA GLU A 702 -3.84 -30.18 -21.13
C GLU A 702 -3.09 -29.64 -19.92
N VAL A 703 -3.78 -28.82 -19.12
CA VAL A 703 -3.19 -28.15 -17.98
C VAL A 703 -3.58 -28.86 -16.70
N TYR A 704 -2.59 -29.17 -15.88
CA TYR A 704 -2.80 -29.79 -14.57
C TYR A 704 -2.27 -28.87 -13.49
N MET A 705 -3.03 -28.75 -12.40
CA MET A 705 -2.64 -27.93 -11.26
C MET A 705 -2.16 -28.82 -10.14
N ALA A 706 -1.00 -28.51 -9.58
CA ALA A 706 -0.37 -29.35 -8.57
C ALA A 706 0.00 -28.52 -7.36
N ALA A 707 0.01 -29.17 -6.19
CA ALA A 707 0.42 -28.57 -4.93
C ALA A 707 -0.42 -27.34 -4.58
N CYS A 708 -1.72 -27.58 -4.40
CA CYS A 708 -2.64 -26.57 -3.93
C CYS A 708 -3.04 -26.89 -2.50
N HIS A 709 -2.95 -25.89 -1.62
CA HIS A 709 -3.14 -26.08 -0.20
C HIS A 709 -4.63 -26.03 0.15
N SER A 710 -4.93 -26.02 1.45
CA SER A 710 -6.32 -26.10 1.91
C SER A 710 -7.17 -24.92 1.46
N PRO A 711 -6.78 -23.66 1.67
CA PRO A 711 -7.70 -22.56 1.31
C PRO A 711 -7.91 -22.40 -0.18
N VAL A 712 -6.92 -22.77 -1.00
CA VAL A 712 -7.02 -22.55 -2.45
C VAL A 712 -8.17 -23.37 -3.03
N VAL A 713 -8.25 -24.65 -2.64
CA VAL A 713 -9.29 -25.53 -3.18
C VAL A 713 -10.67 -25.04 -2.74
N SER A 714 -10.81 -24.65 -1.48
CA SER A 714 -12.09 -24.17 -0.99
C SER A 714 -12.52 -22.89 -1.71
N GLN A 715 -11.59 -21.96 -1.92
CA GLN A 715 -11.94 -20.72 -2.60
C GLN A 715 -12.26 -20.97 -4.07
N LEU A 716 -11.55 -21.90 -4.71
CA LEU A 716 -11.87 -22.25 -6.09
C LEU A 716 -13.27 -22.86 -6.19
N GLU A 717 -13.62 -23.74 -5.24
CA GLU A 717 -14.97 -24.30 -5.23
C GLU A 717 -16.02 -23.23 -4.98
N ALA A 718 -15.75 -22.29 -4.08
CA ALA A 718 -16.71 -21.24 -3.77
C ALA A 718 -16.88 -20.26 -4.93
N GLY A 719 -15.83 -20.07 -5.73
CA GLY A 719 -15.87 -19.15 -6.84
C GLY A 719 -16.36 -19.73 -8.15
N HIS A 720 -16.91 -20.94 -8.14
CA HIS A 720 -17.40 -21.61 -9.34
C HIS A 720 -16.31 -21.78 -10.39
N PHE A 721 -15.07 -22.00 -9.91
CA PHE A 721 -13.99 -22.31 -10.83
C PHE A 721 -14.19 -23.68 -11.48
N PHE A 722 -14.65 -24.66 -10.71
CA PHE A 722 -14.81 -26.00 -11.21
C PHE A 722 -16.13 -26.15 -11.96
N ASP A 723 -16.08 -26.82 -13.11
CA ASP A 723 -17.24 -27.10 -13.95
C ASP A 723 -16.97 -28.39 -14.69
N ALA A 724 -17.80 -28.67 -15.70
CA ALA A 724 -17.61 -29.87 -16.51
C ALA A 724 -16.28 -29.80 -17.28
N SER A 725 -15.95 -28.63 -17.82
CA SER A 725 -14.71 -28.48 -18.57
C SER A 725 -13.49 -28.67 -17.69
N ILE A 726 -13.52 -28.10 -16.48
CA ILE A 726 -12.39 -28.15 -15.55
C ILE A 726 -12.84 -28.94 -14.33
N THR A 727 -12.56 -30.25 -14.34
CA THR A 727 -12.92 -31.10 -13.22
C THR A 727 -11.89 -30.98 -12.10
N LYS A 728 -12.20 -31.59 -10.97
CA LYS A 728 -11.30 -31.58 -9.81
C LYS A 728 -10.24 -32.67 -9.90
N LYS A 729 -10.31 -33.56 -10.89
CA LYS A 729 -9.28 -34.57 -11.08
C LYS A 729 -7.99 -33.99 -11.64
N HIS A 730 -8.04 -32.76 -12.17
CA HIS A 730 -6.83 -32.09 -12.65
C HIS A 730 -6.09 -31.36 -11.54
N LEU A 731 -6.70 -31.22 -10.37
CA LEU A 731 -6.09 -30.52 -9.23
C LEU A 731 -5.30 -31.52 -8.40
N PHE A 732 -4.15 -31.92 -8.94
CA PHE A 732 -3.33 -32.91 -8.26
C PHE A 732 -2.70 -32.34 -7.00
N ALA A 733 -2.37 -33.24 -6.06
CA ALA A 733 -1.82 -32.83 -4.78
C ALA A 733 -0.30 -32.70 -4.80
N SER A 734 0.38 -33.51 -5.60
CA SER A 734 1.82 -33.46 -5.71
C SER A 734 2.23 -33.30 -7.16
N VAL A 735 3.39 -32.66 -7.37
CA VAL A 735 3.87 -32.41 -8.72
C VAL A 735 4.19 -33.72 -9.42
N HIS A 736 4.85 -34.65 -8.71
CA HIS A 736 5.22 -35.92 -9.33
C HIS A 736 3.99 -36.74 -9.71
N ASP A 737 2.92 -36.62 -8.91
CA ASP A 737 1.66 -37.33 -9.23
C ASP A 737 1.13 -36.80 -10.56
N ALA A 738 1.13 -35.47 -10.75
CA ALA A 738 0.65 -34.88 -11.99
C ALA A 738 1.55 -35.27 -13.16
N VAL A 739 2.86 -35.32 -12.95
CA VAL A 739 3.77 -35.72 -14.02
C VAL A 739 3.50 -37.17 -14.43
N THR A 740 3.28 -38.05 -13.45
CA THR A 740 2.98 -39.44 -13.75
C THR A 740 1.67 -39.57 -14.52
N PHE A 741 0.65 -38.82 -14.12
CA PHE A 741 -0.62 -38.85 -14.84
C PHE A 741 -0.46 -38.35 -16.27
N ALA A 742 0.30 -37.27 -16.45
CA ALA A 742 0.53 -36.72 -17.79
C ALA A 742 1.27 -37.71 -18.67
N LEU A 743 2.28 -38.38 -18.12
CA LEU A 743 3.00 -39.38 -18.88
C LEU A 743 2.12 -40.59 -19.20
N GLN A 744 1.20 -40.92 -18.30
CA GLN A 744 0.28 -42.04 -18.54
C GLN A 744 -0.88 -41.67 -19.46
N HIS A 745 -1.09 -40.39 -19.76
CA HIS A 745 -2.14 -39.95 -20.66
C HIS A 745 -1.58 -39.02 -21.73
N PRO A 746 -0.78 -39.54 -22.67
CA PRO A 746 -0.41 -38.75 -23.85
C PRO A 746 -1.39 -38.92 -25.00
N ARG A 747 -1.84 -37.82 -25.59
CA ARG A 747 -2.78 -37.92 -26.69
C ARG A 747 -2.09 -38.48 -27.93
N PRO A 748 -2.81 -39.25 -28.76
CA PRO A 748 -2.24 -39.83 -29.97
C PRO A 748 -2.11 -38.82 -31.10
N ASP B 29 0.75 -44.64 -10.39
CA ASP B 29 1.35 -45.24 -9.21
C ASP B 29 2.60 -44.48 -8.78
N TYR B 30 3.31 -45.02 -7.78
CA TYR B 30 4.53 -44.40 -7.27
C TYR B 30 5.56 -45.50 -7.01
N HIS B 31 6.79 -45.25 -7.45
CA HIS B 31 7.89 -46.17 -7.21
C HIS B 31 9.17 -45.43 -6.87
N MET B 32 9.04 -44.24 -6.29
CA MET B 32 10.19 -43.38 -6.01
C MET B 32 10.92 -43.91 -4.78
N GLU B 33 12.04 -44.59 -5.01
CA GLU B 33 12.92 -45.06 -3.95
C GLU B 33 14.27 -44.38 -4.11
N ARG B 34 14.71 -43.70 -3.06
CA ARG B 34 15.94 -42.91 -3.12
C ARG B 34 16.44 -42.69 -1.70
N PRO B 35 17.73 -42.45 -1.52
CA PRO B 35 18.22 -42.07 -0.20
C PRO B 35 17.70 -40.70 0.21
N LEU B 36 17.70 -40.47 1.52
CA LEU B 36 17.20 -39.21 2.06
C LEU B 36 17.99 -38.03 1.49
N LEU B 37 17.26 -37.03 1.02
CA LEU B 37 17.85 -35.88 0.34
C LEU B 37 17.61 -34.62 1.17
N ASN B 38 18.69 -33.96 1.56
CA ASN B 38 18.64 -32.65 2.19
C ASN B 38 19.06 -31.60 1.16
N GLN B 39 19.22 -30.35 1.62
CA GLN B 39 19.64 -29.30 0.70
C GLN B 39 21.03 -29.55 0.16
N GLU B 40 21.96 -30.00 1.02
CA GLU B 40 23.32 -30.26 0.56
C GLU B 40 23.35 -31.41 -0.44
N HIS B 41 22.62 -32.48 -0.14
CA HIS B 41 22.50 -33.62 -1.09
C HIS B 41 21.92 -33.10 -2.40
N LEU B 42 20.83 -32.33 -2.30
CA LEU B 42 20.16 -31.84 -3.51
C LEU B 42 21.11 -31.01 -4.36
N GLU B 43 21.93 -30.17 -3.73
CA GLU B 43 22.93 -29.42 -4.47
C GLU B 43 23.97 -30.34 -5.10
N GLU B 44 24.38 -31.37 -4.36
CA GLU B 44 25.35 -32.33 -4.91
C GLU B 44 24.81 -33.06 -6.12
N LEU B 45 23.53 -33.45 -6.07
CA LEU B 45 22.91 -34.20 -7.15
C LEU B 45 22.34 -33.31 -8.24
N GLY B 46 22.31 -32.00 -8.05
CA GLY B 46 21.75 -31.10 -9.05
C GLY B 46 22.75 -30.12 -9.63
N ARG B 47 23.94 -30.04 -9.03
CA ARG B 47 25.02 -29.18 -9.48
C ARG B 47 24.56 -27.71 -9.54
N TRP B 48 24.27 -27.19 -8.34
CA TRP B 48 23.81 -25.82 -8.21
C TRP B 48 24.83 -24.85 -8.81
N GLY B 49 24.33 -23.93 -9.64
CA GLY B 49 25.18 -22.94 -10.27
C GLY B 49 24.40 -21.67 -10.54
N SER B 50 25.15 -20.57 -10.66
CA SER B 50 24.56 -19.27 -10.91
C SER B 50 24.03 -19.16 -12.34
N CYS B 63 22.95 -1.78 -31.82
CA CYS B 63 22.53 -0.38 -31.75
C CYS B 63 22.64 0.29 -33.12
N SER B 64 22.74 1.62 -33.09
CA SER B 64 22.96 2.45 -34.29
C SER B 64 21.77 2.28 -35.23
N ARG B 65 22.02 1.94 -36.49
CA ARG B 65 20.95 1.90 -37.51
C ARG B 65 19.85 0.93 -37.06
N ALA B 66 20.15 -0.35 -37.11
CA ALA B 66 19.12 -1.37 -36.81
C ALA B 66 18.12 -0.85 -35.78
N ARG B 67 18.61 -0.37 -34.63
CA ARG B 67 17.71 0.10 -33.53
C ARG B 67 17.06 1.43 -33.93
N ALA B 68 17.85 2.45 -34.28
CA ALA B 68 17.24 3.68 -34.86
C ALA B 68 15.99 3.34 -35.69
N TYR B 69 15.99 2.26 -36.47
CA TYR B 69 14.78 1.86 -37.20
C TYR B 69 13.80 0.96 -36.46
N ALA B 70 14.27 0.29 -35.43
CA ALA B 70 13.31 -0.49 -34.65
C ALA B 70 12.53 0.41 -33.69
N LEU B 71 13.23 1.32 -33.02
CA LEU B 71 12.55 2.24 -32.10
C LEU B 71 11.59 3.16 -32.85
N LEU B 72 12.03 3.67 -34.00
CA LEU B 72 11.14 4.55 -34.82
C LEU B 72 9.89 3.76 -35.23
N LEU B 73 10.09 2.52 -35.69
CA LEU B 73 8.94 1.70 -36.17
C LEU B 73 7.99 1.42 -35.01
N GLN B 74 8.51 1.04 -33.85
CA GLN B 74 7.63 0.70 -32.74
C GLN B 74 6.94 1.92 -32.16
N HIS B 75 7.55 3.10 -32.29
CA HIS B 75 6.89 4.33 -31.87
C HIS B 75 5.83 4.76 -32.87
N LEU B 76 6.00 4.41 -34.15
CA LEU B 76 5.07 4.79 -35.21
C LEU B 76 4.58 3.53 -35.92
N PRO B 77 3.52 2.89 -35.42
CA PRO B 77 2.99 1.70 -36.10
C PRO B 77 2.44 2.01 -37.48
N VAL B 78 2.11 3.27 -37.76
CA VAL B 78 1.50 3.63 -39.05
C VAL B 78 2.39 3.21 -40.20
N LEU B 79 3.70 3.45 -40.08
CA LEU B 79 4.62 3.11 -41.15
C LEU B 79 4.63 1.62 -41.46
N VAL B 80 4.09 0.82 -40.54
CA VAL B 80 4.13 -0.67 -40.71
C VAL B 80 2.75 -1.18 -41.13
N TRP B 81 1.66 -0.53 -40.68
CA TRP B 81 0.34 -1.08 -40.97
C TRP B 81 -0.41 -0.34 -42.07
N LEU B 82 0.02 0.88 -42.44
CA LEU B 82 -0.65 1.60 -43.53
C LEU B 82 -0.18 1.13 -44.90
N PRO B 83 1.13 0.96 -45.15
CA PRO B 83 1.55 0.48 -46.48
C PRO B 83 1.00 -0.88 -46.83
N ARG B 84 0.79 -1.77 -45.86
CA ARG B 84 0.25 -3.10 -46.11
C ARG B 84 -1.26 -3.15 -45.86
N TYR B 85 -1.96 -2.04 -46.07
CA TYR B 85 -3.39 -2.00 -45.84
C TYR B 85 -4.12 -2.61 -47.04
N PRO B 86 -4.92 -3.66 -46.85
CA PRO B 86 -5.69 -4.21 -47.97
C PRO B 86 -6.87 -3.31 -48.33
N VAL B 87 -6.78 -2.64 -49.48
CA VAL B 87 -7.81 -1.68 -49.86
C VAL B 87 -9.14 -2.40 -50.11
N ARG B 88 -9.11 -3.46 -50.93
CA ARG B 88 -10.34 -4.12 -51.33
C ARG B 88 -11.05 -4.76 -50.15
N ASP B 89 -10.28 -5.36 -49.24
CA ASP B 89 -10.88 -6.13 -48.15
C ASP B 89 -11.48 -5.23 -47.07
N TRP B 90 -10.86 -4.08 -46.80
CA TRP B 90 -11.19 -3.31 -45.62
C TRP B 90 -11.63 -1.87 -45.86
N LEU B 91 -11.47 -1.36 -47.08
CA LEU B 91 -11.75 0.08 -47.32
C LEU B 91 -13.22 0.35 -46.98
N LEU B 92 -14.14 -0.34 -47.67
CA LEU B 92 -15.57 -0.04 -47.51
C LEU B 92 -16.00 -0.21 -46.06
N GLY B 93 -15.53 -1.27 -45.40
CA GLY B 93 -15.88 -1.47 -44.00
C GLY B 93 -15.38 -0.35 -43.12
N ASP B 94 -14.14 0.09 -43.35
CA ASP B 94 -13.59 1.20 -42.57
C ASP B 94 -14.34 2.49 -42.85
N LEU B 95 -14.74 2.73 -44.10
CA LEU B 95 -15.49 3.94 -44.42
C LEU B 95 -16.83 3.94 -43.69
N LEU B 96 -17.56 2.82 -43.73
CA LEU B 96 -18.84 2.76 -43.04
C LEU B 96 -18.67 2.89 -41.53
N SER B 97 -17.64 2.23 -40.98
CA SER B 97 -17.40 2.30 -39.55
C SER B 97 -17.04 3.72 -39.12
N GLY B 98 -16.21 4.41 -39.90
CA GLY B 98 -15.88 5.78 -39.58
C GLY B 98 -17.08 6.72 -39.69
N LEU B 99 -17.93 6.47 -40.68
CA LEU B 99 -19.17 7.25 -40.79
C LEU B 99 -20.03 7.08 -39.55
N SER B 100 -20.21 5.84 -39.10
CA SER B 100 -21.01 5.60 -37.90
C SER B 100 -20.37 6.20 -36.66
N VAL B 101 -19.05 6.09 -36.54
CA VAL B 101 -18.34 6.63 -35.38
C VAL B 101 -18.47 8.14 -35.35
N ALA B 102 -18.33 8.80 -36.50
CA ALA B 102 -18.52 10.25 -36.54
C ALA B 102 -19.95 10.65 -36.21
N ILE B 103 -20.90 9.86 -36.73
CA ILE B 103 -22.33 10.12 -36.46
C ILE B 103 -22.55 10.10 -34.94
N MET B 104 -21.96 9.10 -34.26
CA MET B 104 -22.16 8.98 -32.81
C MET B 104 -21.36 10.01 -32.05
N GLN B 105 -20.19 10.42 -32.57
CA GLN B 105 -19.35 11.37 -31.87
C GLN B 105 -19.86 12.80 -31.96
N LEU B 106 -20.60 13.14 -33.01
CA LEU B 106 -21.11 14.51 -33.13
C LEU B 106 -21.96 14.94 -31.93
N PRO B 107 -22.95 14.16 -31.45
CA PRO B 107 -23.69 14.60 -30.27
C PRO B 107 -22.97 14.29 -28.96
N GLN B 108 -22.20 13.19 -28.94
CA GLN B 108 -21.48 12.83 -27.72
C GLN B 108 -20.43 13.86 -27.39
N GLY B 109 -19.72 14.37 -28.40
CA GLY B 109 -18.72 15.40 -28.14
C GLY B 109 -19.33 16.64 -27.53
N LEU B 110 -20.45 17.10 -28.10
CA LEU B 110 -21.13 18.28 -27.55
C LEU B 110 -21.63 18.03 -26.14
N ALA B 111 -22.22 16.86 -25.90
CA ALA B 111 -22.74 16.56 -24.57
C ALA B 111 -21.64 16.52 -23.53
N TYR B 112 -20.51 15.90 -23.87
CA TYR B 112 -19.42 15.80 -22.90
C TYR B 112 -18.69 17.12 -22.73
N ALA B 113 -18.66 17.96 -23.77
CA ALA B 113 -18.15 19.31 -23.60
C ALA B 113 -19.03 20.12 -22.67
N LEU B 114 -20.37 19.97 -22.80
CA LEU B 114 -21.28 20.61 -21.86
C LEU B 114 -21.07 20.09 -20.44
N LEU B 115 -20.85 18.79 -20.30
CA LEU B 115 -20.56 18.22 -18.99
C LEU B 115 -19.29 18.82 -18.39
N ALA B 116 -18.25 18.97 -19.21
CA ALA B 116 -16.99 19.53 -18.74
C ALA B 116 -17.09 21.01 -18.40
N GLY B 117 -18.18 21.68 -18.77
CA GLY B 117 -18.35 23.09 -18.52
C GLY B 117 -17.91 23.98 -19.66
N LEU B 118 -17.12 23.45 -20.59
CA LEU B 118 -16.67 24.22 -21.74
C LEU B 118 -17.83 24.43 -22.71
N PRO B 119 -17.73 25.44 -23.57
CA PRO B 119 -18.71 25.57 -24.64
C PRO B 119 -18.68 24.36 -25.54
N PRO B 120 -19.82 23.98 -26.12
CA PRO B 120 -19.89 22.70 -26.85
C PRO B 120 -18.92 22.58 -28.01
N VAL B 121 -18.59 23.69 -28.67
CA VAL B 121 -17.79 23.63 -29.90
C VAL B 121 -16.46 22.93 -29.65
N PHE B 122 -15.81 23.24 -28.51
CA PHE B 122 -14.51 22.65 -28.23
C PHE B 122 -14.57 21.13 -28.19
N GLY B 123 -15.72 20.57 -27.78
CA GLY B 123 -15.86 19.13 -27.80
C GLY B 123 -15.63 18.56 -29.18
N LEU B 124 -16.20 19.19 -30.20
CA LEU B 124 -15.96 18.75 -31.58
C LEU B 124 -14.47 18.74 -31.89
N TYR B 125 -13.75 19.74 -31.40
CA TYR B 125 -12.30 19.79 -31.61
C TYR B 125 -11.64 18.51 -31.15
N SER B 126 -12.05 17.99 -29.99
CA SER B 126 -11.55 16.70 -29.53
C SER B 126 -11.79 15.63 -30.59
N SER B 127 -13.03 15.50 -31.03
CA SER B 127 -13.38 14.49 -32.02
C SER B 127 -12.57 14.62 -33.30
N PHE B 128 -11.69 15.63 -33.34
CA PHE B 128 -10.89 15.88 -34.57
C PHE B 128 -9.39 15.93 -34.28
N TYR B 129 -8.97 16.29 -33.07
CA TYR B 129 -7.52 16.44 -32.93
C TYR B 129 -6.82 15.20 -32.37
N PRO B 130 -7.20 14.68 -31.19
CA PRO B 130 -6.55 13.44 -30.73
C PRO B 130 -6.76 12.27 -31.69
N VAL B 131 -7.95 12.14 -32.27
CA VAL B 131 -8.29 10.94 -33.04
C VAL B 131 -7.31 10.76 -34.18
N PHE B 132 -7.11 11.81 -34.98
CA PHE B 132 -6.16 11.73 -36.08
C PHE B 132 -4.77 11.40 -35.58
N ILE B 133 -4.37 11.99 -34.44
CA ILE B 133 -3.08 11.67 -33.86
C ILE B 133 -3.02 10.21 -33.48
N TYR B 134 -4.11 9.67 -32.94
CA TYR B 134 -4.15 8.25 -32.63
C TYR B 134 -4.06 7.40 -33.89
N PHE B 135 -4.42 7.96 -35.05
CA PHE B 135 -4.23 7.25 -36.31
C PHE B 135 -2.76 7.03 -36.63
N LEU B 136 -1.86 7.83 -36.05
CA LEU B 136 -0.44 7.75 -36.34
C LEU B 136 0.33 6.89 -35.33
N PHE B 137 -0.01 6.99 -34.04
CA PHE B 137 0.73 6.29 -32.99
C PHE B 137 -0.06 5.16 -32.36
N GLY B 138 -1.24 4.82 -32.90
CA GLY B 138 -2.11 3.84 -32.27
C GLY B 138 -1.73 2.41 -32.64
N THR B 139 -1.93 1.51 -31.68
CA THR B 139 -1.71 0.08 -31.89
C THR B 139 -3.00 -0.73 -31.88
N SER B 140 -4.05 -0.20 -31.28
CA SER B 140 -5.36 -0.89 -31.30
C SER B 140 -6.15 -0.41 -32.52
N ARG B 141 -6.67 -1.33 -33.33
CA ARG B 141 -7.41 -0.98 -34.53
C ARG B 141 -8.92 -1.01 -34.34
N HIS B 142 -9.40 -1.32 -33.14
CA HIS B 142 -10.84 -1.48 -32.91
C HIS B 142 -11.34 -0.65 -31.74
N ILE B 143 -10.65 0.43 -31.37
CA ILE B 143 -11.12 1.35 -30.36
C ILE B 143 -11.11 2.76 -30.94
N SER B 144 -12.11 3.55 -30.57
CA SER B 144 -12.25 4.93 -31.04
C SER B 144 -11.90 5.88 -29.90
N VAL B 145 -10.90 6.72 -30.11
CA VAL B 145 -10.46 7.67 -29.10
C VAL B 145 -11.31 8.93 -29.19
N GLY B 146 -11.83 9.38 -28.05
CA GLY B 146 -12.65 10.57 -28.03
C GLY B 146 -13.08 10.98 -26.63
N THR B 147 -14.24 11.61 -26.53
CA THR B 147 -14.74 12.11 -25.26
C THR B 147 -15.38 11.00 -24.46
N PHE B 148 -14.96 10.87 -23.20
CA PHE B 148 -15.49 9.86 -22.29
C PHE B 148 -16.15 10.54 -21.11
N ALA B 149 -17.18 9.89 -20.55
CA ALA B 149 -17.97 10.51 -19.48
C ALA B 149 -17.12 10.75 -18.23
N VAL B 150 -16.29 9.77 -17.86
CA VAL B 150 -15.50 9.92 -16.64
C VAL B 150 -14.46 11.03 -16.80
N MET B 151 -13.75 11.03 -17.93
CA MET B 151 -12.78 12.09 -18.19
C MET B 151 -13.46 13.45 -18.25
N SER B 152 -14.63 13.50 -18.89
CA SER B 152 -15.36 14.76 -18.99
C SER B 152 -15.80 15.27 -17.63
N VAL B 153 -16.26 14.37 -16.75
CA VAL B 153 -16.71 14.82 -15.43
C VAL B 153 -15.52 15.26 -14.58
N MET B 154 -14.37 14.62 -14.80
CA MET B 154 -13.13 14.99 -14.06
C MET B 154 -12.64 16.37 -14.52
N VAL B 155 -12.75 16.65 -15.82
CA VAL B 155 -12.40 17.97 -16.36
C VAL B 155 -13.40 19.01 -15.89
N GLY B 156 -14.68 18.65 -15.82
CA GLY B 156 -15.68 19.58 -15.32
C GLY B 156 -15.46 19.95 -13.88
N SER B 157 -15.11 18.97 -13.04
CA SER B 157 -14.79 19.27 -11.65
C SER B 157 -13.59 20.19 -11.55
N VAL B 158 -12.57 19.95 -12.37
CA VAL B 158 -11.37 20.81 -12.36
C VAL B 158 -11.74 22.23 -12.76
N THR B 159 -12.54 22.38 -13.82
CA THR B 159 -12.92 23.70 -14.30
C THR B 159 -13.76 24.44 -13.27
N GLU B 160 -14.69 23.74 -12.62
CA GLU B 160 -15.49 24.36 -11.57
C GLU B 160 -14.62 24.78 -10.40
N SER B 161 -13.61 23.97 -10.06
CA SER B 161 -12.70 24.33 -8.97
C SER B 161 -11.90 25.57 -9.31
N LEU B 162 -11.40 25.66 -10.54
CA LEU B 162 -10.56 26.80 -10.94
C LEU B 162 -11.35 27.91 -11.64
N ALA B 163 -12.66 27.78 -11.76
CA ALA B 163 -13.49 28.82 -12.35
C ALA B 163 -14.93 28.65 -11.90
N PRO B 164 -15.25 28.99 -10.66
CA PRO B 164 -16.61 28.78 -10.15
C PRO B 164 -17.63 29.63 -10.91
N GLN B 165 -18.84 29.09 -11.04
CA GLN B 165 -19.94 29.82 -11.64
C GLN B 165 -20.47 30.85 -10.65
N ALA B 166 -20.59 32.11 -11.10
CA ALA B 166 -21.04 33.21 -10.26
C ALA B 166 -22.32 33.79 -10.85
N LEU B 167 -23.35 33.89 -10.02
CA LEU B 167 -24.63 34.44 -10.46
C LEU B 167 -24.67 35.96 -10.37
N ASN B 168 -23.72 36.58 -9.66
CA ASN B 168 -23.75 38.03 -9.48
C ASN B 168 -23.56 38.76 -10.80
N ASP B 169 -22.53 38.38 -11.56
CA ASP B 169 -22.25 38.97 -12.86
C ASP B 169 -22.62 37.97 -13.94
N SER B 170 -23.33 38.44 -14.97
CA SER B 170 -24.02 37.56 -15.90
C SER B 170 -23.27 37.35 -17.21
N MET B 171 -23.08 38.39 -18.02
CA MET B 171 -22.67 38.19 -19.43
C MET B 171 -21.15 38.25 -19.60
N ILE B 172 -20.54 39.38 -19.25
CA ILE B 172 -19.10 39.51 -19.45
C ILE B 172 -18.35 38.54 -18.55
N ASN B 173 -18.85 38.32 -17.32
CA ASN B 173 -18.26 37.31 -16.46
C ASN B 173 -18.42 35.92 -17.07
N GLU B 174 -19.54 35.66 -17.74
CA GLU B 174 -19.71 34.39 -18.41
C GLU B 174 -18.68 34.18 -19.50
N THR B 175 -18.43 35.21 -20.32
CA THR B 175 -17.44 35.10 -21.37
C THR B 175 -16.04 34.89 -20.80
N ALA B 176 -15.69 35.67 -19.77
CA ALA B 176 -14.38 35.51 -19.14
C ALA B 176 -14.24 34.13 -18.51
N ARG B 177 -15.30 33.65 -17.87
CA ARG B 177 -15.28 32.32 -17.26
C ARG B 177 -15.13 31.22 -18.31
N ASP B 178 -15.80 31.37 -19.45
CA ASP B 178 -15.64 30.40 -20.53
C ASP B 178 -14.21 30.39 -21.03
N ALA B 179 -13.61 31.57 -21.21
CA ALA B 179 -12.21 31.63 -21.65
C ALA B 179 -11.29 30.99 -20.62
N ALA B 180 -11.52 31.27 -19.34
CA ALA B 180 -10.69 30.70 -18.28
C ALA B 180 -10.84 29.18 -18.22
N ARG B 181 -12.07 28.68 -18.38
CA ARG B 181 -12.28 27.23 -18.38
C ARG B 181 -11.60 26.58 -19.58
N VAL B 182 -11.65 27.24 -20.74
CA VAL B 182 -10.97 26.71 -21.92
C VAL B 182 -9.46 26.63 -21.67
N GLN B 183 -8.89 27.69 -21.09
CA GLN B 183 -7.46 27.68 -20.80
C GLN B 183 -7.11 26.58 -19.79
N VAL B 184 -7.94 26.42 -18.76
CA VAL B 184 -7.69 25.39 -17.76
C VAL B 184 -7.75 24.01 -18.38
N ALA B 185 -8.75 23.77 -19.24
CA ALA B 185 -8.87 22.47 -19.90
C ALA B 185 -7.69 22.20 -20.82
N SER B 186 -7.23 23.23 -21.55
CA SER B 186 -6.09 23.06 -22.43
C SER B 186 -4.83 22.74 -21.63
N THR B 187 -4.60 23.46 -20.54
CA THR B 187 -3.43 23.18 -19.70
C THR B 187 -3.51 21.80 -19.08
N LEU B 188 -4.70 21.39 -18.64
CA LEU B 188 -4.87 20.07 -18.07
C LEU B 188 -4.59 18.99 -19.11
N SER B 189 -5.06 19.19 -20.34
CA SER B 189 -4.78 18.24 -21.41
C SER B 189 -3.29 18.16 -21.70
N VAL B 190 -2.61 19.30 -21.73
CA VAL B 190 -1.17 19.31 -21.99
C VAL B 190 -0.43 18.55 -20.88
N LEU B 191 -0.80 18.82 -19.62
CA LEU B 191 -0.13 18.15 -18.51
C LEU B 191 -0.40 16.66 -18.49
N VAL B 192 -1.64 16.26 -18.77
CA VAL B 192 -1.98 14.84 -18.83
C VAL B 192 -1.22 14.15 -19.95
N GLY B 193 -1.12 14.79 -21.11
CA GLY B 193 -0.36 14.22 -22.21
C GLY B 193 1.11 14.08 -21.87
N LEU B 194 1.69 15.08 -21.22
CA LEU B 194 3.09 14.98 -20.81
C LEU B 194 3.30 13.85 -19.82
N PHE B 195 2.39 13.73 -18.85
CA PHE B 195 2.50 12.63 -17.87
C PHE B 195 2.42 11.27 -18.56
N GLN B 196 1.47 11.12 -19.49
CA GLN B 196 1.30 9.83 -20.16
C GLN B 196 2.49 9.51 -21.04
N VAL B 197 3.02 10.50 -21.77
CA VAL B 197 4.18 10.27 -22.60
C VAL B 197 5.38 9.88 -21.74
N GLY B 198 5.58 10.59 -20.63
CA GLY B 198 6.68 10.25 -19.73
C GLY B 198 6.55 8.84 -19.17
N LEU B 199 5.35 8.45 -18.75
CA LEU B 199 5.15 7.10 -18.24
C LEU B 199 5.38 6.05 -19.32
N GLY B 200 4.93 6.34 -20.55
CA GLY B 200 5.13 5.39 -21.63
C GLY B 200 6.58 5.21 -22.01
N LEU B 201 7.35 6.31 -21.99
CA LEU B 201 8.76 6.22 -22.37
C LEU B 201 9.56 5.39 -21.35
N ILE B 202 9.19 5.46 -20.08
CA ILE B 202 9.86 4.68 -19.04
C ILE B 202 9.20 3.31 -18.96
N HIS B 203 8.31 3.03 -19.91
CA HIS B 203 7.62 1.74 -20.02
C HIS B 203 6.84 1.42 -18.74
N PHE B 204 6.22 2.44 -18.15
CA PHE B 204 5.37 2.25 -16.98
C PHE B 204 3.92 2.01 -17.40
N GLY B 205 3.75 1.05 -18.31
CA GLY B 205 2.43 0.63 -18.74
C GLY B 205 1.77 -0.37 -17.83
N PHE B 206 2.46 -0.81 -16.78
CA PHE B 206 1.92 -1.74 -15.80
C PHE B 206 1.30 -1.03 -14.61
N VAL B 207 1.26 0.29 -14.61
CA VAL B 207 0.63 1.03 -13.52
C VAL B 207 -0.87 0.75 -13.45
N VAL B 208 -1.46 0.25 -14.55
CA VAL B 208 -2.88 -0.09 -14.54
C VAL B 208 -3.16 -1.31 -13.67
N THR B 209 -2.19 -2.22 -13.52
CA THR B 209 -2.45 -3.45 -12.78
C THR B 209 -2.70 -3.20 -11.29
N TYR B 210 -2.31 -2.02 -10.78
CA TYR B 210 -2.68 -1.66 -9.41
C TYR B 210 -4.17 -1.44 -9.27
N LEU B 211 -4.82 -0.97 -10.34
CA LEU B 211 -6.26 -0.72 -10.35
C LEU B 211 -6.98 -2.03 -10.64
N SER B 212 -7.43 -2.70 -9.60
CA SER B 212 -8.15 -3.95 -9.76
C SER B 212 -9.54 -3.70 -10.36
N GLU B 213 -10.13 -4.77 -10.88
CA GLU B 213 -11.44 -4.66 -11.52
C GLU B 213 -12.52 -4.13 -10.58
N PRO B 214 -12.65 -4.61 -9.33
CA PRO B 214 -13.65 -3.99 -8.43
C PRO B 214 -13.43 -2.51 -8.22
N LEU B 215 -12.18 -2.08 -8.09
CA LEU B 215 -11.89 -0.66 -7.88
C LEU B 215 -12.33 0.16 -9.10
N VAL B 216 -11.99 -0.31 -10.30
CA VAL B 216 -12.37 0.42 -11.51
C VAL B 216 -13.88 0.44 -11.67
N ARG B 217 -14.55 -0.67 -11.38
CA ARG B 217 -16.00 -0.71 -11.51
C ARG B 217 -16.67 0.25 -10.53
N GLY B 218 -16.20 0.27 -9.28
CA GLY B 218 -16.76 1.21 -8.32
C GLY B 218 -16.50 2.65 -8.72
N TYR B 219 -15.29 2.94 -9.21
CA TYR B 219 -14.98 4.29 -9.65
C TYR B 219 -15.86 4.72 -10.81
N THR B 220 -16.10 3.82 -11.78
CA THR B 220 -16.95 4.15 -12.91
C THR B 220 -18.40 4.34 -12.48
N THR B 221 -18.89 3.51 -11.56
CA THR B 221 -20.27 3.68 -11.08
C THR B 221 -20.42 5.00 -10.35
N ALA B 222 -19.46 5.36 -9.50
CA ALA B 222 -19.53 6.65 -8.83
C ALA B 222 -19.41 7.81 -9.80
N ALA B 223 -18.60 7.66 -10.85
CA ALA B 223 -18.52 8.69 -11.88
C ALA B 223 -19.85 8.85 -12.60
N ALA B 224 -20.55 7.74 -12.86
CA ALA B 224 -21.88 7.83 -13.45
C ALA B 224 -22.86 8.54 -12.53
N VAL B 225 -22.79 8.25 -11.23
CA VAL B 225 -23.64 8.95 -10.27
C VAL B 225 -23.34 10.44 -10.28
N GLN B 226 -22.05 10.78 -10.27
CA GLN B 226 -21.62 12.20 -10.36
C GLN B 226 -22.24 12.83 -11.60
N VAL B 227 -22.10 12.17 -12.76
CA VAL B 227 -22.58 12.72 -14.02
C VAL B 227 -24.08 12.95 -13.96
N PHE B 228 -24.82 11.98 -13.41
CA PHE B 228 -26.27 12.14 -13.29
C PHE B 228 -26.62 13.32 -12.41
N VAL B 229 -25.93 13.49 -11.28
CA VAL B 229 -26.21 14.61 -10.40
C VAL B 229 -25.89 15.93 -11.08
N SER B 230 -24.77 15.99 -11.81
CA SER B 230 -24.41 17.22 -12.51
C SER B 230 -25.42 17.57 -13.59
N GLN B 231 -25.88 16.56 -14.34
CA GLN B 231 -26.83 16.79 -15.41
C GLN B 231 -28.26 17.01 -14.92
N LEU B 232 -28.56 16.72 -13.65
CA LEU B 232 -29.85 17.10 -13.09
C LEU B 232 -30.09 18.59 -13.21
N LYS B 233 -29.03 19.39 -13.06
CA LYS B 233 -29.17 20.84 -13.16
C LYS B 233 -29.65 21.26 -14.54
N TYR B 234 -29.08 20.67 -15.60
CA TYR B 234 -29.50 21.00 -16.95
C TYR B 234 -30.85 20.39 -17.30
N VAL B 235 -31.18 19.23 -16.74
CA VAL B 235 -32.48 18.61 -17.02
C VAL B 235 -33.60 19.43 -16.40
N PHE B 236 -33.46 19.83 -15.14
CA PHE B 236 -34.50 20.61 -14.49
C PHE B 236 -34.47 22.08 -14.94
N GLY B 237 -33.28 22.63 -15.16
CA GLY B 237 -33.13 24.03 -15.51
C GLY B 237 -32.76 24.92 -14.36
N LEU B 238 -32.45 24.36 -13.20
CA LEU B 238 -32.15 25.16 -12.02
C LEU B 238 -30.81 25.88 -12.18
N HIS B 239 -30.68 27.01 -11.49
CA HIS B 239 -29.42 27.73 -11.38
C HIS B 239 -28.82 27.41 -10.02
N LEU B 240 -27.60 26.87 -10.03
CA LEU B 240 -26.97 26.36 -8.82
C LEU B 240 -25.56 26.91 -8.69
N SER B 241 -25.10 27.04 -7.45
CA SER B 241 -23.73 27.45 -7.20
C SER B 241 -22.77 26.31 -7.49
N SER B 242 -21.52 26.67 -7.79
CA SER B 242 -20.49 25.68 -8.13
C SER B 242 -19.90 25.12 -6.83
N HIS B 243 -20.30 23.91 -6.48
CA HIS B 243 -19.74 23.24 -5.32
C HIS B 243 -18.40 22.60 -5.67
N SER B 244 -17.52 22.54 -4.68
CA SER B 244 -16.19 21.97 -4.88
C SER B 244 -15.70 21.40 -3.57
N GLY B 245 -14.71 20.50 -3.67
CA GLY B 245 -14.14 19.87 -2.51
C GLY B 245 -14.95 18.67 -2.06
N PRO B 246 -14.65 18.18 -0.85
CA PRO B 246 -15.37 17.00 -0.33
C PRO B 246 -16.84 17.30 -0.11
N LEU B 247 -17.65 16.25 -0.22
CA LEU B 247 -19.10 16.31 0.01
C LEU B 247 -19.78 17.27 -0.97
N SER B 248 -19.22 17.43 -2.16
CA SER B 248 -19.84 18.28 -3.17
C SER B 248 -21.12 17.66 -3.70
N LEU B 249 -21.13 16.34 -3.87
CA LEU B 249 -22.30 15.66 -4.43
C LEU B 249 -23.52 15.82 -3.53
N ILE B 250 -23.34 15.65 -2.22
CA ILE B 250 -24.45 15.77 -1.28
C ILE B 250 -25.01 17.19 -1.30
N TYR B 251 -24.12 18.19 -1.29
CA TYR B 251 -24.58 19.57 -1.33
C TYR B 251 -25.33 19.87 -2.63
N THR B 252 -24.83 19.36 -3.76
CA THR B 252 -25.50 19.59 -5.03
C THR B 252 -26.88 18.95 -5.05
N VAL B 253 -27.00 17.72 -4.55
CA VAL B 253 -28.29 17.05 -4.50
C VAL B 253 -29.26 17.80 -3.59
N LEU B 254 -28.77 18.24 -2.43
CA LEU B 254 -29.63 18.98 -1.51
C LEU B 254 -30.10 20.30 -2.13
N GLU B 255 -29.21 21.01 -2.83
CA GLU B 255 -29.61 22.25 -3.49
C GLU B 255 -30.61 21.99 -4.60
N VAL B 256 -30.44 20.91 -5.36
CA VAL B 256 -31.40 20.57 -6.41
C VAL B 256 -32.77 20.30 -5.80
N CYS B 257 -32.80 19.53 -4.71
CA CYS B 257 -34.07 19.26 -4.04
C CYS B 257 -34.69 20.53 -3.50
N TRP B 258 -33.87 21.44 -2.95
CA TRP B 258 -34.38 22.68 -2.38
C TRP B 258 -34.99 23.56 -3.47
N LYS B 259 -34.34 23.66 -4.62
CA LYS B 259 -34.79 24.52 -5.70
C LYS B 259 -35.67 23.81 -6.72
N LEU B 260 -36.07 22.57 -6.45
CA LEU B 260 -36.89 21.81 -7.38
C LEU B 260 -38.17 22.51 -7.82
N PRO B 261 -38.93 23.20 -6.94
CA PRO B 261 -40.17 23.84 -7.42
C PRO B 261 -39.93 24.91 -8.48
N GLN B 262 -38.72 25.44 -8.61
CA GLN B 262 -38.42 26.46 -9.60
C GLN B 262 -38.06 25.87 -10.98
N SER B 263 -38.11 24.56 -11.13
CA SER B 263 -37.75 23.93 -12.40
C SER B 263 -38.70 24.37 -13.50
N LYS B 264 -38.13 24.72 -14.66
CA LYS B 264 -38.94 25.12 -15.80
C LYS B 264 -39.66 23.92 -16.39
N VAL B 265 -40.94 24.10 -16.73
CA VAL B 265 -41.73 23.00 -17.25
C VAL B 265 -41.26 22.61 -18.65
N GLY B 266 -40.97 23.60 -19.48
CA GLY B 266 -40.56 23.31 -20.85
C GLY B 266 -39.26 22.53 -20.93
N THR B 267 -38.29 22.90 -20.10
CA THR B 267 -37.01 22.19 -20.09
C THR B 267 -37.20 20.74 -19.67
N VAL B 268 -37.99 20.51 -18.63
CA VAL B 268 -38.24 19.14 -18.17
C VAL B 268 -38.95 18.34 -19.24
N VAL B 269 -39.94 18.94 -19.90
CA VAL B 269 -40.68 18.23 -20.95
C VAL B 269 -39.74 17.87 -22.09
N THR B 270 -38.88 18.81 -22.51
CA THR B 270 -37.96 18.53 -23.60
C THR B 270 -36.97 17.44 -23.22
N ALA B 271 -36.43 17.49 -22.00
CA ALA B 271 -35.50 16.46 -21.56
C ALA B 271 -36.18 15.09 -21.51
N ALA B 272 -37.42 15.04 -21.02
CA ALA B 272 -38.13 13.77 -20.96
C ALA B 272 -38.40 13.22 -22.35
N VAL B 273 -38.80 14.08 -23.29
CA VAL B 273 -39.05 13.63 -24.65
C VAL B 273 -37.77 13.10 -25.28
N ALA B 274 -36.66 13.82 -25.10
CA ALA B 274 -35.39 13.37 -25.67
C ALA B 274 -34.96 12.03 -25.06
N GLY B 275 -35.11 11.88 -23.75
CA GLY B 275 -34.75 10.62 -23.12
C GLY B 275 -35.62 9.47 -23.60
N VAL B 276 -36.92 9.70 -23.74
CA VAL B 276 -37.82 8.65 -24.22
C VAL B 276 -37.45 8.26 -25.64
N VAL B 277 -37.17 9.24 -26.50
CA VAL B 277 -36.80 8.93 -27.89
C VAL B 277 -35.51 8.13 -27.92
N LEU B 278 -34.51 8.54 -27.14
CA LEU B 278 -33.24 7.84 -27.13
C LEU B 278 -33.41 6.40 -26.63
N VAL B 279 -34.18 6.21 -25.56
CA VAL B 279 -34.39 4.88 -25.01
C VAL B 279 -35.11 4.00 -26.02
N VAL B 280 -36.14 4.54 -26.68
CA VAL B 280 -36.90 3.75 -27.65
C VAL B 280 -36.01 3.35 -28.82
N VAL B 281 -35.22 4.29 -29.33
CA VAL B 281 -34.35 3.98 -30.47
C VAL B 281 -33.30 2.96 -30.08
N LYS B 282 -32.69 3.12 -28.90
CA LYS B 282 -31.66 2.17 -28.48
C LYS B 282 -32.24 0.77 -28.29
N LEU B 283 -33.41 0.67 -27.65
CA LEU B 283 -34.04 -0.63 -27.47
C LEU B 283 -34.39 -1.27 -28.82
N LEU B 284 -34.93 -0.47 -29.74
CA LEU B 284 -35.27 -1.00 -31.06
C LEU B 284 -34.02 -1.51 -31.77
N ASN B 285 -32.94 -0.73 -31.73
CA ASN B 285 -31.70 -1.15 -32.39
C ASN B 285 -31.14 -2.42 -31.76
N ASP B 286 -31.19 -2.51 -30.43
CA ASP B 286 -30.69 -3.71 -29.76
C ASP B 286 -31.52 -4.94 -30.11
N LYS B 287 -32.84 -4.76 -30.26
CA LYS B 287 -33.73 -5.89 -30.49
C LYS B 287 -33.81 -6.32 -31.95
N LEU B 288 -33.27 -5.54 -32.88
CA LEU B 288 -33.18 -6.06 -34.27
C LEU B 288 -31.81 -5.70 -34.87
N GLN B 289 -30.76 -5.88 -34.07
CA GLN B 289 -29.41 -5.54 -34.52
C GLN B 289 -28.98 -6.40 -35.71
N GLN B 290 -29.45 -7.65 -35.78
CA GLN B 290 -29.04 -8.53 -36.87
C GLN B 290 -29.56 -8.04 -38.22
N GLN B 291 -30.73 -7.41 -38.25
CA GLN B 291 -31.33 -7.01 -39.52
C GLN B 291 -30.57 -5.85 -40.15
N LEU B 292 -30.25 -4.83 -39.35
CA LEU B 292 -29.60 -3.64 -39.88
C LEU B 292 -28.09 -3.77 -39.74
N PRO B 293 -27.33 -3.61 -40.82
CA PRO B 293 -25.86 -3.73 -40.70
C PRO B 293 -25.25 -2.69 -39.77
N MET B 294 -25.82 -1.49 -39.68
CA MET B 294 -25.29 -0.45 -38.83
C MET B 294 -26.35 0.05 -37.88
N PRO B 295 -25.97 0.47 -36.67
CA PRO B 295 -26.95 0.95 -35.71
C PRO B 295 -27.64 2.21 -36.18
N ILE B 296 -28.89 2.36 -35.77
CA ILE B 296 -29.67 3.56 -36.11
C ILE B 296 -29.04 4.78 -35.44
N PRO B 297 -28.79 5.87 -36.17
CA PRO B 297 -28.20 7.06 -35.55
C PRO B 297 -29.19 7.75 -34.62
N GLY B 298 -29.47 7.12 -33.48
CA GLY B 298 -30.50 7.65 -32.59
C GLY B 298 -30.12 8.99 -31.99
N GLU B 299 -28.87 9.12 -31.53
CA GLU B 299 -28.45 10.37 -30.92
C GLU B 299 -28.42 11.51 -31.92
N LEU B 300 -27.92 11.25 -33.14
CA LEU B 300 -27.90 12.28 -34.17
C LEU B 300 -29.31 12.68 -34.58
N LEU B 301 -30.21 11.71 -34.74
CA LEU B 301 -31.58 12.02 -35.08
C LEU B 301 -32.25 12.82 -33.98
N THR B 302 -32.00 12.47 -32.72
CA THR B 302 -32.55 13.22 -31.60
C THR B 302 -32.03 14.66 -31.60
N LEU B 303 -30.73 14.84 -31.85
CA LEU B 303 -30.17 16.18 -31.88
C LEU B 303 -30.78 17.02 -33.00
N ILE B 304 -30.89 16.43 -34.19
CA ILE B 304 -31.45 17.16 -35.33
C ILE B 304 -32.91 17.52 -35.07
N GLY B 305 -33.69 16.56 -34.55
CA GLY B 305 -35.08 16.83 -34.25
C GLY B 305 -35.26 17.90 -33.20
N ALA B 306 -34.43 17.85 -32.15
CA ALA B 306 -34.51 18.87 -31.10
C ALA B 306 -34.16 20.25 -31.66
N THR B 307 -33.12 20.33 -32.49
CA THR B 307 -32.76 21.61 -33.08
C THR B 307 -33.89 22.15 -33.98
N GLY B 308 -34.48 21.28 -34.80
CA GLY B 308 -35.56 21.70 -35.65
C GLY B 308 -36.78 22.16 -34.89
N ILE B 309 -37.15 21.41 -33.84
CA ILE B 309 -38.31 21.78 -33.03
C ILE B 309 -38.07 23.09 -32.31
N SER B 310 -36.86 23.28 -31.77
CA SER B 310 -36.54 24.53 -31.08
C SER B 310 -36.57 25.71 -32.04
N TYR B 311 -36.07 25.52 -33.26
CA TYR B 311 -36.14 26.59 -34.25
C TYR B 311 -37.58 26.90 -34.63
N GLY B 312 -38.40 25.86 -34.82
CA GLY B 312 -39.78 26.07 -35.24
C GLY B 312 -40.74 26.45 -34.14
N MET B 313 -40.31 26.42 -32.88
CA MET B 313 -41.18 26.79 -31.77
C MET B 313 -40.65 27.95 -30.94
N GLY B 314 -39.42 28.40 -31.15
CA GLY B 314 -38.86 29.49 -30.37
C GLY B 314 -38.78 29.18 -28.89
N LEU B 315 -38.22 28.01 -28.56
CA LEU B 315 -38.18 27.58 -27.16
C LEU B 315 -37.37 28.54 -26.31
N LYS B 316 -36.25 29.03 -26.82
CA LYS B 316 -35.43 29.96 -26.05
C LYS B 316 -36.17 31.27 -25.79
N HIS B 317 -36.84 31.81 -26.80
CA HIS B 317 -37.51 33.09 -26.64
C HIS B 317 -38.80 32.97 -25.83
N ARG B 318 -39.60 31.93 -26.09
CA ARG B 318 -40.92 31.80 -25.48
C ARG B 318 -40.88 31.06 -24.15
N PHE B 319 -40.40 29.82 -24.16
CA PHE B 319 -40.39 28.98 -22.98
C PHE B 319 -39.11 29.12 -22.16
N GLU B 320 -38.17 29.96 -22.59
CA GLU B 320 -36.93 30.21 -21.88
C GLU B 320 -36.14 28.92 -21.63
N VAL B 321 -36.10 28.06 -22.64
CA VAL B 321 -35.31 26.83 -22.57
C VAL B 321 -33.87 27.14 -22.96
N ASP B 322 -32.93 26.63 -22.17
CA ASP B 322 -31.52 26.91 -22.42
C ASP B 322 -31.06 26.30 -23.73
N VAL B 323 -30.18 27.01 -24.43
CA VAL B 323 -29.61 26.56 -25.69
C VAL B 323 -28.09 26.55 -25.55
N VAL B 324 -27.43 25.83 -26.47
CA VAL B 324 -25.98 25.71 -26.41
C VAL B 324 -25.32 27.06 -26.66
N GLY B 325 -25.82 27.83 -27.63
CA GLY B 325 -25.28 29.13 -27.93
C GLY B 325 -24.69 29.18 -29.34
N ASN B 326 -23.65 29.99 -29.49
CA ASN B 326 -23.01 30.22 -30.78
C ASN B 326 -21.79 29.31 -30.90
N ILE B 327 -21.70 28.59 -32.01
CA ILE B 327 -20.61 27.68 -32.30
C ILE B 327 -19.75 28.33 -33.38
N PRO B 328 -18.51 28.73 -33.08
CA PRO B 328 -17.65 29.31 -34.12
C PRO B 328 -17.28 28.29 -35.17
N ALA B 329 -17.05 28.78 -36.39
CA ALA B 329 -16.70 27.95 -37.53
C ALA B 329 -15.26 28.22 -37.91
N GLY B 330 -14.46 27.16 -38.00
CA GLY B 330 -13.06 27.25 -38.35
C GLY B 330 -12.19 26.52 -37.35
N LEU B 331 -10.89 26.68 -37.51
CA LEU B 331 -9.91 26.05 -36.64
C LEU B 331 -9.22 27.11 -35.79
N VAL B 332 -9.25 26.92 -34.48
CA VAL B 332 -8.61 27.88 -33.56
C VAL B 332 -7.10 27.73 -33.66
N PRO B 333 -6.36 28.84 -33.78
CA PRO B 333 -4.90 28.73 -33.80
C PRO B 333 -4.38 28.16 -32.50
N PRO B 334 -3.24 27.47 -32.53
CA PRO B 334 -2.72 26.86 -31.31
C PRO B 334 -2.44 27.89 -30.23
N VAL B 335 -2.71 27.50 -28.98
CA VAL B 335 -2.49 28.35 -27.81
C VAL B 335 -1.57 27.62 -26.86
N ALA B 336 -0.49 28.28 -26.47
CA ALA B 336 0.45 27.67 -25.54
C ALA B 336 -0.21 27.52 -24.16
N PRO B 337 0.09 26.45 -23.44
CA PRO B 337 -0.51 26.26 -22.12
C PRO B 337 -0.05 27.32 -21.13
N ASN B 338 -0.93 27.64 -20.18
CA ASN B 338 -0.62 28.59 -19.13
C ASN B 338 0.07 27.84 -17.99
N THR B 339 1.38 28.02 -17.86
CA THR B 339 2.15 27.32 -16.86
C THR B 339 1.79 27.71 -15.43
N GLN B 340 1.13 28.85 -15.26
CA GLN B 340 0.86 29.35 -13.88
C GLN B 340 -0.17 28.43 -13.21
N LEU B 341 -0.91 27.65 -13.99
CA LEU B 341 -1.89 26.73 -13.45
C LEU B 341 -1.30 25.34 -13.17
N PHE B 342 -0.04 25.11 -13.51
CA PHE B 342 0.55 23.79 -13.33
C PHE B 342 0.49 23.33 -11.88
N SER B 343 0.62 24.27 -10.93
CA SER B 343 0.53 23.90 -9.52
C SER B 343 -0.87 23.41 -9.18
N LYS B 344 -1.89 24.05 -9.74
CA LYS B 344 -3.27 23.71 -9.37
C LYS B 344 -3.72 22.40 -10.01
N LEU B 345 -3.28 22.14 -11.24
CA LEU B 345 -3.83 21.02 -11.99
C LEU B 345 -3.10 19.71 -11.75
N VAL B 346 -1.83 19.76 -11.34
CA VAL B 346 -1.00 18.55 -11.31
C VAL B 346 -1.61 17.48 -10.43
N GLY B 347 -2.10 17.87 -9.25
CA GLY B 347 -2.69 16.89 -8.35
C GLY B 347 -3.88 16.18 -8.98
N SER B 348 -4.66 16.90 -9.78
CA SER B 348 -5.77 16.30 -10.50
C SER B 348 -5.41 15.91 -11.93
N ALA B 349 -4.18 16.14 -12.36
CA ALA B 349 -3.80 15.80 -13.73
C ALA B 349 -3.41 14.34 -13.84
N PHE B 350 -2.35 13.94 -13.12
CA PHE B 350 -1.83 12.57 -13.21
C PHE B 350 -2.96 11.55 -13.00
N THR B 351 -3.73 11.72 -11.94
CA THR B 351 -4.89 10.88 -11.68
C THR B 351 -5.71 10.67 -12.96
N ILE B 352 -6.17 11.77 -13.56
CA ILE B 352 -6.99 11.67 -14.76
C ILE B 352 -6.29 10.83 -15.81
N ALA B 353 -5.02 11.14 -16.06
CA ALA B 353 -4.23 10.39 -17.03
C ALA B 353 -4.36 8.90 -16.78
N VAL B 354 -4.03 8.48 -15.54
CA VAL B 354 -4.04 7.06 -15.22
C VAL B 354 -5.40 6.48 -15.55
N VAL B 355 -6.46 7.15 -15.10
CA VAL B 355 -7.81 6.63 -15.30
C VAL B 355 -8.04 6.38 -16.78
N GLY B 356 -7.77 7.40 -17.60
CA GLY B 356 -7.96 7.23 -19.03
C GLY B 356 -7.18 6.03 -19.54
N PHE B 357 -5.88 6.03 -19.27
CA PHE B 357 -5.01 4.89 -19.68
C PHE B 357 -5.70 3.57 -19.30
N ALA B 358 -6.12 3.43 -18.05
CA ALA B 358 -6.75 2.20 -17.59
C ALA B 358 -7.85 1.79 -18.55
N ILE B 359 -8.83 2.66 -18.75
CA ILE B 359 -9.97 2.32 -19.61
C ILE B 359 -9.46 1.91 -20.98
N ALA B 360 -8.56 2.72 -21.55
CA ALA B 360 -8.06 2.43 -22.88
C ALA B 360 -7.52 1.02 -22.95
N ILE B 361 -6.62 0.68 -22.02
CA ILE B 361 -5.99 -0.62 -22.06
C ILE B 361 -7.05 -1.70 -22.06
N SER B 362 -8.02 -1.60 -21.15
CA SER B 362 -9.04 -2.62 -21.05
C SER B 362 -9.68 -2.87 -22.40
N LEU B 363 -10.17 -1.80 -23.03
CA LEU B 363 -10.84 -1.98 -24.31
C LEU B 363 -9.93 -2.67 -25.29
N GLY B 364 -8.71 -2.16 -25.43
CA GLY B 364 -7.80 -2.76 -26.40
C GLY B 364 -7.62 -4.24 -26.14
N LYS B 365 -7.36 -4.59 -24.87
CA LYS B 365 -7.11 -5.98 -24.56
C LYS B 365 -8.32 -6.83 -24.91
N ILE B 366 -9.53 -6.34 -24.60
CA ILE B 366 -10.73 -7.09 -24.95
C ILE B 366 -10.76 -7.35 -26.44
N PHE B 367 -10.57 -6.28 -27.23
CA PHE B 367 -10.63 -6.46 -28.68
C PHE B 367 -9.45 -7.29 -29.16
N ALA B 368 -8.33 -7.25 -28.43
CA ALA B 368 -7.23 -8.16 -28.74
C ALA B 368 -7.72 -9.59 -28.72
N LEU B 369 -8.39 -9.98 -27.62
CA LEU B 369 -8.89 -11.34 -27.50
C LEU B 369 -9.96 -11.65 -28.53
N ARG B 370 -10.50 -10.63 -29.21
CA ARG B 370 -11.50 -10.85 -30.24
C ARG B 370 -10.91 -10.87 -31.64
N HIS B 371 -9.63 -10.50 -31.81
CA HIS B 371 -9.06 -10.45 -33.15
C HIS B 371 -7.63 -10.97 -33.23
N GLY B 372 -7.09 -11.55 -32.15
CA GLY B 372 -5.81 -12.21 -32.21
C GLY B 372 -4.62 -11.35 -32.57
N TYR B 373 -4.51 -10.18 -31.95
CA TYR B 373 -3.33 -9.34 -32.09
C TYR B 373 -2.97 -8.78 -30.72
N ARG B 374 -1.73 -8.34 -30.58
CA ARG B 374 -1.20 -7.83 -29.33
C ARG B 374 -1.19 -6.31 -29.33
N VAL B 375 -1.70 -5.72 -28.25
CA VAL B 375 -1.75 -4.28 -28.08
C VAL B 375 -0.70 -3.90 -27.03
N ASP B 376 0.31 -3.13 -27.45
CA ASP B 376 1.38 -2.76 -26.54
C ASP B 376 0.89 -1.68 -25.58
N SER B 377 1.01 -1.95 -24.29
CA SER B 377 0.54 -0.99 -23.28
C SER B 377 1.35 0.30 -23.31
N ASN B 378 2.67 0.19 -23.43
CA ASN B 378 3.52 1.37 -23.44
C ASN B 378 3.24 2.24 -24.67
N GLN B 379 3.10 1.61 -25.83
CA GLN B 379 2.81 2.37 -27.05
C GLN B 379 1.43 3.00 -26.98
N GLU B 380 0.45 2.30 -26.39
CA GLU B 380 -0.86 2.89 -26.20
C GLU B 380 -0.79 4.12 -25.29
N LEU B 381 -0.03 4.01 -24.21
CA LEU B 381 0.14 5.16 -23.31
C LEU B 381 0.79 6.33 -24.02
N VAL B 382 1.83 6.05 -24.82
CA VAL B 382 2.49 7.12 -25.57
C VAL B 382 1.54 7.76 -26.57
N ALA B 383 0.75 6.94 -27.26
CA ALA B 383 -0.19 7.48 -28.26
C ALA B 383 -1.25 8.36 -27.59
N LEU B 384 -1.80 7.90 -26.47
CA LEU B 384 -2.80 8.69 -25.77
C LEU B 384 -2.19 9.98 -25.23
N GLY B 385 -0.97 9.92 -24.72
CA GLY B 385 -0.30 11.12 -24.25
C GLY B 385 -0.05 12.13 -25.36
N LEU B 386 0.42 11.65 -26.51
CA LEU B 386 0.64 12.55 -27.64
C LEU B 386 -0.67 13.15 -28.12
N SER B 387 -1.73 12.35 -28.17
CA SER B 387 -3.03 12.86 -28.57
C SER B 387 -3.51 13.95 -27.62
N ASN B 388 -3.40 13.71 -26.31
CA ASN B 388 -3.82 14.71 -25.33
C ASN B 388 -2.97 15.96 -25.42
N LEU B 389 -1.67 15.82 -25.63
CA LEU B 389 -0.78 16.98 -25.72
C LEU B 389 -1.12 17.82 -26.94
N ILE B 390 -1.30 17.17 -28.10
CA ILE B 390 -1.61 17.92 -29.31
C ILE B 390 -2.99 18.56 -29.21
N GLY B 391 -3.93 17.89 -28.55
CA GLY B 391 -5.22 18.50 -28.31
C GLY B 391 -5.13 19.72 -27.42
N GLY B 392 -4.37 19.62 -26.33
CA GLY B 392 -4.18 20.76 -25.45
C GLY B 392 -3.51 21.92 -26.14
N ILE B 393 -2.57 21.64 -27.05
CA ILE B 393 -1.99 22.72 -27.85
C ILE B 393 -3.05 23.34 -28.75
N PHE B 394 -3.98 22.54 -29.26
CA PHE B 394 -5.00 22.98 -30.20
C PHE B 394 -6.37 23.14 -29.55
N GLN B 395 -6.42 23.63 -28.31
CA GLN B 395 -7.67 23.98 -27.64
C GLN B 395 -8.61 22.79 -27.48
N CYS B 396 -8.17 21.79 -26.73
CA CYS B 396 -8.98 20.60 -26.47
C CYS B 396 -8.83 20.19 -25.00
N PHE B 397 -9.55 19.15 -24.61
CA PHE B 397 -9.57 18.65 -23.25
C PHE B 397 -9.32 17.15 -23.27
N PRO B 398 -8.89 16.57 -22.13
CA PRO B 398 -8.43 15.17 -22.14
C PRO B 398 -9.47 14.21 -22.69
N VAL B 399 -8.99 13.21 -23.43
CA VAL B 399 -9.84 12.27 -24.15
C VAL B 399 -9.46 10.85 -23.76
N SER B 400 -10.36 9.92 -24.07
CA SER B 400 -10.14 8.49 -23.82
C SER B 400 -10.91 7.72 -24.89
N CYS B 401 -11.14 6.44 -24.64
CA CYS B 401 -11.92 5.60 -25.55
C CYS B 401 -13.26 5.26 -24.93
N SER B 402 -14.29 5.15 -25.77
CA SER B 402 -15.65 4.87 -25.33
C SER B 402 -16.01 3.43 -25.67
N MET B 403 -16.66 2.74 -24.73
CA MET B 403 -16.99 1.34 -24.94
C MET B 403 -18.07 1.17 -25.99
N SER B 404 -19.16 1.94 -25.88
CA SER B 404 -20.26 1.82 -26.84
C SER B 404 -19.81 2.21 -28.24
N ARG B 405 -19.03 3.29 -28.35
CA ARG B 405 -18.54 3.73 -29.64
C ARG B 405 -17.62 2.69 -30.27
N SER B 406 -16.74 2.07 -29.45
CA SER B 406 -15.87 1.03 -29.97
C SER B 406 -16.66 -0.20 -30.42
N LEU B 407 -17.70 -0.56 -29.66
CA LEU B 407 -18.54 -1.68 -30.06
C LEU B 407 -19.25 -1.39 -31.37
N VAL B 408 -19.75 -0.17 -31.55
CA VAL B 408 -20.40 0.20 -32.80
C VAL B 408 -19.40 0.17 -33.95
N GLN B 409 -18.18 0.65 -33.71
CA GLN B 409 -17.14 0.60 -34.74
C GLN B 409 -16.82 -0.83 -35.14
N GLU B 410 -16.73 -1.73 -34.16
CA GLU B 410 -16.50 -3.14 -34.46
C GLU B 410 -17.65 -3.74 -35.25
N SER B 411 -18.89 -3.44 -34.83
CA SER B 411 -20.06 -4.07 -35.45
C SER B 411 -20.24 -3.59 -36.89
N THR B 412 -20.01 -2.30 -37.15
CA THR B 412 -20.21 -1.76 -38.48
C THR B 412 -19.26 -2.34 -39.51
N GLY B 413 -18.14 -2.93 -39.07
CA GLY B 413 -17.23 -3.56 -39.99
C GLY B 413 -15.86 -2.91 -40.04
N GLY B 414 -15.45 -2.29 -38.94
CA GLY B 414 -14.14 -1.68 -38.88
C GLY B 414 -13.05 -2.71 -38.64
N ASN B 415 -11.91 -2.50 -39.30
CA ASN B 415 -10.78 -3.40 -39.17
C ASN B 415 -9.44 -2.69 -39.02
N SER B 416 -9.43 -1.37 -38.99
CA SER B 416 -8.19 -0.61 -38.84
C SER B 416 -8.52 0.76 -38.27
N GLN B 417 -7.47 1.48 -37.86
CA GLN B 417 -7.62 2.84 -37.37
C GLN B 417 -7.99 3.83 -38.46
N VAL B 418 -7.86 3.44 -39.74
CA VAL B 418 -8.25 4.32 -40.84
C VAL B 418 -9.69 4.78 -40.66
N ALA B 419 -10.57 3.85 -40.29
CA ALA B 419 -11.96 4.21 -40.01
C ALA B 419 -12.04 5.38 -39.04
N GLY B 420 -11.33 5.27 -37.91
CA GLY B 420 -11.31 6.37 -36.96
C GLY B 420 -10.83 7.65 -37.60
N ALA B 421 -9.76 7.57 -38.40
CA ALA B 421 -9.27 8.74 -39.12
C ALA B 421 -10.38 9.33 -39.98
N ILE B 422 -11.11 8.48 -40.70
CA ILE B 422 -12.22 8.96 -41.51
C ILE B 422 -13.21 9.72 -40.65
N SER B 423 -13.50 9.19 -39.46
CA SER B 423 -14.39 9.87 -38.54
C SER B 423 -13.92 11.30 -38.30
N SER B 424 -12.62 11.46 -38.01
CA SER B 424 -12.09 12.80 -37.77
C SER B 424 -12.39 13.72 -38.94
N LEU B 425 -12.16 13.22 -40.16
CA LEU B 425 -12.41 14.02 -41.34
C LEU B 425 -13.86 14.52 -41.36
N PHE B 426 -14.80 13.62 -41.07
CA PHE B 426 -16.20 14.03 -41.05
C PHE B 426 -16.42 15.12 -40.00
N ILE B 427 -15.83 14.94 -38.81
CA ILE B 427 -15.94 15.96 -37.78
C ILE B 427 -15.34 17.26 -38.29
N LEU B 428 -14.23 17.18 -39.03
CA LEU B 428 -13.65 18.37 -39.64
C LEU B 428 -14.70 19.13 -40.45
N LEU B 429 -15.47 18.40 -41.25
CA LEU B 429 -16.53 19.05 -42.03
C LEU B 429 -17.48 19.79 -41.10
N ILE B 430 -17.91 19.13 -40.02
CA ILE B 430 -18.80 19.76 -39.05
C ILE B 430 -18.12 20.98 -38.44
N ILE B 431 -16.81 20.91 -38.23
CA ILE B 431 -16.08 22.05 -37.70
C ILE B 431 -16.02 23.17 -38.73
N VAL B 432 -15.91 22.82 -40.01
CA VAL B 432 -15.67 23.83 -41.03
C VAL B 432 -16.91 24.69 -41.26
N LYS B 433 -18.01 24.07 -41.64
CA LYS B 433 -19.19 24.86 -42.00
C LYS B 433 -20.45 24.44 -41.27
N LEU B 434 -20.63 23.16 -40.99
CA LEU B 434 -21.85 22.69 -40.33
C LEU B 434 -21.73 22.81 -38.81
N GLY B 435 -21.40 24.00 -38.32
CA GLY B 435 -21.30 24.23 -36.90
C GLY B 435 -22.32 25.21 -36.39
N GLU B 436 -22.68 26.19 -37.22
CA GLU B 436 -23.68 27.18 -36.85
C GLU B 436 -25.10 26.67 -37.02
N LEU B 437 -25.29 25.48 -37.60
CA LEU B 437 -26.63 24.92 -37.74
C LEU B 437 -27.22 24.54 -36.39
N PHE B 438 -26.38 24.25 -35.40
CA PHE B 438 -26.81 23.85 -34.07
C PHE B 438 -26.90 25.02 -33.10
N HIS B 439 -27.19 26.22 -33.61
CA HIS B 439 -27.28 27.39 -32.75
C HIS B 439 -28.43 27.26 -31.74
N ASP B 440 -29.58 26.76 -32.19
CA ASP B 440 -30.78 26.71 -31.37
C ASP B 440 -31.01 25.34 -30.73
N LEU B 441 -29.97 24.52 -30.64
CA LEU B 441 -30.12 23.20 -30.03
C LEU B 441 -30.44 23.35 -28.54
N PRO B 442 -31.54 22.76 -28.07
CA PRO B 442 -31.82 22.79 -26.62
C PRO B 442 -30.69 22.14 -25.83
N LYS B 443 -30.33 22.78 -24.72
CA LYS B 443 -29.20 22.29 -23.93
C LYS B 443 -29.56 21.00 -23.19
N ALA B 444 -30.74 20.95 -22.58
CA ALA B 444 -31.12 19.80 -21.76
C ALA B 444 -31.05 18.50 -22.56
N VAL B 445 -31.37 18.57 -23.86
CA VAL B 445 -31.32 17.36 -24.69
C VAL B 445 -29.93 16.72 -24.61
N LEU B 446 -28.89 17.54 -24.73
CA LEU B 446 -27.53 17.02 -24.58
C LEU B 446 -27.38 16.29 -23.25
N ALA B 447 -27.82 16.93 -22.17
CA ALA B 447 -27.78 16.28 -20.87
C ALA B 447 -28.50 14.94 -20.89
N ALA B 448 -29.69 14.91 -21.51
CA ALA B 448 -30.44 13.67 -21.61
C ALA B 448 -29.61 12.59 -22.26
N ILE B 449 -28.84 12.94 -23.29
CA ILE B 449 -27.99 11.95 -23.97
C ILE B 449 -27.07 11.28 -22.96
N ILE B 450 -26.41 12.08 -22.12
CA ILE B 450 -25.49 11.52 -21.16
C ILE B 450 -26.22 10.58 -20.20
N ILE B 451 -27.46 10.94 -19.84
CA ILE B 451 -28.23 10.08 -18.93
C ILE B 451 -28.53 8.74 -19.58
N VAL B 452 -28.73 8.72 -20.90
CA VAL B 452 -29.03 7.48 -21.59
C VAL B 452 -27.72 6.79 -21.95
N ASN B 453 -26.60 7.46 -21.68
CA ASN B 453 -25.28 6.92 -21.98
C ASN B 453 -24.59 6.35 -20.74
N LEU B 454 -25.30 6.24 -19.63
CA LEU B 454 -24.76 5.68 -18.39
C LEU B 454 -25.37 4.32 -18.06
N LYS B 455 -25.81 3.58 -19.07
CA LYS B 455 -26.55 2.35 -18.80
C LYS B 455 -25.64 1.29 -18.18
N GLY B 456 -24.45 1.09 -18.75
CA GLY B 456 -23.57 0.05 -18.25
C GLY B 456 -23.01 0.34 -16.86
N MET B 457 -22.65 1.60 -16.62
CA MET B 457 -22.06 1.96 -15.33
C MET B 457 -23.07 1.78 -14.19
N LEU B 458 -24.33 2.14 -14.43
CA LEU B 458 -25.37 1.89 -13.44
C LEU B 458 -25.77 0.41 -13.41
N ARG B 459 -25.59 -0.31 -14.52
CA ARG B 459 -25.83 -1.75 -14.52
C ARG B 459 -24.82 -2.47 -13.64
N GLN B 460 -23.62 -1.91 -13.50
CA GLN B 460 -22.58 -2.51 -12.66
C GLN B 460 -23.02 -2.75 -11.22
N LEU B 461 -24.15 -2.18 -10.79
CA LEU B 461 -24.69 -2.53 -9.48
C LEU B 461 -25.08 -4.00 -9.42
N SER B 462 -25.42 -4.60 -10.56
CA SER B 462 -25.65 -6.04 -10.60
C SER B 462 -24.39 -6.81 -10.25
N ASP B 463 -23.27 -6.30 -10.74
CA ASP B 463 -21.94 -6.90 -10.44
C ASP B 463 -21.69 -6.72 -8.95
N MET B 464 -22.00 -5.54 -8.45
CA MET B 464 -21.82 -5.23 -7.04
C MET B 464 -22.56 -6.22 -6.16
N ARG B 465 -23.82 -6.50 -6.48
CA ARG B 465 -24.59 -7.47 -5.72
C ARG B 465 -24.04 -8.89 -5.91
N SER B 466 -23.57 -9.20 -7.12
CA SER B 466 -23.02 -10.53 -7.39
C SER B 466 -21.72 -10.78 -6.64
N LEU B 467 -20.99 -9.73 -6.25
CA LEU B 467 -19.78 -9.90 -5.48
C LEU B 467 -20.03 -10.42 -4.07
N TRP B 468 -21.27 -10.43 -3.61
CA TRP B 468 -21.61 -10.95 -2.29
C TRP B 468 -21.54 -12.47 -2.23
N LYS B 469 -21.45 -13.14 -3.37
CA LYS B 469 -21.39 -14.60 -3.40
C LYS B 469 -20.02 -15.15 -3.78
N ALA B 470 -19.17 -14.36 -4.44
CA ALA B 470 -17.88 -14.86 -4.90
C ALA B 470 -16.73 -14.44 -3.97
N ASN B 471 -16.56 -13.14 -3.77
CA ASN B 471 -15.48 -12.64 -2.91
C ASN B 471 -15.96 -11.39 -2.21
N ARG B 472 -16.03 -11.44 -0.88
CA ARG B 472 -16.47 -10.27 -0.11
C ARG B 472 -15.38 -9.22 0.03
N ALA B 473 -14.11 -9.59 -0.13
CA ALA B 473 -13.04 -8.59 -0.16
C ALA B 473 -13.20 -7.68 -1.37
N ASP B 474 -13.53 -8.26 -2.53
CA ASP B 474 -13.79 -7.45 -3.71
C ASP B 474 -15.00 -6.53 -3.51
N LEU B 475 -16.03 -7.04 -2.84
CA LEU B 475 -17.19 -6.20 -2.53
C LEU B 475 -16.81 -5.06 -1.60
N LEU B 476 -15.95 -5.34 -0.61
CA LEU B 476 -15.49 -4.29 0.29
C LEU B 476 -14.71 -3.23 -0.47
N ILE B 477 -13.82 -3.65 -1.37
CA ILE B 477 -13.06 -2.68 -2.17
C ILE B 477 -14.01 -1.86 -3.04
N TRP B 478 -14.99 -2.53 -3.65
CA TRP B 478 -15.96 -1.84 -4.50
C TRP B 478 -16.71 -0.78 -3.71
N LEU B 479 -17.22 -1.14 -2.53
CA LEU B 479 -17.99 -0.20 -1.72
C LEU B 479 -17.13 0.93 -1.21
N VAL B 480 -15.89 0.64 -0.81
CA VAL B 480 -15.00 1.70 -0.33
C VAL B 480 -14.70 2.68 -1.46
N THR B 481 -14.39 2.18 -2.65
CA THR B 481 -14.14 3.06 -3.78
C THR B 481 -15.36 3.89 -4.13
N PHE B 482 -16.54 3.26 -4.14
CA PHE B 482 -17.77 3.97 -4.48
C PHE B 482 -18.04 5.10 -3.48
N THR B 483 -17.97 4.79 -2.18
CA THR B 483 -18.22 5.80 -1.16
C THR B 483 -17.17 6.91 -1.19
N ALA B 484 -15.89 6.54 -1.35
CA ALA B 484 -14.84 7.55 -1.38
C ALA B 484 -14.99 8.48 -2.57
N THR B 485 -15.32 7.93 -3.75
CA THR B 485 -15.50 8.78 -4.92
C THR B 485 -16.76 9.63 -4.81
N ILE B 486 -17.81 9.12 -4.17
CA ILE B 486 -19.02 9.92 -3.98
C ILE B 486 -18.76 11.08 -3.03
N LEU B 487 -18.10 10.81 -1.90
CA LEU B 487 -17.94 11.83 -0.87
C LEU B 487 -16.75 12.74 -1.12
N LEU B 488 -15.54 12.18 -1.18
CA LEU B 488 -14.32 12.95 -1.34
C LEU B 488 -13.97 13.22 -2.80
N ASN B 489 -14.96 13.17 -3.70
CA ASN B 489 -14.78 13.44 -5.13
C ASN B 489 -13.88 12.41 -5.78
N LEU B 490 -13.71 12.54 -7.11
CA LEU B 490 -13.00 11.51 -7.86
C LEU B 490 -11.49 11.57 -7.62
N ASP B 491 -10.92 12.78 -7.59
CA ASP B 491 -9.47 12.90 -7.52
C ASP B 491 -8.91 12.30 -6.23
N LEU B 492 -9.48 12.68 -5.09
CA LEU B 492 -9.04 12.08 -3.80
C LEU B 492 -9.58 10.66 -3.72
N GLY B 493 -10.79 10.43 -4.24
CA GLY B 493 -11.39 9.11 -4.11
C GLY B 493 -10.55 8.01 -4.71
N LEU B 494 -9.95 8.27 -5.87
CA LEU B 494 -9.10 7.26 -6.49
C LEU B 494 -7.87 6.98 -5.64
N VAL B 495 -7.27 8.04 -5.07
CA VAL B 495 -6.09 7.85 -4.22
C VAL B 495 -6.45 7.03 -2.99
N VAL B 496 -7.58 7.36 -2.36
CA VAL B 496 -8.03 6.62 -1.19
C VAL B 496 -8.30 5.16 -1.56
N ALA B 497 -8.93 4.92 -2.71
CA ALA B 497 -9.22 3.57 -3.13
C ALA B 497 -7.95 2.77 -3.38
N VAL B 498 -6.96 3.38 -4.03
CA VAL B 498 -5.70 2.67 -4.29
C VAL B 498 -4.98 2.36 -2.99
N ILE B 499 -4.92 3.33 -2.07
CA ILE B 499 -4.26 3.10 -0.79
C ILE B 499 -4.97 1.99 -0.01
N PHE B 500 -6.30 2.01 0.00
CA PHE B 500 -7.05 0.97 0.69
C PHE B 500 -6.84 -0.40 0.04
N SER B 501 -6.77 -0.43 -1.29
CA SER B 501 -6.52 -1.70 -1.97
C SER B 501 -5.16 -2.27 -1.60
N LEU B 502 -4.12 -1.43 -1.58
CA LEU B 502 -2.80 -1.90 -1.18
C LEU B 502 -2.80 -2.35 0.28
N LEU B 503 -3.48 -1.60 1.15
CA LEU B 503 -3.56 -1.97 2.56
C LEU B 503 -4.27 -3.30 2.73
N LEU B 504 -5.34 -3.54 1.97
CA LEU B 504 -6.05 -4.80 2.07
C LEU B 504 -5.24 -5.95 1.49
N VAL B 505 -4.41 -5.68 0.48
CA VAL B 505 -3.49 -6.70 -0.01
C VAL B 505 -2.50 -7.09 1.07
N VAL B 506 -1.98 -6.09 1.79
CA VAL B 506 -1.05 -6.38 2.89
C VAL B 506 -1.76 -7.14 4.00
N VAL B 507 -2.99 -6.75 4.32
CA VAL B 507 -3.75 -7.40 5.39
C VAL B 507 -4.07 -8.85 5.03
N ARG B 508 -4.36 -9.11 3.75
CA ARG B 508 -4.70 -10.47 3.33
C ARG B 508 -3.57 -11.44 3.60
N THR B 509 -2.32 -10.97 3.55
CA THR B 509 -1.18 -11.80 3.92
C THR B 509 -1.00 -11.90 5.43
N GLN B 510 -1.66 -11.04 6.21
CA GLN B 510 -1.61 -11.11 7.65
C GLN B 510 -2.69 -12.01 8.24
N MET B 511 -3.54 -12.59 7.40
CA MET B 511 -4.59 -13.52 7.84
C MET B 511 -4.52 -14.80 7.02
N PRO B 512 -3.46 -15.58 7.19
CA PRO B 512 -3.34 -16.84 6.44
C PRO B 512 -3.94 -18.02 7.19
N HIS B 513 -4.17 -19.09 6.44
CA HIS B 513 -4.77 -20.31 7.00
C HIS B 513 -3.65 -21.16 7.56
N TYR B 514 -3.25 -20.88 8.79
CA TYR B 514 -2.25 -21.69 9.48
C TYR B 514 -2.80 -23.11 9.65
N SER B 515 -1.99 -24.11 9.30
CA SER B 515 -2.43 -25.49 9.31
C SER B 515 -1.43 -26.37 10.04
N VAL B 516 -1.92 -27.16 10.98
CA VAL B 516 -1.14 -28.22 11.59
C VAL B 516 -1.37 -29.47 10.75
N LEU B 517 -0.44 -29.75 9.85
CA LEU B 517 -0.64 -30.79 8.85
C LEU B 517 -0.51 -32.18 9.46
N GLY B 518 -1.13 -33.15 8.79
CA GLY B 518 -0.99 -34.54 9.14
C GLY B 518 -0.94 -35.37 7.87
N GLN B 519 -0.48 -36.61 8.03
CA GLN B 519 -0.23 -37.50 6.91
C GLN B 519 -1.50 -38.23 6.51
N VAL B 520 -1.87 -38.09 5.24
CA VAL B 520 -2.94 -38.93 4.69
C VAL B 520 -2.49 -40.38 4.74
N PRO B 521 -3.34 -41.34 5.19
CA PRO B 521 -2.87 -42.70 5.45
C PRO B 521 -2.13 -43.37 4.31
N ASP B 522 -0.94 -43.91 4.62
CA ASP B 522 -0.12 -44.66 3.67
C ASP B 522 0.22 -43.84 2.43
N THR B 523 0.48 -42.54 2.63
CA THR B 523 0.86 -41.65 1.55
C THR B 523 2.01 -40.76 2.02
N ASP B 524 2.47 -39.89 1.13
CA ASP B 524 3.43 -38.85 1.47
C ASP B 524 2.81 -37.46 1.47
N ILE B 525 1.50 -37.36 1.25
CA ILE B 525 0.83 -36.07 1.19
C ILE B 525 0.42 -35.65 2.59
N TYR B 526 0.79 -34.43 2.97
CA TYR B 526 0.44 -33.88 4.27
C TYR B 526 -0.55 -32.74 4.08
N ARG B 527 -1.70 -32.84 4.74
CA ARG B 527 -2.76 -31.86 4.59
C ARG B 527 -3.35 -31.54 5.95
N ASP B 528 -4.14 -30.46 5.99
CA ASP B 528 -4.64 -29.95 7.26
C ASP B 528 -5.47 -30.99 8.00
N VAL B 529 -5.19 -31.15 9.29
CA VAL B 529 -5.93 -32.11 10.11
C VAL B 529 -7.30 -31.57 10.48
N ALA B 530 -7.39 -30.28 10.81
CA ALA B 530 -8.67 -29.68 11.19
C ALA B 530 -9.67 -29.69 10.05
N GLU B 531 -9.20 -29.79 8.80
CA GLU B 531 -10.09 -29.83 7.64
C GLU B 531 -10.34 -31.25 7.15
N TYR B 532 -9.33 -32.11 7.16
CA TYR B 532 -9.47 -33.50 6.74
C TYR B 532 -9.44 -34.37 8.00
N SER B 533 -10.60 -34.93 8.36
CA SER B 533 -10.69 -35.71 9.59
C SER B 533 -9.85 -36.98 9.52
N GLU B 534 -9.82 -37.64 8.36
CA GLU B 534 -9.11 -38.91 8.26
C GLU B 534 -7.61 -38.74 8.39
N ALA B 535 -7.08 -37.55 8.07
CA ALA B 535 -5.65 -37.31 8.19
C ALA B 535 -5.20 -37.47 9.63
N LYS B 536 -4.13 -38.22 9.83
CA LYS B 536 -3.58 -38.50 11.16
C LYS B 536 -2.19 -37.91 11.29
N GLU B 537 -1.95 -37.22 12.41
CA GLU B 537 -0.68 -36.59 12.66
C GLU B 537 0.39 -37.63 13.01
N VAL B 538 1.61 -37.39 12.56
CA VAL B 538 2.71 -38.30 12.82
C VAL B 538 3.08 -38.23 14.31
N ARG B 539 3.36 -39.38 14.94
CA ARG B 539 3.64 -39.43 16.40
C ARG B 539 5.01 -38.84 16.73
N GLY B 540 5.04 -37.69 17.41
CA GLY B 540 6.31 -37.08 17.73
C GLY B 540 6.81 -36.06 16.73
N VAL B 541 6.11 -35.86 15.62
CA VAL B 541 6.52 -34.92 14.59
C VAL B 541 5.34 -34.01 14.28
N LYS B 542 5.59 -32.70 14.27
CA LYS B 542 4.59 -31.71 13.93
C LYS B 542 5.00 -30.97 12.66
N VAL B 543 4.05 -30.77 11.77
CA VAL B 543 4.25 -30.02 10.54
C VAL B 543 3.34 -28.81 10.57
N PHE B 544 3.90 -27.63 10.35
CA PHE B 544 3.16 -26.37 10.39
C PHE B 544 3.32 -25.67 9.05
N ARG B 545 2.20 -25.33 8.42
CA ARG B 545 2.22 -24.69 7.11
C ARG B 545 1.41 -23.41 7.15
N SER B 546 2.00 -22.32 6.64
CA SER B 546 1.32 -21.05 6.48
C SER B 546 1.00 -20.84 5.01
N SER B 547 -0.27 -20.55 4.70
CA SER B 547 -0.67 -20.38 3.32
C SER B 547 -0.04 -19.16 2.67
N ALA B 548 0.38 -18.17 3.46
CA ALA B 548 0.95 -16.95 2.95
C ALA B 548 2.42 -16.86 3.31
N THR B 549 3.13 -15.99 2.59
CA THR B 549 4.56 -15.81 2.81
C THR B 549 4.82 -15.16 4.16
N VAL B 550 6.00 -15.43 4.72
CA VAL B 550 6.39 -14.91 6.02
C VAL B 550 7.33 -13.74 5.77
N TYR B 551 6.79 -12.52 5.88
CA TYR B 551 7.61 -11.31 5.78
C TYR B 551 7.33 -10.41 6.96
N PHE B 552 7.82 -9.17 6.92
CA PHE B 552 7.81 -8.33 8.12
C PHE B 552 6.41 -8.07 8.66
N ALA B 553 5.40 -8.09 7.79
CA ALA B 553 4.04 -7.81 8.25
C ALA B 553 3.51 -8.92 9.14
N ASN B 554 3.77 -10.18 8.79
CA ASN B 554 3.18 -11.32 9.48
C ASN B 554 4.21 -12.27 10.08
N ALA B 555 5.45 -11.81 10.26
CA ALA B 555 6.46 -12.67 10.87
C ALA B 555 6.12 -12.96 12.33
N GLU B 556 5.80 -11.92 13.10
CA GLU B 556 5.40 -12.13 14.48
C GLU B 556 4.10 -12.91 14.56
N PHE B 557 3.16 -12.63 13.66
CA PHE B 557 1.92 -13.40 13.61
C PHE B 557 2.20 -14.87 13.32
N TYR B 558 3.12 -15.15 12.39
CA TYR B 558 3.47 -16.53 12.06
C TYR B 558 4.09 -17.23 13.27
N SER B 559 5.01 -16.56 13.96
CA SER B 559 5.64 -17.19 15.13
C SER B 559 4.63 -17.44 16.24
N ASP B 560 3.75 -16.45 16.50
CA ASP B 560 2.76 -16.62 17.56
C ASP B 560 1.77 -17.73 17.20
N ALA B 561 1.35 -17.81 15.93
CA ALA B 561 0.45 -18.88 15.52
C ALA B 561 1.12 -20.25 15.66
N LEU B 562 2.40 -20.33 15.30
CA LEU B 562 3.13 -21.59 15.45
C LEU B 562 3.19 -22.01 16.91
N LYS B 563 3.51 -21.06 17.79
CA LYS B 563 3.61 -21.39 19.21
C LYS B 563 2.25 -21.72 19.81
N GLN B 564 1.19 -21.09 19.31
CA GLN B 564 -0.15 -21.38 19.84
C GLN B 564 -0.66 -22.73 19.39
N ARG B 565 -0.49 -23.06 18.12
CA ARG B 565 -1.03 -24.30 17.57
C ARG B 565 -0.04 -25.46 17.64
N CYS B 566 1.12 -25.23 18.24
CA CYS B 566 2.14 -26.31 18.41
C CYS B 566 1.73 -27.27 19.53
N GLY B 567 0.68 -26.90 20.29
CA GLY B 567 0.21 -27.73 21.38
C GLY B 567 0.89 -27.48 22.70
N VAL B 568 1.99 -26.73 22.72
CA VAL B 568 2.72 -26.41 23.94
C VAL B 568 2.95 -24.90 23.98
N ASP B 569 2.66 -24.29 25.13
CA ASP B 569 2.92 -22.87 25.32
C ASP B 569 4.42 -22.67 25.41
N VAL B 570 5.05 -22.35 24.28
CA VAL B 570 6.51 -22.31 24.21
C VAL B 570 7.08 -21.21 25.11
N ASP B 571 6.45 -20.03 25.10
CA ASP B 571 6.98 -18.92 25.88
C ASP B 571 6.96 -19.22 27.37
N PHE B 572 5.85 -19.78 27.86
CA PHE B 572 5.74 -20.11 29.28
C PHE B 572 6.78 -21.15 29.69
N LEU B 573 6.93 -22.20 28.87
CA LEU B 573 7.90 -23.25 29.20
C LEU B 573 9.32 -22.72 29.17
N ILE B 574 9.65 -21.87 28.19
CA ILE B 574 10.99 -21.29 28.12
C ILE B 574 11.26 -20.40 29.32
N SER B 575 10.28 -19.59 29.71
CA SER B 575 10.45 -18.73 30.88
C SER B 575 10.64 -19.55 32.14
N GLN B 576 9.83 -20.61 32.29
CA GLN B 576 9.98 -21.50 33.46
C GLN B 576 11.39 -22.08 33.47
N LYS B 577 11.83 -22.62 32.33
CA LYS B 577 13.15 -23.24 32.25
C LYS B 577 14.24 -22.25 32.62
N LYS B 578 14.14 -21.02 32.11
CA LYS B 578 15.14 -20.00 32.42
C LYS B 578 15.14 -19.68 33.91
N LYS B 579 13.96 -19.54 34.52
CA LYS B 579 13.89 -19.24 35.94
C LYS B 579 14.46 -20.37 36.78
N LEU B 580 14.13 -21.62 36.44
CA LEU B 580 14.66 -22.76 37.19
C LEU B 580 16.17 -22.86 37.04
N LEU B 581 16.69 -22.65 35.83
CA LEU B 581 18.13 -22.68 35.62
C LEU B 581 18.83 -21.57 36.40
N LYS B 582 18.24 -20.38 36.43
CA LYS B 582 18.83 -19.28 37.19
C LYS B 582 18.82 -19.58 38.69
N LYS B 583 17.73 -20.17 39.19
CA LYS B 583 17.69 -20.55 40.60
C LYS B 583 18.76 -21.59 40.92
N GLN B 584 18.92 -22.59 40.05
CA GLN B 584 19.95 -23.61 40.28
C GLN B 584 21.35 -22.99 40.23
N GLU B 585 21.57 -22.05 39.30
CA GLU B 585 22.87 -21.38 39.25
C GLU B 585 23.13 -20.57 40.50
N GLN B 586 22.11 -19.88 41.02
CA GLN B 586 22.27 -19.14 42.27
C GLN B 586 22.59 -20.08 43.43
N LEU B 587 21.90 -21.23 43.48
CA LEU B 587 22.19 -22.20 44.53
C LEU B 587 23.62 -22.72 44.42
N LYS B 588 24.08 -23.00 43.20
CA LYS B 588 25.46 -23.46 43.00
C LYS B 588 26.45 -22.40 43.43
N LEU B 589 26.19 -21.14 43.09
CA LEU B 589 27.09 -20.05 43.50
C LEU B 589 27.13 -19.92 45.01
N LYS B 590 25.97 -20.03 45.67
CA LYS B 590 25.94 -19.97 47.13
C LYS B 590 26.71 -21.12 47.75
N GLN B 591 26.58 -22.32 47.19
CA GLN B 591 27.32 -23.47 47.71
C GLN B 591 28.82 -23.28 47.51
N LEU B 592 29.23 -22.75 46.36
CA LEU B 592 30.65 -22.52 46.11
C LEU B 592 31.21 -21.46 47.05
N GLN B 593 30.44 -20.40 47.32
CA GLN B 593 30.87 -19.38 48.27
C GLN B 593 30.98 -19.97 49.67
N LYS B 594 30.02 -20.81 50.07
CA LYS B 594 30.08 -21.45 51.38
C LYS B 594 31.27 -22.40 51.47
N GLU B 595 31.53 -23.16 50.41
CA GLU B 595 32.63 -24.11 50.41
C GLU B 595 33.79 -23.60 49.56
N SER B 656 20.17 -29.31 32.62
CA SER B 656 19.77 -28.62 31.41
C SER B 656 18.58 -29.33 30.75
N THR B 657 18.45 -30.62 31.02
CA THR B 657 17.35 -31.40 30.47
C THR B 657 16.02 -30.96 31.09
N LEU B 658 14.97 -30.99 30.26
CA LEU B 658 13.64 -30.62 30.76
C LEU B 658 13.17 -31.57 31.85
N LYS B 659 13.42 -32.87 31.68
CA LYS B 659 13.04 -33.83 32.71
C LYS B 659 13.82 -33.60 34.00
N ALA B 660 15.07 -33.13 33.90
CA ALA B 660 15.86 -32.88 35.11
C ALA B 660 15.23 -31.77 35.94
N LEU B 661 14.71 -30.73 35.31
CA LEU B 661 14.11 -29.60 36.02
C LEU B 661 12.64 -29.85 36.36
N GLY B 662 12.07 -30.97 35.97
CA GLY B 662 10.69 -31.28 36.25
C GLY B 662 9.68 -30.67 35.30
N LEU B 663 10.14 -29.94 34.27
CA LEU B 663 9.23 -29.32 33.33
C LEU B 663 8.57 -30.38 32.44
N PRO B 664 7.35 -30.13 31.98
CA PRO B 664 6.69 -31.11 31.10
C PRO B 664 7.34 -31.13 29.72
N GLN B 665 7.72 -32.32 29.29
CA GLN B 665 8.36 -32.47 27.98
C GLN B 665 7.31 -32.45 26.88
N PRO B 666 7.53 -31.69 25.81
CA PRO B 666 6.55 -31.66 24.72
C PRO B 666 6.38 -33.03 24.07
N ASP B 667 5.16 -33.30 23.59
CA ASP B 667 4.87 -34.57 22.95
C ASP B 667 5.72 -34.75 21.69
N PHE B 668 5.86 -33.70 20.90
CA PHE B 668 6.63 -33.75 19.66
C PHE B 668 8.10 -33.51 19.95
N HIS B 669 8.95 -34.37 19.39
CA HIS B 669 10.39 -34.19 19.56
C HIS B 669 10.99 -33.31 18.46
N SER B 670 10.31 -33.18 17.33
CA SER B 670 10.78 -32.37 16.22
C SER B 670 9.65 -31.56 15.62
N LEU B 671 10.00 -30.42 15.05
CA LEU B 671 9.05 -29.54 14.38
C LEU B 671 9.52 -29.33 12.94
N ILE B 672 8.58 -29.39 12.00
CA ILE B 672 8.88 -29.26 10.58
C ILE B 672 8.06 -28.11 10.01
N LEU B 673 8.75 -27.11 9.47
CA LEU B 673 8.08 -26.00 8.80
C LEU B 673 7.97 -26.28 7.32
N ASP B 674 6.80 -25.98 6.76
CA ASP B 674 6.53 -26.17 5.34
C ASP B 674 6.43 -24.77 4.73
N LEU B 675 7.57 -24.23 4.35
CA LEU B 675 7.64 -22.89 3.77
C LEU B 675 7.55 -22.95 2.24
N GLY B 676 6.52 -23.65 1.77
CA GLY B 676 6.27 -23.71 0.34
C GLY B 676 5.68 -22.43 -0.24
N ALA B 677 5.07 -21.60 0.59
CA ALA B 677 4.52 -20.32 0.17
C ALA B 677 5.48 -19.17 0.37
N LEU B 678 6.69 -19.45 0.87
CA LEU B 678 7.68 -18.40 1.08
C LEU B 678 8.30 -17.99 -0.24
N SER B 679 8.30 -16.68 -0.52
CA SER B 679 8.81 -16.15 -1.77
C SER B 679 10.17 -15.48 -1.61
N PHE B 680 10.27 -14.53 -0.69
CA PHE B 680 11.51 -13.80 -0.43
C PHE B 680 11.75 -13.75 1.07
N VAL B 681 13.02 -13.83 1.45
CA VAL B 681 13.43 -13.78 2.84
C VAL B 681 14.16 -12.45 3.06
N ASP B 682 13.53 -11.55 3.79
CA ASP B 682 14.14 -10.28 4.16
C ASP B 682 14.73 -10.40 5.56
N THR B 683 15.18 -9.28 6.11
CA THR B 683 15.82 -9.30 7.42
C THR B 683 14.87 -9.76 8.51
N VAL B 684 13.61 -9.28 8.47
CA VAL B 684 12.67 -9.64 9.51
C VAL B 684 12.31 -11.11 9.45
N CYS B 685 12.16 -11.66 8.25
CA CYS B 685 11.88 -13.09 8.12
C CYS B 685 13.04 -13.93 8.65
N LEU B 686 14.27 -13.53 8.34
CA LEU B 686 15.44 -14.25 8.84
C LEU B 686 15.51 -14.17 10.36
N LYS B 687 15.24 -13.00 10.93
CA LYS B 687 15.22 -12.87 12.39
C LYS B 687 14.15 -13.76 13.01
N SER B 688 12.96 -13.81 12.40
CA SER B 688 11.89 -14.64 12.94
C SER B 688 12.26 -16.12 12.87
N LEU B 689 12.85 -16.55 11.75
CA LEU B 689 13.25 -17.95 11.63
C LEU B 689 14.33 -18.30 12.64
N LYS B 690 15.32 -17.42 12.83
CA LYS B 690 16.35 -17.69 13.83
C LYS B 690 15.76 -17.74 15.23
N ASN B 691 14.82 -16.84 15.53
CA ASN B 691 14.18 -16.85 16.84
C ASN B 691 13.40 -18.14 17.05
N ILE B 692 12.69 -18.61 16.03
CA ILE B 692 11.95 -19.87 16.14
C ILE B 692 12.92 -21.02 16.41
N PHE B 693 14.01 -21.07 15.65
CA PHE B 693 15.01 -22.12 15.84
C PHE B 693 15.56 -22.11 17.26
N HIS B 694 15.96 -20.93 17.75
CA HIS B 694 16.55 -20.83 19.07
C HIS B 694 15.54 -21.20 20.15
N ASP B 695 14.32 -20.69 20.04
CA ASP B 695 13.30 -20.97 21.06
C ASP B 695 12.97 -22.45 21.11
N PHE B 696 12.82 -23.10 19.96
CA PHE B 696 12.47 -24.52 19.97
C PHE B 696 13.66 -25.39 20.34
N ARG B 697 14.90 -24.92 20.10
CA ARG B 697 16.06 -25.66 20.57
C ARG B 697 16.22 -25.53 22.08
N GLU B 698 15.74 -24.43 22.66
CA GLU B 698 15.75 -24.31 24.11
C GLU B 698 14.73 -25.23 24.76
N ILE B 699 13.63 -25.55 24.06
CA ILE B 699 12.60 -26.43 24.58
C ILE B 699 12.90 -27.86 24.13
N GLU B 700 14.10 -28.07 23.61
CA GLU B 700 14.58 -29.39 23.17
C GLU B 700 13.70 -29.95 22.05
N VAL B 701 13.45 -29.12 21.04
CA VAL B 701 12.75 -29.53 19.82
C VAL B 701 13.58 -29.07 18.63
N GLU B 702 13.96 -30.01 17.78
CA GLU B 702 14.76 -29.70 16.59
C GLU B 702 13.84 -29.28 15.45
N VAL B 703 14.17 -28.16 14.81
CA VAL B 703 13.34 -27.57 13.76
C VAL B 703 13.94 -27.92 12.41
N TYR B 704 13.10 -28.43 11.51
CA TYR B 704 13.48 -28.73 10.14
C TYR B 704 12.63 -27.90 9.19
N MET B 705 13.27 -27.36 8.14
CA MET B 705 12.59 -26.58 7.13
C MET B 705 12.44 -27.41 5.87
N ALA B 706 11.22 -27.45 5.33
CA ALA B 706 10.90 -28.30 4.19
C ALA B 706 10.23 -27.47 3.11
N ALA B 707 10.42 -27.91 1.86
CA ALA B 707 9.80 -27.32 0.68
C ALA B 707 10.15 -25.84 0.55
N CYS B 708 11.44 -25.58 0.38
CA CYS B 708 11.93 -24.24 0.08
C CYS B 708 12.38 -24.18 -1.37
N HIS B 709 11.93 -23.16 -2.09
CA HIS B 709 12.14 -23.06 -3.53
C HIS B 709 13.51 -22.44 -3.82
N SER B 710 13.75 -22.13 -5.09
CA SER B 710 15.06 -21.64 -5.51
C SER B 710 15.46 -20.32 -4.88
N PRO B 711 14.63 -19.25 -4.90
CA PRO B 711 15.12 -17.97 -4.37
C PRO B 711 15.30 -17.97 -2.86
N VAL B 712 14.52 -18.78 -2.13
CA VAL B 712 14.58 -18.76 -0.66
C VAL B 712 15.95 -19.20 -0.18
N VAL B 713 16.47 -20.30 -0.74
CA VAL B 713 17.76 -20.82 -0.32
C VAL B 713 18.87 -19.82 -0.63
N SER B 714 18.83 -19.22 -1.83
CA SER B 714 19.85 -18.25 -2.20
C SER B 714 19.82 -17.03 -1.28
N GLN B 715 18.62 -16.52 -0.97
CA GLN B 715 18.53 -15.36 -0.10
C GLN B 715 18.95 -15.69 1.33
N LEU B 716 18.63 -16.89 1.81
CA LEU B 716 19.10 -17.31 3.12
C LEU B 716 20.61 -17.39 3.17
N GLU B 717 21.24 -17.94 2.12
CA GLU B 717 22.70 -17.98 2.06
C GLU B 717 23.30 -16.59 2.01
N ALA B 718 22.67 -15.68 1.24
CA ALA B 718 23.20 -14.32 1.13
C ALA B 718 23.04 -13.53 2.41
N GLY B 719 22.02 -13.84 3.21
CA GLY B 719 21.75 -13.14 4.44
C GLY B 719 22.45 -13.69 5.67
N HIS B 720 23.39 -14.63 5.49
CA HIS B 720 24.12 -15.24 6.59
C HIS B 720 23.18 -15.95 7.57
N PHE B 721 22.09 -16.51 7.03
CA PHE B 721 21.21 -17.32 7.86
C PHE B 721 21.89 -18.60 8.32
N PHE B 722 22.65 -19.23 7.42
CA PHE B 722 23.29 -20.50 7.73
C PHE B 722 24.60 -20.27 8.49
N ASP B 723 24.80 -21.08 9.52
CA ASP B 723 26.01 -21.05 10.34
C ASP B 723 26.25 -22.45 10.88
N ALA B 724 27.14 -22.57 11.86
CA ALA B 724 27.40 -23.87 12.47
C ALA B 724 26.17 -24.38 13.20
N SER B 725 25.45 -23.50 13.91
CA SER B 725 24.26 -23.91 14.63
C SER B 725 23.16 -24.38 13.69
N ILE B 726 22.96 -23.67 12.58
CA ILE B 726 21.90 -23.98 11.63
C ILE B 726 22.56 -24.38 10.33
N THR B 727 22.76 -25.67 10.13
CA THR B 727 23.37 -26.16 8.91
C THR B 727 22.33 -26.25 7.79
N LYS B 728 22.82 -26.55 6.58
CA LYS B 728 21.95 -26.68 5.42
C LYS B 728 21.34 -28.08 5.30
N LYS B 729 21.75 -29.02 6.16
CA LYS B 729 21.14 -30.34 6.17
C LYS B 729 19.74 -30.35 6.77
N HIS B 730 19.36 -29.28 7.49
CA HIS B 730 18.01 -29.15 8.01
C HIS B 730 17.04 -28.58 7.00
N LEU B 731 17.53 -28.06 5.88
CA LEU B 731 16.69 -27.45 4.85
C LEU B 731 16.28 -28.53 3.85
N PHE B 732 15.36 -29.38 4.29
CA PHE B 732 14.93 -30.50 3.45
C PHE B 732 14.10 -30.00 2.27
N ALA B 733 14.09 -30.80 1.21
CA ALA B 733 13.39 -30.44 -0.02
C ALA B 733 11.94 -30.86 -0.03
N SER B 734 11.60 -31.97 0.62
CA SER B 734 10.23 -32.46 0.69
C SER B 734 9.83 -32.66 2.14
N VAL B 735 8.53 -32.50 2.41
CA VAL B 735 8.03 -32.64 3.77
C VAL B 735 8.20 -34.08 4.26
N HIS B 736 7.90 -35.05 3.40
CA HIS B 736 8.03 -36.45 3.81
C HIS B 736 9.47 -36.83 4.10
N ASP B 737 10.41 -36.22 3.36
CA ASP B 737 11.85 -36.48 3.61
C ASP B 737 12.19 -36.00 5.03
N ALA B 738 11.72 -34.81 5.40
CA ALA B 738 11.99 -34.27 6.73
C ALA B 738 11.33 -35.12 7.81
N VAL B 739 10.10 -35.60 7.55
CA VAL B 739 9.42 -36.45 8.52
C VAL B 739 10.19 -37.75 8.72
N THR B 740 10.68 -38.34 7.62
CA THR B 740 11.47 -39.56 7.73
C THR B 740 12.75 -39.33 8.52
N PHE B 741 13.44 -38.22 8.26
CA PHE B 741 14.65 -37.91 9.00
C PHE B 741 14.35 -37.72 10.49
N ALA B 742 13.26 -37.01 10.80
CA ALA B 742 12.90 -36.78 12.20
C ALA B 742 12.57 -38.09 12.91
N LEU B 743 11.85 -38.98 12.23
CA LEU B 743 11.56 -40.28 12.82
C LEU B 743 12.80 -41.13 12.97
N GLN B 744 13.77 -40.97 12.07
CA GLN B 744 15.03 -41.72 12.17
C GLN B 744 16.00 -41.11 13.17
N HIS B 745 15.74 -39.90 13.65
CA HIS B 745 16.60 -39.25 14.65
C HIS B 745 15.77 -38.75 15.82
N PRO B 746 15.25 -39.65 16.65
CA PRO B 746 14.64 -39.22 17.91
C PRO B 746 15.64 -39.20 19.06
N ARG B 747 15.69 -38.12 19.81
CA ARG B 747 16.63 -38.04 20.92
C ARG B 747 16.21 -38.98 22.04
N PRO B 748 17.18 -39.56 22.76
CA PRO B 748 16.89 -40.49 23.88
C PRO B 748 16.42 -39.76 25.13
CL CL C . 16.67 9.24 24.05
CL CL D . -19.46 6.16 -22.90
#